data_5TPY
# 
_entry.id   5TPY 
# 
_audit_conform.dict_name       mmcif_pdbx.dic 
_audit_conform.dict_version    5.379 
_audit_conform.dict_location   http://mmcif.pdb.org/dictionaries/ascii/mmcif_pdbx.dic 
# 
loop_
_database_2.database_id 
_database_2.database_code 
_database_2.pdbx_database_accession 
_database_2.pdbx_DOI 
PDB   5TPY         pdb_00005tpy 10.2210/pdb5tpy/pdb 
WWPDB D_1000224606 ?            ?                   
# 
_pdbx_database_status.status_code                     REL 
_pdbx_database_status.status_code_sf                  REL 
_pdbx_database_status.status_code_mr                  ? 
_pdbx_database_status.entry_id                        5TPY 
_pdbx_database_status.recvd_initial_deposition_date   2016-10-21 
_pdbx_database_status.SG_entry                        N 
_pdbx_database_status.deposit_site                    RCSB 
_pdbx_database_status.process_site                    RCSB 
_pdbx_database_status.status_code_cs                  ? 
_pdbx_database_status.methods_development_category    ? 
_pdbx_database_status.pdb_format_compatible           Y 
_pdbx_database_status.status_code_nmr_data            ? 
# 
loop_
_audit_author.name 
_audit_author.pdbx_ordinal 
'Akiyama, B.M.'    1  
'Laurence, H.M.'   2  
'Massey, A.R.'     3  
'Costantino, D.A.' 4  
'Xie, X.'          5  
'Yang, Y.'         6  
'Shi, P.-Y.'       7  
'Nix, J.C.'        8  
'Beckham, J.D.'    9  
'Kieft, J.S.'      10 
# 
_citation.abstract                  ? 
_citation.abstract_id_CAS           ? 
_citation.book_id_ISBN              ? 
_citation.book_publisher            ? 
_citation.book_publisher_city       ? 
_citation.book_title                ? 
_citation.coordinate_linkage        ? 
_citation.country                   US 
_citation.database_id_Medline       ? 
_citation.details                   ? 
_citation.id                        primary 
_citation.journal_abbrev            Science 
_citation.journal_id_ASTM           SCIEAS 
_citation.journal_id_CSD            0038 
_citation.journal_id_ISSN           1095-9203 
_citation.journal_full              ? 
_citation.journal_issue             ? 
_citation.journal_volume            354 
_citation.language                  ? 
_citation.page_first                1148 
_citation.page_last                 1152 
_citation.title                     
'Zika virus produces noncoding RNAs using a multi-pseudoknot structure that confounds a cellular exonuclease.' 
_citation.year                      2016 
_citation.database_id_CSD           ? 
_citation.pdbx_database_id_DOI      10.1126/science.aah3963 
_citation.pdbx_database_id_PubMed   27934765 
_citation.unpublished_flag          ? 
# 
loop_
_citation_author.citation_id 
_citation_author.name 
_citation_author.ordinal 
_citation_author.identifier_ORCID 
primary 'Akiyama, B.M.'    1  ? 
primary 'Laurence, H.M.'   2  ? 
primary 'Massey, A.R.'     3  ? 
primary 'Costantino, D.A.' 4  ? 
primary 'Xie, X.'          5  ? 
primary 'Yang, Y.'         6  ? 
primary 'Shi, P.Y.'        7  ? 
primary 'Nix, J.C.'        8  ? 
primary 'Beckham, J.D.'    9  ? 
primary 'Kieft, J.S.'      10 ? 
# 
_cell.angle_alpha                  90.00 
_cell.angle_alpha_esd              ? 
_cell.angle_beta                   90.00 
_cell.angle_beta_esd               ? 
_cell.angle_gamma                  120.00 
_cell.angle_gamma_esd              ? 
_cell.entry_id                     5TPY 
_cell.details                      ? 
_cell.formula_units_Z              ? 
_cell.length_a                     111.679 
_cell.length_a_esd                 ? 
_cell.length_b                     111.679 
_cell.length_b_esd                 ? 
_cell.length_c                     90.826 
_cell.length_c_esd                 ? 
_cell.volume                       ? 
_cell.volume_esd                   ? 
_cell.Z_PDB                        12 
_cell.reciprocal_angle_alpha       ? 
_cell.reciprocal_angle_beta        ? 
_cell.reciprocal_angle_gamma       ? 
_cell.reciprocal_angle_alpha_esd   ? 
_cell.reciprocal_angle_beta_esd    ? 
_cell.reciprocal_angle_gamma_esd   ? 
_cell.reciprocal_length_a          ? 
_cell.reciprocal_length_b          ? 
_cell.reciprocal_length_c          ? 
_cell.reciprocal_length_a_esd      ? 
_cell.reciprocal_length_b_esd      ? 
_cell.reciprocal_length_c_esd      ? 
_cell.pdbx_unique_axis             ? 
# 
_symmetry.entry_id                         5TPY 
_symmetry.cell_setting                     ? 
_symmetry.Int_Tables_number                181 
_symmetry.space_group_name_Hall            ? 
_symmetry.space_group_name_H-M             'P 64 2 2' 
_symmetry.pdbx_full_space_group_name_H-M   ? 
# 
loop_
_entity.id 
_entity.type 
_entity.src_method 
_entity.pdbx_description 
_entity.formula_weight 
_entity.pdbx_number_of_molecules 
_entity.pdbx_ec 
_entity.pdbx_mutation 
_entity.pdbx_fragment 
_entity.details 
1 polymer     syn 'RNA (71-MER)'  23017.770 1  ? ? ? ? 
2 non-polymer syn 'MAGNESIUM ION' 24.305    1  ? ? ? ? 
3 non-polymer syn HEXANE-1,6-DIOL 118.174   1  ? ? ? ? 
4 water       nat water           18.015    10 ? ? ? ? 
# 
_entity_poly.entity_id                      1 
_entity_poly.type                           polyribonucleotide 
_entity_poly.nstd_linkage                   no 
_entity_poly.nstd_monomer                   no 
_entity_poly.pdbx_seq_one_letter_code       GGGUCAGGCCGGCGAAAGUCGCCACAGUUUGGGGAAAGCUGUGCAGCCUGUAACCCCCCCACGAAAGUGGG 
_entity_poly.pdbx_seq_one_letter_code_can   GGGUCAGGCCGGCGAAAGUCGCCACAGUUUGGGGAAAGCUGUGCAGCCUGUAACCCCCCCACGAAAGUGGG 
_entity_poly.pdbx_strand_id                 A 
_entity_poly.pdbx_target_identifier         ? 
# 
loop_
_entity_poly_seq.entity_id 
_entity_poly_seq.num 
_entity_poly_seq.mon_id 
_entity_poly_seq.hetero 
1 1  G n 
1 2  G n 
1 3  G n 
1 4  U n 
1 5  C n 
1 6  A n 
1 7  G n 
1 8  G n 
1 9  C n 
1 10 C n 
1 11 G n 
1 12 G n 
1 13 C n 
1 14 G n 
1 15 A n 
1 16 A n 
1 17 A n 
1 18 G n 
1 19 U n 
1 20 C n 
1 21 G n 
1 22 C n 
1 23 C n 
1 24 A n 
1 25 C n 
1 26 A n 
1 27 G n 
1 28 U n 
1 29 U n 
1 30 U n 
1 31 G n 
1 32 G n 
1 33 G n 
1 34 G n 
1 35 A n 
1 36 A n 
1 37 A n 
1 38 G n 
1 39 C n 
1 40 U n 
1 41 G n 
1 42 U n 
1 43 G n 
1 44 C n 
1 45 A n 
1 46 G n 
1 47 C n 
1 48 C n 
1 49 U n 
1 50 G n 
1 51 U n 
1 52 A n 
1 53 A n 
1 54 C n 
1 55 C n 
1 56 C n 
1 57 C n 
1 58 C n 
1 59 C n 
1 60 C n 
1 61 A n 
1 62 C n 
1 63 G n 
1 64 A n 
1 65 A n 
1 66 A n 
1 67 G n 
1 68 U n 
1 69 G n 
1 70 G n 
1 71 G n 
# 
_pdbx_entity_src_syn.entity_id              1 
_pdbx_entity_src_syn.pdbx_src_id            1 
_pdbx_entity_src_syn.pdbx_alt_source_flag   sample 
_pdbx_entity_src_syn.pdbx_beg_seq_num       ? 
_pdbx_entity_src_syn.pdbx_end_seq_num       ? 
_pdbx_entity_src_syn.organism_scientific    'Zika virus' 
_pdbx_entity_src_syn.organism_common_name   ? 
_pdbx_entity_src_syn.ncbi_taxonomy_id       64320 
_pdbx_entity_src_syn.details                MR766-NIID 
# 
_struct_ref.id                         1 
_struct_ref.db_name                    PDB 
_struct_ref.db_code                    5TPY 
_struct_ref.pdbx_db_accession          5TPY 
_struct_ref.pdbx_db_isoform            ? 
_struct_ref.entity_id                  1 
_struct_ref.pdbx_seq_one_letter_code   ? 
_struct_ref.pdbx_align_begin           1 
# 
_struct_ref_seq.align_id                      1 
_struct_ref_seq.ref_id                        1 
_struct_ref_seq.pdbx_PDB_id_code              5TPY 
_struct_ref_seq.pdbx_strand_id                A 
_struct_ref_seq.seq_align_beg                 1 
_struct_ref_seq.pdbx_seq_align_beg_ins_code   ? 
_struct_ref_seq.seq_align_end                 71 
_struct_ref_seq.pdbx_seq_align_end_ins_code   ? 
_struct_ref_seq.pdbx_db_accession             5TPY 
_struct_ref_seq.db_align_beg                  1 
_struct_ref_seq.pdbx_db_align_beg_ins_code    ? 
_struct_ref_seq.db_align_end                  71 
_struct_ref_seq.pdbx_db_align_end_ins_code    ? 
_struct_ref_seq.pdbx_auth_seq_align_beg       1 
_struct_ref_seq.pdbx_auth_seq_align_end       71 
# 
loop_
_chem_comp.id 
_chem_comp.type 
_chem_comp.mon_nstd_flag 
_chem_comp.name 
_chem_comp.pdbx_synonyms 
_chem_comp.formula 
_chem_comp.formula_weight 
A   'RNA linking' y "ADENOSINE-5'-MONOPHOSPHATE" ? 'C10 H14 N5 O7 P' 347.221 
C   'RNA linking' y "CYTIDINE-5'-MONOPHOSPHATE"  ? 'C9 H14 N3 O8 P'  323.197 
G   'RNA linking' y "GUANOSINE-5'-MONOPHOSPHATE" ? 'C10 H14 N5 O8 P' 363.221 
HEZ non-polymer   . HEXANE-1,6-DIOL              ? 'C6 H14 O2'       118.174 
HOH non-polymer   . WATER                        ? 'H2 O'            18.015  
MG  non-polymer   . 'MAGNESIUM ION'              ? 'Mg 2'            24.305  
U   'RNA linking' y "URIDINE-5'-MONOPHOSPHATE"   ? 'C9 H13 N2 O9 P'  324.181 
# 
_exptl.absorpt_coefficient_mu     ? 
_exptl.absorpt_correction_T_max   ? 
_exptl.absorpt_correction_T_min   ? 
_exptl.absorpt_correction_type    ? 
_exptl.absorpt_process_details    ? 
_exptl.entry_id                   5TPY 
_exptl.crystals_number            1 
_exptl.details                    ? 
_exptl.method                     'X-RAY DIFFRACTION' 
_exptl.method_details             ? 
# 
_exptl_crystal.colour                      ? 
_exptl_crystal.density_diffrn              ? 
_exptl_crystal.density_Matthews            3.55 
_exptl_crystal.density_method              ? 
_exptl_crystal.density_percent_sol         65.37 
_exptl_crystal.description                 ? 
_exptl_crystal.F_000                       ? 
_exptl_crystal.id                          1 
_exptl_crystal.preparation                 ? 
_exptl_crystal.size_max                    ? 
_exptl_crystal.size_mid                    ? 
_exptl_crystal.size_min                    ? 
_exptl_crystal.size_rad                    ? 
_exptl_crystal.colour_lustre               ? 
_exptl_crystal.colour_modifier             ? 
_exptl_crystal.colour_primary              ? 
_exptl_crystal.density_meas                ? 
_exptl_crystal.density_meas_esd            ? 
_exptl_crystal.density_meas_gt             ? 
_exptl_crystal.density_meas_lt             ? 
_exptl_crystal.density_meas_temp           ? 
_exptl_crystal.density_meas_temp_esd       ? 
_exptl_crystal.density_meas_temp_gt        ? 
_exptl_crystal.density_meas_temp_lt        ? 
_exptl_crystal.pdbx_crystal_image_url      ? 
_exptl_crystal.pdbx_crystal_image_format   ? 
_exptl_crystal.pdbx_mosaicity              ? 
_exptl_crystal.pdbx_mosaicity_esd          ? 
# 
_exptl_crystal_grow.apparatus       ? 
_exptl_crystal_grow.atmosphere      ? 
_exptl_crystal_grow.crystal_id      1 
_exptl_crystal_grow.details         ? 
_exptl_crystal_grow.method          'VAPOR DIFFUSION, SITTING DROP' 
_exptl_crystal_grow.method_ref      ? 
_exptl_crystal_grow.pH              7.5 
_exptl_crystal_grow.pressure        ? 
_exptl_crystal_grow.pressure_esd    ? 
_exptl_crystal_grow.seeding         ? 
_exptl_crystal_grow.seeding_ref     ? 
_exptl_crystal_grow.temp            293 
_exptl_crystal_grow.temp_details    ? 
_exptl_crystal_grow.temp_esd        ? 
_exptl_crystal_grow.time            ? 
_exptl_crystal_grow.pdbx_details    
;drop: 1 uL 5 mg/mL RNA in 2.5 mM magnesium chloride, 10 mM HEPES-KOH pH 7.5 (heated to 65 C for 3 minutes, cooled at room temperature, 0.5 mM spermidine added, centrifuged for 10 minutes at 13000 x g) + 1 uL 50 mM sodium cacodylate pH 6.0, 150 mM NaCl, 4 mM CaCl2, 0.6 mM spermine, 36% 1,6-hexanediol. Crystals were flash-frozen in the mother liquor using liquid nitrogen for x-ray diffraction.
;
_exptl_crystal_grow.pdbx_pH_range   ? 
# 
_diffrn.ambient_environment    ? 
_diffrn.ambient_temp           100 
_diffrn.ambient_temp_details   ? 
_diffrn.ambient_temp_esd       ? 
_diffrn.crystal_id             1 
_diffrn.crystal_support        ? 
_diffrn.crystal_treatment      ? 
_diffrn.details                ? 
_diffrn.id                     1 
_diffrn.ambient_pressure       ? 
_diffrn.ambient_pressure_esd   ? 
_diffrn.ambient_pressure_gt    ? 
_diffrn.ambient_pressure_lt    ? 
_diffrn.ambient_temp_gt        ? 
_diffrn.ambient_temp_lt        ? 
# 
_diffrn_detector.details                      ? 
_diffrn_detector.detector                     CMOS 
_diffrn_detector.diffrn_id                    1 
_diffrn_detector.type                         'RDI CMOS_8M' 
_diffrn_detector.area_resol_mean              ? 
_diffrn_detector.dtime                        ? 
_diffrn_detector.pdbx_frames_total            ? 
_diffrn_detector.pdbx_collection_time_total   ? 
_diffrn_detector.pdbx_collection_date         2016-03-02 
# 
_diffrn_radiation.collimation                      ? 
_diffrn_radiation.diffrn_id                        1 
_diffrn_radiation.filter_edge                      ? 
_diffrn_radiation.inhomogeneity                    ? 
_diffrn_radiation.monochromator                    ? 
_diffrn_radiation.polarisn_norm                    ? 
_diffrn_radiation.polarisn_ratio                   ? 
_diffrn_radiation.probe                            ? 
_diffrn_radiation.type                             ? 
_diffrn_radiation.xray_symbol                      ? 
_diffrn_radiation.wavelength_id                    1 
_diffrn_radiation.pdbx_monochromatic_or_laue_m_l   M 
_diffrn_radiation.pdbx_wavelength_list             ? 
_diffrn_radiation.pdbx_wavelength                  ? 
_diffrn_radiation.pdbx_diffrn_protocol             'SINGLE WAVELENGTH' 
_diffrn_radiation.pdbx_analyzer                    ? 
_diffrn_radiation.pdbx_scattering_type             x-ray 
# 
_diffrn_radiation_wavelength.id           1 
_diffrn_radiation_wavelength.wavelength   1.0972 
_diffrn_radiation_wavelength.wt           1.0 
# 
_diffrn_source.current                     ? 
_diffrn_source.details                     ? 
_diffrn_source.diffrn_id                   1 
_diffrn_source.power                       ? 
_diffrn_source.size                        ? 
_diffrn_source.source                      SYNCHROTRON 
_diffrn_source.target                      ? 
_diffrn_source.type                        'ALS BEAMLINE 4.2.2' 
_diffrn_source.voltage                     ? 
_diffrn_source.take-off_angle              ? 
_diffrn_source.pdbx_wavelength_list        1.0972 
_diffrn_source.pdbx_wavelength             ? 
_diffrn_source.pdbx_synchrotron_beamline   4.2.2 
_diffrn_source.pdbx_synchrotron_site       ALS 
# 
_reflns.B_iso_Wilson_estimate            ? 
_reflns.entry_id                         5TPY 
_reflns.data_reduction_details           ? 
_reflns.data_reduction_method            ? 
_reflns.d_resolution_high                2.805 
_reflns.d_resolution_low                 55.839 
_reflns.details                          ? 
_reflns.limit_h_max                      ? 
_reflns.limit_h_min                      ? 
_reflns.limit_k_max                      ? 
_reflns.limit_k_min                      ? 
_reflns.limit_l_max                      ? 
_reflns.limit_l_min                      ? 
_reflns.number_all                       ? 
_reflns.number_obs                       15501 
_reflns.observed_criterion               ? 
_reflns.observed_criterion_F_max         ? 
_reflns.observed_criterion_F_min         ? 
_reflns.observed_criterion_I_max         ? 
_reflns.observed_criterion_I_min         ? 
_reflns.observed_criterion_sigma_F       ? 
_reflns.observed_criterion_sigma_I       ? 
_reflns.percent_possible_obs             99.6 
_reflns.R_free_details                   ? 
_reflns.Rmerge_F_all                     ? 
_reflns.Rmerge_F_obs                     ? 
_reflns.Friedel_coverage                 ? 
_reflns.number_gt                        ? 
_reflns.threshold_expression             ? 
_reflns.pdbx_redundancy                  21.1 
_reflns.pdbx_Rmerge_I_obs                0.092 
_reflns.pdbx_Rmerge_I_all                ? 
_reflns.pdbx_Rsym_value                  ? 
_reflns.pdbx_netI_over_av_sigmaI         ? 
_reflns.pdbx_netI_over_sigmaI            31.5 
_reflns.pdbx_res_netI_over_av_sigmaI_2   ? 
_reflns.pdbx_res_netI_over_sigmaI_2      ? 
_reflns.pdbx_chi_squared                 ? 
_reflns.pdbx_scaling_rejects             ? 
_reflns.pdbx_d_res_high_opt              ? 
_reflns.pdbx_d_res_low_opt               ? 
_reflns.pdbx_d_res_opt_method            ? 
_reflns.phase_calculation_details        ? 
_reflns.pdbx_Rrim_I_all                  ? 
_reflns.pdbx_Rpim_I_all                  ? 
_reflns.pdbx_d_opt                       ? 
_reflns.pdbx_number_measured_all         ? 
_reflns.pdbx_diffrn_id                   1 
_reflns.pdbx_ordinal                     1 
_reflns.pdbx_CC_half                     ? 
_reflns.pdbx_R_split                     ? 
# 
_reflns_shell.d_res_high                  2.81 
_reflns_shell.d_res_low                   2.91 
_reflns_shell.meanI_over_sigI_all         ? 
_reflns_shell.meanI_over_sigI_obs         2.3 
_reflns_shell.number_measured_all         ? 
_reflns_shell.number_measured_obs         ? 
_reflns_shell.number_possible             ? 
_reflns_shell.number_unique_all           ? 
_reflns_shell.number_unique_obs           ? 
_reflns_shell.percent_possible_all        99.9 
_reflns_shell.percent_possible_obs        ? 
_reflns_shell.Rmerge_F_all                ? 
_reflns_shell.Rmerge_F_obs                ? 
_reflns_shell.Rmerge_I_all                ? 
_reflns_shell.Rmerge_I_obs                1.492 
_reflns_shell.meanI_over_sigI_gt          ? 
_reflns_shell.meanI_over_uI_all           ? 
_reflns_shell.meanI_over_uI_gt            ? 
_reflns_shell.number_measured_gt          ? 
_reflns_shell.number_unique_gt            ? 
_reflns_shell.percent_possible_gt         ? 
_reflns_shell.Rmerge_F_gt                 ? 
_reflns_shell.Rmerge_I_gt                 ? 
_reflns_shell.pdbx_redundancy             21.1 
_reflns_shell.pdbx_Rsym_value             ? 
_reflns_shell.pdbx_chi_squared            ? 
_reflns_shell.pdbx_netI_over_sigmaI_all   ? 
_reflns_shell.pdbx_netI_over_sigmaI_obs   ? 
_reflns_shell.pdbx_Rrim_I_all             ? 
_reflns_shell.pdbx_Rpim_I_all             ? 
_reflns_shell.pdbx_rejects                ? 
_reflns_shell.pdbx_ordinal                1 
_reflns_shell.pdbx_diffrn_id              1 
_reflns_shell.pdbx_CC_half                0.82 
_reflns_shell.pdbx_R_split                ? 
# 
_refine.aniso_B[1][1]                            ? 
_refine.aniso_B[1][2]                            ? 
_refine.aniso_B[1][3]                            ? 
_refine.aniso_B[2][2]                            ? 
_refine.aniso_B[2][3]                            ? 
_refine.aniso_B[3][3]                            ? 
_refine.B_iso_max                                ? 
_refine.B_iso_mean                               ? 
_refine.B_iso_min                                ? 
_refine.correlation_coeff_Fo_to_Fc               ? 
_refine.correlation_coeff_Fo_to_Fc_free          ? 
_refine.details                                  ? 
_refine.diff_density_max                         ? 
_refine.diff_density_max_esd                     ? 
_refine.diff_density_min                         ? 
_refine.diff_density_min_esd                     ? 
_refine.diff_density_rms                         ? 
_refine.diff_density_rms_esd                     ? 
_refine.entry_id                                 5TPY 
_refine.pdbx_refine_id                           'X-RAY DIFFRACTION' 
_refine.ls_abs_structure_details                 ? 
_refine.ls_abs_structure_Flack                   ? 
_refine.ls_abs_structure_Flack_esd               ? 
_refine.ls_abs_structure_Rogers                  ? 
_refine.ls_abs_structure_Rogers_esd              ? 
_refine.ls_d_res_high                            2.805 
_refine.ls_d_res_low                             55.839 
_refine.ls_extinction_coef                       ? 
_refine.ls_extinction_coef_esd                   ? 
_refine.ls_extinction_expression                 ? 
_refine.ls_extinction_method                     ? 
_refine.ls_goodness_of_fit_all                   ? 
_refine.ls_goodness_of_fit_all_esd               ? 
_refine.ls_goodness_of_fit_obs                   ? 
_refine.ls_goodness_of_fit_obs_esd               ? 
_refine.ls_hydrogen_treatment                    ? 
_refine.ls_matrix_type                           ? 
_refine.ls_number_constraints                    ? 
_refine.ls_number_parameters                     ? 
_refine.ls_number_reflns_all                     ? 
_refine.ls_number_reflns_obs                     15501 
_refine.ls_number_reflns_R_free                  1532 
_refine.ls_number_reflns_R_work                  ? 
_refine.ls_number_restraints                     ? 
_refine.ls_percent_reflns_obs                    99.66 
_refine.ls_percent_reflns_R_free                 9.88 
_refine.ls_R_factor_all                          ? 
_refine.ls_R_factor_obs                          0.1933 
_refine.ls_R_factor_R_free                       0.2177 
_refine.ls_R_factor_R_free_error                 ? 
_refine.ls_R_factor_R_free_error_details         ? 
_refine.ls_R_factor_R_work                       0.1906 
_refine.ls_R_Fsqd_factor_obs                     ? 
_refine.ls_R_I_factor_obs                        ? 
_refine.ls_redundancy_reflns_all                 ? 
_refine.ls_redundancy_reflns_obs                 ? 
_refine.ls_restrained_S_all                      ? 
_refine.ls_restrained_S_obs                      ? 
_refine.ls_shift_over_esd_max                    ? 
_refine.ls_shift_over_esd_mean                   ? 
_refine.ls_structure_factor_coef                 ? 
_refine.ls_weighting_details                     ? 
_refine.ls_weighting_scheme                      ? 
_refine.ls_wR_factor_all                         ? 
_refine.ls_wR_factor_obs                         ? 
_refine.ls_wR_factor_R_free                      ? 
_refine.ls_wR_factor_R_work                      ? 
_refine.occupancy_max                            ? 
_refine.occupancy_min                            ? 
_refine.solvent_model_details                    ? 
_refine.solvent_model_param_bsol                 ? 
_refine.solvent_model_param_ksol                 ? 
_refine.ls_R_factor_gt                           ? 
_refine.ls_goodness_of_fit_gt                    ? 
_refine.ls_goodness_of_fit_ref                   ? 
_refine.ls_shift_over_su_max                     ? 
_refine.ls_shift_over_su_max_lt                  ? 
_refine.ls_shift_over_su_mean                    ? 
_refine.ls_shift_over_su_mean_lt                 ? 
_refine.pdbx_ls_sigma_I                          ? 
_refine.pdbx_ls_sigma_F                          1.34 
_refine.pdbx_ls_sigma_Fsqd                       ? 
_refine.pdbx_data_cutoff_high_absF               ? 
_refine.pdbx_data_cutoff_high_rms_absF           ? 
_refine.pdbx_data_cutoff_low_absF                ? 
_refine.pdbx_isotropic_thermal_model             ? 
_refine.pdbx_ls_cross_valid_method               'FREE R-VALUE' 
_refine.pdbx_method_to_determine_struct          'MOLECULAR REPLACEMENT' 
_refine.pdbx_starting_model                      4pqv 
_refine.pdbx_stereochemistry_target_values       ? 
_refine.pdbx_R_Free_selection_details            ? 
_refine.pdbx_stereochem_target_val_spec_case     ? 
_refine.pdbx_overall_ESU_R                       ? 
_refine.pdbx_overall_ESU_R_Free                  ? 
_refine.pdbx_solvent_vdw_probe_radii             1.11 
_refine.pdbx_solvent_ion_probe_radii             ? 
_refine.pdbx_solvent_shrinkage_radii             0.90 
_refine.pdbx_real_space_R                        ? 
_refine.pdbx_density_correlation                 ? 
_refine.pdbx_pd_number_of_powder_patterns        ? 
_refine.pdbx_pd_number_of_points                 ? 
_refine.pdbx_pd_meas_number_of_points            ? 
_refine.pdbx_pd_proc_ls_prof_R_factor            ? 
_refine.pdbx_pd_proc_ls_prof_wR_factor           ? 
_refine.pdbx_pd_Marquardt_correlation_coeff      ? 
_refine.pdbx_pd_Fsqrd_R_factor                   ? 
_refine.pdbx_pd_ls_matrix_band_width             ? 
_refine.pdbx_overall_phase_error                 22.50 
_refine.pdbx_overall_SU_R_free_Cruickshank_DPI   ? 
_refine.pdbx_overall_SU_R_free_Blow_DPI          ? 
_refine.pdbx_overall_SU_R_Blow_DPI               ? 
_refine.pdbx_TLS_residual_ADP_flag               ? 
_refine.pdbx_diffrn_id                           1 
_refine.overall_SU_B                             ? 
_refine.overall_SU_ML                            0.36 
_refine.overall_SU_R_Cruickshank_DPI             ? 
_refine.overall_SU_R_free                        ? 
_refine.overall_FOM_free_R_set                   ? 
_refine.overall_FOM_work_R_set                   ? 
_refine.pdbx_average_fsc_overall                 ? 
_refine.pdbx_average_fsc_work                    ? 
_refine.pdbx_average_fsc_free                    ? 
# 
_refine_hist.pdbx_refine_id                   'X-RAY DIFFRACTION' 
_refine_hist.cycle_id                         LAST 
_refine_hist.pdbx_number_atoms_protein        0 
_refine_hist.pdbx_number_atoms_nucleic_acid   1527 
_refine_hist.pdbx_number_atoms_ligand         9 
_refine_hist.number_atoms_solvent             10 
_refine_hist.number_atoms_total               1546 
_refine_hist.d_res_high                       2.805 
_refine_hist.d_res_low                        55.839 
# 
loop_
_refine_ls_restr.pdbx_refine_id 
_refine_ls_restr.criterion 
_refine_ls_restr.dev_ideal 
_refine_ls_restr.dev_ideal_target 
_refine_ls_restr.number 
_refine_ls_restr.rejects 
_refine_ls_restr.type 
_refine_ls_restr.weight 
_refine_ls_restr.pdbx_restraint_function 
'X-RAY DIFFRACTION' ? 0.006  ? 1716 ? f_bond_d           ? ? 
'X-RAY DIFFRACTION' ? 1.103  ? 2671 ? f_angle_d          ? ? 
'X-RAY DIFFRACTION' ? 12.490 ? 854  ? f_dihedral_angle_d ? ? 
'X-RAY DIFFRACTION' ? 0.045  ? 355  ? f_chiral_restr     ? ? 
'X-RAY DIFFRACTION' ? 0.007  ? 71   ? f_plane_restr      ? ? 
# 
loop_
_refine_ls_shell.pdbx_refine_id 
_refine_ls_shell.d_res_high 
_refine_ls_shell.d_res_low 
_refine_ls_shell.number_reflns_all 
_refine_ls_shell.number_reflns_obs 
_refine_ls_shell.number_reflns_R_free 
_refine_ls_shell.number_reflns_R_work 
_refine_ls_shell.percent_reflns_obs 
_refine_ls_shell.percent_reflns_R_free 
_refine_ls_shell.R_factor_all 
_refine_ls_shell.R_factor_obs 
_refine_ls_shell.R_factor_R_free 
_refine_ls_shell.R_factor_R_free_error 
_refine_ls_shell.R_factor_R_work 
_refine_ls_shell.redundancy_reflns_all 
_refine_ls_shell.redundancy_reflns_obs 
_refine_ls_shell.wR_factor_all 
_refine_ls_shell.wR_factor_obs 
_refine_ls_shell.wR_factor_R_free 
_refine_ls_shell.wR_factor_R_work 
_refine_ls_shell.pdbx_total_number_of_bins_used 
_refine_ls_shell.pdbx_phase_error 
_refine_ls_shell.pdbx_fsc_work 
_refine_ls_shell.pdbx_fsc_free 
'X-RAY DIFFRACTION' 2.8046 2.8951  . . 136 1257 99.00  . . . 0.3866 . 0.3305 . . . . . . . . . . 
'X-RAY DIFFRACTION' 2.8951 2.9986  . . 134 1280 100.00 . . . 0.3252 . 0.3022 . . . . . . . . . . 
'X-RAY DIFFRACTION' 2.9986 3.1186  . . 142 1280 100.00 . . . 0.3562 . 0.2767 . . . . . . . . . . 
'X-RAY DIFFRACTION' 3.1186 3.2605  . . 140 1255 100.00 . . . 0.2340 . 0.2161 . . . . . . . . . . 
'X-RAY DIFFRACTION' 3.2605 3.4324  . . 149 1287 100.00 . . . 0.2191 . 0.2023 . . . . . . . . . . 
'X-RAY DIFFRACTION' 3.4324 3.6474  . . 136 1261 100.00 . . . 0.2469 . 0.1895 . . . . . . . . . . 
'X-RAY DIFFRACTION' 3.6474 3.9290  . . 145 1267 100.00 . . . 0.1992 . 0.1712 . . . . . . . . . . 
'X-RAY DIFFRACTION' 3.9290 4.3242  . . 138 1280 100.00 . . . 0.1572 . 0.1554 . . . . . . . . . . 
'X-RAY DIFFRACTION' 4.3242 4.9496  . . 141 1273 100.00 . . . 0.1808 . 0.1420 . . . . . . . . . . 
'X-RAY DIFFRACTION' 4.9496 6.2347  . . 136 1279 100.00 . . . 0.1809 . 0.1568 . . . . . . . . . . 
'X-RAY DIFFRACTION' 6.2347 55.8505 . . 135 1250 97.00  . . . 0.2298 . 0.2133 . . . . . . . . . . 
# 
_struct.entry_id                     5TPY 
_struct.title                        'Crystal structure of an exonuclease resistant RNA from Zika virus' 
_struct.pdbx_model_details           ? 
_struct.pdbx_formula_weight          ? 
_struct.pdbx_formula_weight_method   ? 
_struct.pdbx_model_type_details      ? 
_struct.pdbx_CASP_flag               N 
# 
_struct_keywords.entry_id        5TPY 
_struct_keywords.text            'Zika RNA exonuclease resistance, RNA' 
_struct_keywords.pdbx_keywords   RNA 
# 
loop_
_struct_asym.id 
_struct_asym.pdbx_blank_PDB_chainid_flag 
_struct_asym.pdbx_modified 
_struct_asym.entity_id 
_struct_asym.details 
A N N 1 ? 
B N N 2 ? 
C N N 3 ? 
D N N 4 ? 
# 
loop_
_struct_conn.id 
_struct_conn.conn_type_id 
_struct_conn.pdbx_leaving_atom_flag 
_struct_conn.pdbx_PDB_id 
_struct_conn.ptnr1_label_asym_id 
_struct_conn.ptnr1_label_comp_id 
_struct_conn.ptnr1_label_seq_id 
_struct_conn.ptnr1_label_atom_id 
_struct_conn.pdbx_ptnr1_label_alt_id 
_struct_conn.pdbx_ptnr1_PDB_ins_code 
_struct_conn.pdbx_ptnr1_standard_comp_id 
_struct_conn.ptnr1_symmetry 
_struct_conn.ptnr2_label_asym_id 
_struct_conn.ptnr2_label_comp_id 
_struct_conn.ptnr2_label_seq_id 
_struct_conn.ptnr2_label_atom_id 
_struct_conn.pdbx_ptnr2_label_alt_id 
_struct_conn.pdbx_ptnr2_PDB_ins_code 
_struct_conn.ptnr1_auth_asym_id 
_struct_conn.ptnr1_auth_comp_id 
_struct_conn.ptnr1_auth_seq_id 
_struct_conn.ptnr2_auth_asym_id 
_struct_conn.ptnr2_auth_comp_id 
_struct_conn.ptnr2_auth_seq_id 
_struct_conn.ptnr2_symmetry 
_struct_conn.pdbx_ptnr3_label_atom_id 
_struct_conn.pdbx_ptnr3_label_seq_id 
_struct_conn.pdbx_ptnr3_label_comp_id 
_struct_conn.pdbx_ptnr3_label_asym_id 
_struct_conn.pdbx_ptnr3_label_alt_id 
_struct_conn.pdbx_ptnr3_PDB_ins_code 
_struct_conn.details 
_struct_conn.pdbx_dist_value 
_struct_conn.pdbx_value_order 
_struct_conn.pdbx_role 
metalc1  metalc ? ? A C 5  OP2 ? ? ? 1_555 B MG .  MG ? ? A C 5  A MG 101 1_555 ? ? ? ? ? ? ?                       2.382 ? ? 
metalc2  metalc ? ? A A 6  OP2 ? ? ? 1_555 B MG .  MG ? ? A A 6  A MG 101 1_555 ? ? ? ? ? ? ?                       2.458 ? ? 
metalc3  metalc ? ? A C 23 OP2 ? ? ? 1_555 B MG .  MG ? ? A C 23 A MG 101 1_555 ? ? ? ? ? ? ?                       2.136 ? ? 
hydrog1  hydrog ? ? A G 3  N1  ? ? ? 1_555 A C  44 N3 ? ? A G 3  A C  44  1_555 ? ? ? ? ? ? WATSON-CRICK            ?     ? ? 
hydrog2  hydrog ? ? A G 3  N2  ? ? ? 1_555 A C  44 O2 ? ? A G 3  A C  44  1_555 ? ? ? ? ? ? WATSON-CRICK            ?     ? ? 
hydrog3  hydrog ? ? A G 3  O6  ? ? ? 1_555 A C  44 N4 ? ? A G 3  A C  44  1_555 ? ? ? ? ? ? WATSON-CRICK            ?     ? ? 
hydrog4  hydrog ? ? A U 4  N3  ? ? ? 1_555 A A  24 N7 ? ? A U 4  A A  24  1_555 ? ? ? ? ? ? HOOGSTEEN               ?     ? ? 
hydrog5  hydrog ? ? A U 4  O4  ? ? ? 1_555 A A  24 N6 ? ? A U 4  A A  24  1_555 ? ? ? ? ? ? HOOGSTEEN               ?     ? ? 
hydrog6  hydrog ? ? A U 4  O4  ? ? ? 1_555 A C  25 N4 ? ? A U 4  A C  25  1_555 ? ? ? ? ? ? 'U-C MISPAIR'           ?     ? ? 
hydrog7  hydrog ? ? A C 5  N3  ? ? ? 1_555 A G  50 N1 ? ? A C 5  A G  50  1_555 ? ? ? ? ? ? WATSON-CRICK            ?     ? ? 
hydrog8  hydrog ? ? A C 5  N4  ? ? ? 1_555 A G  50 O6 ? ? A C 5  A G  50  1_555 ? ? ? ? ? ? WATSON-CRICK            ?     ? ? 
hydrog9  hydrog ? ? A C 5  O2  ? ? ? 1_555 A G  50 N2 ? ? A C 5  A G  50  1_555 ? ? ? ? ? ? WATSON-CRICK            ?     ? ? 
hydrog10 hydrog ? ? A A 6  N1  ? ? ? 1_555 A U  49 N3 ? ? A A 6  A U  49  1_555 ? ? ? ? ? ? WATSON-CRICK            ?     ? ? 
hydrog11 hydrog ? ? A A 6  N6  ? ? ? 1_555 A U  49 O4 ? ? A A 6  A U  49  1_555 ? ? ? ? ? ? WATSON-CRICK            ?     ? ? 
hydrog12 hydrog ? ? A G 7  N1  ? ? ? 1_555 A C  48 N3 ? ? A G 7  A C  48  1_555 ? ? ? ? ? ? WATSON-CRICK            ?     ? ? 
hydrog13 hydrog ? ? A G 7  N2  ? ? ? 1_555 A C  48 O2 ? ? A G 7  A C  48  1_555 ? ? ? ? ? ? WATSON-CRICK            ?     ? ? 
hydrog14 hydrog ? ? A G 7  O6  ? ? ? 1_555 A C  48 N4 ? ? A G 7  A C  48  1_555 ? ? ? ? ? ? WATSON-CRICK            ?     ? ? 
hydrog15 hydrog ? ? A G 8  N1  ? ? ? 1_555 A C  47 N3 ? ? A G 8  A C  47  1_555 ? ? ? ? ? ? WATSON-CRICK            ?     ? ? 
hydrog16 hydrog ? ? A G 8  N2  ? ? ? 1_555 A C  47 O2 ? ? A G 8  A C  47  1_555 ? ? ? ? ? ? WATSON-CRICK            ?     ? ? 
hydrog17 hydrog ? ? A G 8  O6  ? ? ? 1_555 A C  47 N4 ? ? A G 8  A C  47  1_555 ? ? ? ? ? ? WATSON-CRICK            ?     ? ? 
hydrog18 hydrog ? ? A C 9  N3  ? ? ? 1_555 A G  46 N1 ? ? A C 9  A G  46  1_555 ? ? ? ? ? ? WATSON-CRICK            ?     ? ? 
hydrog19 hydrog ? ? A C 9  N4  ? ? ? 1_555 A G  46 O6 ? ? A C 9  A G  46  1_555 ? ? ? ? ? ? WATSON-CRICK            ?     ? ? 
hydrog20 hydrog ? ? A C 9  O2  ? ? ? 1_555 A G  46 N2 ? ? A C 9  A G  46  1_555 ? ? ? ? ? ? WATSON-CRICK            ?     ? ? 
hydrog21 hydrog ? ? A C 10 N3  ? ? ? 1_555 A G  21 N1 ? ? A C 10 A G  21  1_555 ? ? ? ? ? ? WATSON-CRICK            ?     ? ? 
hydrog22 hydrog ? ? A C 10 N4  ? ? ? 1_555 A G  21 O6 ? ? A C 10 A G  21  1_555 ? ? ? ? ? ? WATSON-CRICK            ?     ? ? 
hydrog23 hydrog ? ? A C 10 O2  ? ? ? 1_555 A G  21 N2 ? ? A C 10 A G  21  1_555 ? ? ? ? ? ? WATSON-CRICK            ?     ? ? 
hydrog24 hydrog ? ? A G 11 N1  ? ? ? 1_555 A C  20 N3 ? ? A G 11 A C  20  1_555 ? ? ? ? ? ? WATSON-CRICK            ?     ? ? 
hydrog25 hydrog ? ? A G 11 N2  ? ? ? 1_555 A C  20 O2 ? ? A G 11 A C  20  1_555 ? ? ? ? ? ? WATSON-CRICK            ?     ? ? 
hydrog26 hydrog ? ? A G 11 O6  ? ? ? 1_555 A C  20 N4 ? ? A G 11 A C  20  1_555 ? ? ? ? ? ? WATSON-CRICK            ?     ? ? 
hydrog27 hydrog ? ? A G 12 N1  ? ? ? 1_555 A U  19 O2 ? ? A G 12 A U  19  1_555 ? ? ? ? ? ? TYPE_28_PAIR            ?     ? ? 
hydrog28 hydrog ? ? A G 12 O6  ? ? ? 1_555 A U  19 N3 ? ? A G 12 A U  19  1_555 ? ? ? ? ? ? TYPE_28_PAIR            ?     ? ? 
hydrog29 hydrog ? ? A C 13 N3  ? ? ? 1_555 A G  18 N1 ? ? A C 13 A G  18  1_555 ? ? ? ? ? ? WATSON-CRICK            ?     ? ? 
hydrog30 hydrog ? ? A C 13 N4  ? ? ? 1_555 A G  18 O6 ? ? A C 13 A G  18  1_555 ? ? ? ? ? ? WATSON-CRICK            ?     ? ? 
hydrog31 hydrog ? ? A C 13 O2  ? ? ? 1_555 A G  18 N2 ? ? A C 13 A G  18  1_555 ? ? ? ? ? ? WATSON-CRICK            ?     ? ? 
hydrog32 hydrog ? ? A G 14 N2  ? ? ? 1_555 A A  17 N7 ? ? A G 14 A A  17  1_555 ? ? ? ? ? ? 'G-A MISPAIR'           ?     ? ? 
hydrog33 hydrog ? ? A C 22 O2  ? ? ? 1_555 A C  48 N4 ? ? A C 22 A C  48  1_555 ? ? ? ? ? ? 'C-C MISPAIR'           ?     ? ? 
hydrog34 hydrog ? ? A C 23 N3  ? ? ? 1_555 A G  43 N1 ? ? A C 23 A G  43  1_555 ? ? ? ? ? ? WATSON-CRICK            ?     ? ? 
hydrog35 hydrog ? ? A C 23 N4  ? ? ? 1_555 A G  43 O6 ? ? A C 23 A G  43  1_555 ? ? ? ? ? ? WATSON-CRICK            ?     ? ? 
hydrog36 hydrog ? ? A C 23 O2  ? ? ? 1_555 A G  43 N2 ? ? A C 23 A G  43  1_555 ? ? ? ? ? ? WATSON-CRICK            ?     ? ? 
hydrog37 hydrog ? ? A A 24 N1  ? ? ? 1_555 A U  42 N3 ? ? A A 24 A U  42  1_555 ? ? ? ? ? ? WATSON-CRICK            ?     ? ? 
hydrog38 hydrog ? ? A A 24 N6  ? ? ? 1_555 A U  42 O4 ? ? A A 24 A U  42  1_555 ? ? ? ? ? ? WATSON-CRICK            ?     ? ? 
hydrog39 hydrog ? ? A C 25 N3  ? ? ? 1_555 A G  41 N1 ? ? A C 25 A G  41  1_555 ? ? ? ? ? ? WATSON-CRICK            ?     ? ? 
hydrog40 hydrog ? ? A C 25 N4  ? ? ? 1_555 A G  41 O6 ? ? A C 25 A G  41  1_555 ? ? ? ? ? ? WATSON-CRICK            ?     ? ? 
hydrog41 hydrog ? ? A C 25 O2  ? ? ? 1_555 A G  41 N2 ? ? A C 25 A G  41  1_555 ? ? ? ? ? ? WATSON-CRICK            ?     ? ? 
hydrog42 hydrog ? ? A A 26 N1  ? ? ? 1_555 A U  40 N3 ? ? A A 26 A U  40  1_555 ? ? ? ? ? ? WATSON-CRICK            ?     ? ? 
hydrog43 hydrog ? ? A A 26 N6  ? ? ? 1_555 A U  40 O4 ? ? A A 26 A U  40  1_555 ? ? ? ? ? ? WATSON-CRICK            ?     ? ? 
hydrog44 hydrog ? ? A G 27 N1  ? ? ? 1_555 A C  39 N3 ? ? A G 27 A C  39  1_555 ? ? ? ? ? ? WATSON-CRICK            ?     ? ? 
hydrog45 hydrog ? ? A G 27 N2  ? ? ? 1_555 A C  39 O2 ? ? A G 27 A C  39  1_555 ? ? ? ? ? ? WATSON-CRICK            ?     ? ? 
hydrog46 hydrog ? ? A G 27 O6  ? ? ? 1_555 A C  39 N4 ? ? A G 27 A C  39  1_555 ? ? ? ? ? ? WATSON-CRICK            ?     ? ? 
hydrog47 hydrog ? ? A U 28 N3  ? ? ? 1_555 A G  38 O6 ? ? A U 28 A G  38  1_555 ? ? ? ? ? ? TYPE_28_PAIR            ?     ? ? 
hydrog48 hydrog ? ? A U 28 O2  ? ? ? 1_555 A G  38 N1 ? ? A U 28 A G  38  1_555 ? ? ? ? ? ? TYPE_28_PAIR            ?     ? ? 
hydrog49 hydrog ? ? A U 29 N3  ? ? ? 1_555 A A  36 N7 ? ? A U 29 A A  36  1_555 ? ? ? ? ? ? 'REVERSED HOOGSTEEN'    ?     ? ? 
hydrog50 hydrog ? ? A U 29 O2  ? ? ? 1_555 A A  36 N6 ? ? A U 29 A A  36  1_555 ? ? ? ? ? ? 'REVERSED HOOGSTEEN'    ?     ? ? 
hydrog51 hydrog ? ? A G 31 N1  ? ? ? 1_555 A C  57 N3 ? ? A G 31 A C  57  1_555 ? ? ? ? ? ? WATSON-CRICK            ?     ? ? 
hydrog52 hydrog ? ? A G 31 N2  ? ? ? 1_555 A C  57 O2 ? ? A G 31 A C  57  1_555 ? ? ? ? ? ? WATSON-CRICK            ?     ? ? 
hydrog53 hydrog ? ? A G 31 O6  ? ? ? 1_555 A C  57 N4 ? ? A G 31 A C  57  1_555 ? ? ? ? ? ? WATSON-CRICK            ?     ? ? 
hydrog54 hydrog ? ? A G 32 N1  ? ? ? 1_555 A C  56 N3 ? ? A G 32 A C  56  1_555 ? ? ? ? ? ? WATSON-CRICK            ?     ? ? 
hydrog55 hydrog ? ? A G 32 N2  ? ? ? 1_555 A C  56 O2 ? ? A G 32 A C  56  1_555 ? ? ? ? ? ? WATSON-CRICK            ?     ? ? 
hydrog56 hydrog ? ? A G 32 O6  ? ? ? 1_555 A C  56 N4 ? ? A G 32 A C  56  1_555 ? ? ? ? ? ? WATSON-CRICK            ?     ? ? 
hydrog57 hydrog ? ? A G 33 N1  ? ? ? 1_555 A C  55 N3 ? ? A G 33 A C  55  1_555 ? ? ? ? ? ? WATSON-CRICK            ?     ? ? 
hydrog58 hydrog ? ? A G 33 N2  ? ? ? 1_555 A C  55 O2 ? ? A G 33 A C  55  1_555 ? ? ? ? ? ? WATSON-CRICK            ?     ? ? 
hydrog59 hydrog ? ? A G 33 O6  ? ? ? 1_555 A C  55 N4 ? ? A G 33 A C  55  1_555 ? ? ? ? ? ? WATSON-CRICK            ?     ? ? 
hydrog60 hydrog ? ? A G 34 N1  ? ? ? 1_555 A C  54 N3 ? ? A G 34 A C  54  1_555 ? ? ? ? ? ? WATSON-CRICK            ?     ? ? 
hydrog61 hydrog ? ? A G 34 N2  ? ? ? 1_555 A C  54 O2 ? ? A G 34 A C  54  1_555 ? ? ? ? ? ? WATSON-CRICK            ?     ? ? 
hydrog62 hydrog ? ? A G 34 O6  ? ? ? 1_555 A C  54 N4 ? ? A G 34 A C  54  1_555 ? ? ? ? ? ? WATSON-CRICK            ?     ? ? 
hydrog63 hydrog ? ? A A 37 N1  ? ? ? 1_555 A U  51 N3 ? ? A A 37 A U  51  1_555 ? ? ? ? ? ? 'REVERSED WATSON-CRICK' ?     ? ? 
hydrog64 hydrog ? ? A A 37 N6  ? ? ? 1_555 A U  51 O2 ? ? A A 37 A U  51  1_555 ? ? ? ? ? ? 'REVERSED WATSON-CRICK' ?     ? ? 
hydrog65 hydrog ? ? A C 58 N3  ? ? ? 1_555 A G  71 N1 ? ? A C 58 A G  71  1_555 ? ? ? ? ? ? WATSON-CRICK            ?     ? ? 
hydrog66 hydrog ? ? A C 58 N4  ? ? ? 1_555 A G  71 O6 ? ? A C 58 A G  71  1_555 ? ? ? ? ? ? WATSON-CRICK            ?     ? ? 
hydrog67 hydrog ? ? A C 58 O2  ? ? ? 1_555 A G  71 N2 ? ? A C 58 A G  71  1_555 ? ? ? ? ? ? WATSON-CRICK            ?     ? ? 
hydrog68 hydrog ? ? A C 59 N3  ? ? ? 1_555 A G  70 N1 ? ? A C 59 A G  70  1_555 ? ? ? ? ? ? WATSON-CRICK            ?     ? ? 
hydrog69 hydrog ? ? A C 59 N4  ? ? ? 1_555 A G  70 O6 ? ? A C 59 A G  70  1_555 ? ? ? ? ? ? WATSON-CRICK            ?     ? ? 
hydrog70 hydrog ? ? A C 59 O2  ? ? ? 1_555 A G  70 N2 ? ? A C 59 A G  70  1_555 ? ? ? ? ? ? WATSON-CRICK            ?     ? ? 
hydrog71 hydrog ? ? A C 60 N3  ? ? ? 1_555 A G  69 N1 ? ? A C 60 A G  69  1_555 ? ? ? ? ? ? WATSON-CRICK            ?     ? ? 
hydrog72 hydrog ? ? A C 60 N4  ? ? ? 1_555 A G  69 O6 ? ? A C 60 A G  69  1_555 ? ? ? ? ? ? WATSON-CRICK            ?     ? ? 
hydrog73 hydrog ? ? A C 60 O2  ? ? ? 1_555 A G  69 N2 ? ? A C 60 A G  69  1_555 ? ? ? ? ? ? WATSON-CRICK            ?     ? ? 
hydrog74 hydrog ? ? A A 61 N1  ? ? ? 1_555 A U  68 N3 ? ? A A 61 A U  68  1_555 ? ? ? ? ? ? WATSON-CRICK            ?     ? ? 
hydrog75 hydrog ? ? A A 61 N6  ? ? ? 1_555 A U  68 O4 ? ? A A 61 A U  68  1_555 ? ? ? ? ? ? WATSON-CRICK            ?     ? ? 
hydrog76 hydrog ? ? A C 62 N3  ? ? ? 1_555 A G  67 N1 ? ? A C 62 A G  67  1_555 ? ? ? ? ? ? WATSON-CRICK            ?     ? ? 
hydrog77 hydrog ? ? A C 62 N4  ? ? ? 1_555 A G  67 O6 ? ? A C 62 A G  67  1_555 ? ? ? ? ? ? WATSON-CRICK            ?     ? ? 
hydrog78 hydrog ? ? A C 62 O2  ? ? ? 1_555 A G  67 N2 ? ? A C 62 A G  67  1_555 ? ? ? ? ? ? WATSON-CRICK            ?     ? ? 
hydrog79 hydrog ? ? A G 63 N2  ? ? ? 1_555 A A  66 N7 ? ? A G 63 A A  66  1_555 ? ? ? ? ? ? 'G-A MISPAIR'           ?     ? ? 
# 
loop_
_struct_conn_type.id 
_struct_conn_type.criteria 
_struct_conn_type.reference 
metalc ? ? 
hydrog ? ? 
# 
loop_
_struct_site.id 
_struct_site.pdbx_evidence_code 
_struct_site.pdbx_auth_asym_id 
_struct_site.pdbx_auth_comp_id 
_struct_site.pdbx_auth_seq_id 
_struct_site.pdbx_auth_ins_code 
_struct_site.pdbx_num_residues 
_struct_site.details 
AC1 Software A MG  101 ? 3 'binding site for residue MG A 101'  
AC2 Software A HEZ 102 ? 3 'binding site for residue HEZ A 102' 
# 
loop_
_struct_site_gen.id 
_struct_site_gen.site_id 
_struct_site_gen.pdbx_num_res 
_struct_site_gen.label_comp_id 
_struct_site_gen.label_asym_id 
_struct_site_gen.label_seq_id 
_struct_site_gen.pdbx_auth_ins_code 
_struct_site_gen.auth_comp_id 
_struct_site_gen.auth_asym_id 
_struct_site_gen.auth_seq_id 
_struct_site_gen.label_atom_id 
_struct_site_gen.label_alt_id 
_struct_site_gen.symmetry 
_struct_site_gen.details 
1 AC1 3 C A 5  ? C A 5  . ? 1_555 ? 
2 AC1 3 A A 6  ? A A 6  . ? 1_555 ? 
3 AC1 3 C A 23 ? C A 23 . ? 1_555 ? 
4 AC2 3 A A 36 ? A A 36 . ? 1_555 ? 
5 AC2 3 A A 53 ? A A 53 . ? 1_555 ? 
6 AC2 3 C A 54 ? C A 54 . ? 1_555 ? 
# 
_atom_sites.entry_id                    5TPY 
_atom_sites.fract_transf_matrix[1][1]   -0.00160552 
_atom_sites.fract_transf_matrix[1][2]   0.00930599 
_atom_sites.fract_transf_matrix[1][3]   0.00420998 
_atom_sites.fract_transf_matrix[2][1]   0.00784384 
_atom_sites.fract_transf_matrix[2][2]   0.00666875 
_atom_sites.fract_transf_matrix[2][3]   0.00094698 
_atom_sites.fract_transf_matrix[3][1]   -0.00229091 
_atom_sites.fract_transf_matrix[3][2]   0.00410818 
_atom_sites.fract_transf_matrix[3][3]   -0.00995463 
_atom_sites.fract_transf_vector[1]      0.418394 
_atom_sites.fract_transf_vector[2]      -0.094855 
_atom_sites.fract_transf_vector[3]      -0.250584 
# 
loop_
_atom_type.symbol 
C  
MG 
N  
O  
P  
# 
loop_
_atom_site.group_PDB 
_atom_site.id 
_atom_site.type_symbol 
_atom_site.label_atom_id 
_atom_site.label_alt_id 
_atom_site.label_comp_id 
_atom_site.label_asym_id 
_atom_site.label_entity_id 
_atom_site.label_seq_id 
_atom_site.pdbx_PDB_ins_code 
_atom_site.Cartn_x 
_atom_site.Cartn_y 
_atom_site.Cartn_z 
_atom_site.occupancy 
_atom_site.B_iso_or_equiv 
_atom_site.pdbx_formal_charge 
_atom_site.auth_seq_id 
_atom_site.auth_comp_id 
_atom_site.auth_asym_id 
_atom_site.auth_atom_id 
_atom_site.pdbx_PDB_model_num 
ATOM   1    P  P     . G   A 1 1  ? -6.190  -20.046 -1.496  1.00 80.82  ? 1   G   A P     1 
ATOM   2    O  OP1   . G   A 1 1  ? -4.706  -20.309 -1.557  1.00 70.66  ? 1   G   A OP1   1 
ATOM   3    O  OP2   . G   A 1 1  ? -6.791  -19.479 -0.250  1.00 64.24  ? 1   G   A OP2   1 
ATOM   4    O  "O5'" . G   A 1 1  ? -6.657  -19.092 -2.689  1.00 69.96  ? 1   G   A "O5'" 1 
ATOM   5    C  "C5'" . G   A 1 1  ? -6.315  -17.707 -2.694  1.00 63.91  ? 1   G   A "C5'" 1 
ATOM   6    C  "C4'" . G   A 1 1  ? -7.278  -16.857 -3.501  1.00 63.65  ? 1   G   A "C4'" 1 
ATOM   7    O  "O4'" . G   A 1 1  ? -8.568  -17.511 -3.629  1.00 67.46  ? 1   G   A "O4'" 1 
ATOM   8    C  "C3'" . G   A 1 1  ? -7.595  -15.495 -2.902  1.00 59.03  ? 1   G   A "C3'" 1 
ATOM   9    O  "O3'" . G   A 1 1  ? -6.649  -14.532 -3.287  1.00 55.82  ? 1   G   A "O3'" 1 
ATOM   10   C  "C2'" . G   A 1 1  ? -8.982  -15.186 -3.437  1.00 58.11  ? 1   G   A "C2'" 1 
ATOM   11   O  "O2'" . G   A 1 1  ? -8.871  -14.696 -4.764  1.00 64.37  ? 1   G   A "O2'" 1 
ATOM   12   C  "C1'" . G   A 1 1  ? -9.613  -16.572 -3.489  1.00 55.02  ? 1   G   A "C1'" 1 
ATOM   13   N  N9    . G   A 1 1  ? -10.349 -16.962 -2.276  1.00 52.09  ? 1   G   A N9    1 
ATOM   14   C  C8    . G   A 1 1  ? -9.760  -17.504 -1.165  1.00 54.01  ? 1   G   A C8    1 
ATOM   15   N  N7    . G   A 1 1  ? -10.604 -17.846 -0.240  1.00 53.75  ? 1   G   A N7    1 
ATOM   16   C  C5    . G   A 1 1  ? -11.831 -17.543 -0.786  1.00 51.23  ? 1   G   A C5    1 
ATOM   17   C  C6    . G   A 1 1  ? -13.117 -17.708 -0.224  1.00 54.53  ? 1   G   A C6    1 
ATOM   18   O  O6    . G   A 1 1  ? -13.391 -18.161 0.893   1.00 59.60  ? 1   G   A O6    1 
ATOM   19   N  N1    . G   A 1 1  ? -14.124 -17.266 -1.082  1.00 56.32  ? 1   G   A N1    1 
ATOM   20   C  C2    . G   A 1 1  ? -13.898 -16.743 -2.335  1.00 55.07  ? 1   G   A C2    1 
ATOM   21   N  N2    . G   A 1 1  ? -14.993 -16.374 -3.021  1.00 55.99  ? 1   G   A N2    1 
ATOM   22   N  N3    . G   A 1 1  ? -12.688 -16.581 -2.865  1.00 54.13  ? 1   G   A N3    1 
ATOM   23   C  C4    . G   A 1 1  ? -11.703 -17.003 -2.045  1.00 53.66  ? 1   G   A C4    1 
ATOM   24   P  P     . G   A 1 2  ? -5.825  -13.743 -2.172  1.00 65.10  ? 2   G   A P     1 
ATOM   25   O  OP1   . G   A 1 2  ? -4.528  -13.294 -2.752  1.00 61.60  ? 2   G   A OP1   1 
ATOM   26   O  OP2   . G   A 1 2  ? -5.825  -14.564 -0.937  1.00 67.19  ? 2   G   A OP2   1 
ATOM   27   O  "O5'" . G   A 1 2  ? -6.730  -12.469 -1.934  1.00 56.22  ? 2   G   A "O5'" 1 
ATOM   28   C  "C5'" . G   A 1 2  ? -7.216  -11.727 -3.037  1.00 50.44  ? 2   G   A "C5'" 1 
ATOM   29   C  "C4'" . G   A 1 2  ? -8.517  -11.074 -2.685  1.00 50.86  ? 2   G   A "C4'" 1 
ATOM   30   O  "O4'" . G   A 1 2  ? -9.503  -12.110 -2.495  1.00 55.31  ? 2   G   A "O4'" 1 
ATOM   31   C  "C3'" . G   A 1 2  ? -8.507  -10.306 -1.377  1.00 48.36  ? 2   G   A "C3'" 1 
ATOM   32   O  "O3'" . G   A 1 2  ? -8.071  -8.967  -1.554  1.00 47.84  ? 2   G   A "O3'" 1 
ATOM   33   C  "C2'" . G   A 1 2  ? -9.947  -10.410 -0.894  1.00 49.96  ? 2   G   A "C2'" 1 
ATOM   34   O  "O2'" . G   A 1 2  ? -10.743 -9.389  -1.469  1.00 51.53  ? 2   G   A "O2'" 1 
ATOM   35   C  "C1'" . G   A 1 2  ? -10.392 -11.760 -1.470  1.00 51.56  ? 2   G   A "C1'" 1 
ATOM   36   N  N9    . G   A 1 2  ? -10.441 -12.830 -0.454  1.00 50.64  ? 2   G   A N9    1 
ATOM   37   C  C8    . G   A 1 2  ? -9.399  -13.357 0.261   1.00 55.11  ? 2   G   A C8    1 
ATOM   38   N  N7    . G   A 1 2  ? -9.783  -14.285 1.107   1.00 57.83  ? 2   G   A N7    1 
ATOM   39   C  C5    . G   A 1 2  ? -11.159 -14.382 0.955   1.00 52.62  ? 2   G   A C5    1 
ATOM   40   C  C6    . G   A 1 2  ? -12.123 -15.208 1.622   1.00 56.31  ? 2   G   A C6    1 
ATOM   41   O  O6    . G   A 1 2  ? -12.006 -16.079 2.526   1.00 63.99  ? 2   G   A O6    1 
ATOM   42   N  N1    . G   A 1 2  ? -13.391 -14.934 1.130   1.00 52.92  ? 2   G   A N1    1 
ATOM   43   C  C2    . G   A 1 2  ? -13.702 -14.027 0.161   1.00 52.95  ? 2   G   A C2    1 
ATOM   44   N  N2    . G   A 1 2  ? -15.004 -13.970 -0.140  1.00 56.71  ? 2   G   A N2    1 
ATOM   45   N  N3    . G   A 1 2  ? -12.827 -13.251 -0.457  1.00 51.01  ? 2   G   A N3    1 
ATOM   46   C  C4    . G   A 1 2  ? -11.575 -13.485 -0.015  1.00 50.79  ? 2   G   A C4    1 
ATOM   47   P  P     . G   A 1 3  ? -6.654  -8.451  -0.979  1.00 55.41  ? 3   G   A P     1 
ATOM   48   O  OP1   . G   A 1 3  ? -6.485  -7.039  -1.430  1.00 56.66  ? 3   G   A OP1   1 
ATOM   49   O  OP2   . G   A 1 3  ? -5.582  -9.448  -1.250  1.00 54.46  ? 3   G   A OP2   1 
ATOM   50   O  "O5'" . G   A 1 3  ? -6.866  -8.361  0.595   1.00 44.07  ? 3   G   A "O5'" 1 
ATOM   51   C  "C5'" . G   A 1 3  ? -8.005  -7.709  1.124   1.00 47.19  ? 3   G   A "C5'" 1 
ATOM   52   C  "C4'" . G   A 1 3  ? -7.712  -7.052  2.445   1.00 53.33  ? 3   G   A "C4'" 1 
ATOM   53   O  "O4'" . G   A 1 3  ? -7.535  -8.088  3.446   1.00 50.71  ? 3   G   A "O4'" 1 
ATOM   54   C  "C3'" . G   A 1 3  ? -6.457  -6.166  2.502   1.00 51.93  ? 3   G   A "C3'" 1 
ATOM   55   O  "O3'" . G   A 1 3  ? -6.692  -4.978  3.276   1.00 48.76  ? 3   G   A "O3'" 1 
ATOM   56   C  "C2'" . G   A 1 3  ? -5.456  -7.060  3.220   1.00 48.98  ? 3   G   A "C2'" 1 
ATOM   57   O  "O2'" . G   A 1 3  ? -4.445  -6.372  3.917   1.00 56.68  ? 3   G   A "O2'" 1 
ATOM   58   C  "C1'" . G   A 1 3  ? -6.355  -7.845  4.166   1.00 49.70  ? 3   G   A "C1'" 1 
ATOM   59   N  N9    . G   A 1 3  ? -5.755  -9.117  4.552   1.00 51.17  ? 3   G   A N9    1 
ATOM   60   C  C8    . G   A 1 3  ? -5.113  -9.957  3.684   1.00 48.30  ? 3   G   A C8    1 
ATOM   61   N  N7    . G   A 1 3  ? -4.600  -10.994 4.276   1.00 49.44  ? 3   G   A N7    1 
ATOM   62   C  C5    . G   A 1 3  ? -4.920  -10.816 5.618   1.00 49.57  ? 3   G   A C5    1 
ATOM   63   C  C6    . G   A 1 3  ? -4.629  -11.626 6.735   1.00 51.02  ? 3   G   A C6    1 
ATOM   64   O  O6    . G   A 1 3  ? -4.015  -12.700 6.763   1.00 54.10  ? 3   G   A O6    1 
ATOM   65   N  N1    . G   A 1 3  ? -5.127  -11.093 7.906   1.00 47.57  ? 3   G   A N1    1 
ATOM   66   C  C2    . G   A 1 3  ? -5.819  -9.936  8.007   1.00 50.04  ? 3   G   A C2    1 
ATOM   67   N  N2    . G   A 1 3  ? -6.199  -9.606  9.254   1.00 53.05  ? 3   G   A N2    1 
ATOM   68   N  N3    . G   A 1 3  ? -6.102  -9.165  6.969   1.00 51.46  ? 3   G   A N3    1 
ATOM   69   C  C4    . G   A 1 3  ? -5.628  -9.661  5.812   1.00 49.72  ? 3   G   A C4    1 
ATOM   70   P  P     . U   A 1 4  ? -6.348  -3.520  2.664   1.00 46.65  ? 4   U   A P     1 
ATOM   71   O  OP1   . U   A 1 4  ? -7.610  -2.843  2.285   1.00 52.44  ? 4   U   A OP1   1 
ATOM   72   O  OP2   . U   A 1 4  ? -5.217  -3.671  1.714   1.00 47.87  ? 4   U   A OP2   1 
ATOM   73   O  "O5'" . U   A 1 4  ? -5.762  -2.695  3.884   1.00 42.18  ? 4   U   A "O5'" 1 
ATOM   74   C  "C5'" . U   A 1 4  ? -6.523  -2.445  5.050   1.00 42.94  ? 4   U   A "C5'" 1 
ATOM   75   C  "C4'" . U   A 1 4  ? -5.642  -1.917  6.144   1.00 42.60  ? 4   U   A "C4'" 1 
ATOM   76   O  "O4'" . U   A 1 4  ? -4.953  -3.027  6.778   1.00 45.53  ? 4   U   A "O4'" 1 
ATOM   77   C  "C3'" . U   A 1 4  ? -4.547  -0.943  5.690   1.00 43.49  ? 4   U   A "C3'" 1 
ATOM   78   O  "O3'" . U   A 1 4  ? -4.378  0.096   6.647   1.00 46.18  ? 4   U   A "O3'" 1 
ATOM   79   C  "C2'" . U   A 1 4  ? -3.302  -1.811  5.724   1.00 46.96  ? 4   U   A "C2'" 1 
ATOM   80   O  "O2'" . U   A 1 4  ? -2.085  -1.118  5.895   1.00 53.09  ? 4   U   A "O2'" 1 
ATOM   81   C  "C1'" . U   A 1 4  ? -3.602  -2.692  6.915   1.00 42.32  ? 4   U   A "C1'" 1 
ATOM   82   N  N1    . U   A 1 4  ? -2.741  -3.874  6.997   1.00 43.75  ? 4   U   A N1    1 
ATOM   83   C  C2    . U   A 1 4  ? -2.302  -4.231  8.255   1.00 46.43  ? 4   U   A C2    1 
ATOM   84   O  O2    . U   A 1 4  ? -2.667  -3.688  9.274   1.00 50.78  ? 4   U   A O2    1 
ATOM   85   N  N3    . U   A 1 4  ? -1.440  -5.279  8.297   1.00 47.97  ? 4   U   A N3    1 
ATOM   86   C  C4    . U   A 1 4  ? -0.953  -5.977  7.218   1.00 50.39  ? 4   U   A C4    1 
ATOM   87   O  O4    . U   A 1 4  ? -0.183  -6.911  7.440   1.00 58.63  ? 4   U   A O4    1 
ATOM   88   C  C5    . U   A 1 4  ? -1.420  -5.536  5.937   1.00 43.49  ? 4   U   A C5    1 
ATOM   89   C  C6    . U   A 1 4  ? -2.266  -4.504  5.870   1.00 45.28  ? 4   U   A C6    1 
ATOM   90   P  P     . C   A 1 5  ? -5.208  1.467   6.536   1.00 51.16  ? 5   C   A P     1 
ATOM   91   O  OP1   . C   A 1 5  ? -4.668  2.342   7.607   1.00 45.95  ? 5   C   A OP1   1 
ATOM   92   O  OP2   . C   A 1 5  ? -6.679  1.172   6.433   1.00 46.68  ? 5   C   A OP2   1 
ATOM   93   O  "O5'" . C   A 1 5  ? -4.725  2.111   5.172   1.00 47.78  ? 5   C   A "O5'" 1 
ATOM   94   C  "C5'" . C   A 1 5  ? -4.082  3.375   5.178   1.00 47.52  ? 5   C   A "C5'" 1 
ATOM   95   C  "C4'" . C   A 1 5  ? -4.718  4.313   4.190   1.00 43.67  ? 5   C   A "C4'" 1 
ATOM   96   O  "O4'" . C   A 1 5  ? -4.503  3.834   2.836   1.00 49.11  ? 5   C   A "O4'" 1 
ATOM   97   C  "C3'" . C   A 1 5  ? -6.215  4.426   4.300   1.00 43.27  ? 5   C   A "C3'" 1 
ATOM   98   O  "O3'" . C   A 1 5  ? -6.600  5.293   5.332   1.00 46.90  ? 5   C   A "O3'" 1 
ATOM   99   C  "C2'" . C   A 1 5  ? -6.615  4.896   2.914   1.00 45.63  ? 5   C   A "C2'" 1 
ATOM   100  O  "O2'" . C   A 1 5  ? -6.366  6.281   2.753   1.00 47.51  ? 5   C   A "O2'" 1 
ATOM   101  C  "C1'" . C   A 1 5  ? -5.630  4.117   2.044   1.00 47.14  ? 5   C   A "C1'" 1 
ATOM   102  N  N1    . C   A 1 5  ? -6.201  2.829   1.618   1.00 50.36  ? 5   C   A N1    1 
ATOM   103  C  C2    . C   A 1 5  ? -7.226  2.850   0.674   1.00 52.42  ? 5   C   A C2    1 
ATOM   104  O  O2    . C   A 1 5  ? -7.584  3.943   0.214   1.00 52.45  ? 5   C   A O2    1 
ATOM   105  N  N3    . C   A 1 5  ? -7.792  1.691   0.277   1.00 50.76  ? 5   C   A N3    1 
ATOM   106  C  C4    . C   A 1 5  ? -7.377  0.560   0.818   1.00 47.53  ? 5   C   A C4    1 
ATOM   107  N  N4    . C   A 1 5  ? -7.963  -0.549  0.403   1.00 46.28  ? 5   C   A N4    1 
ATOM   108  C  C5    . C   A 1 5  ? -6.340  0.513   1.797   1.00 50.30  ? 5   C   A C5    1 
ATOM   109  C  C6    . C   A 1 5  ? -5.770  1.660   2.176   1.00 47.39  ? 5   C   A C6    1 
ATOM   110  P  P     . A   A 1 6  ? -8.015  5.109   6.047   1.00 47.54  ? 6   A   A P     1 
ATOM   111  O  OP1   . A   A 1 6  ? -8.003  6.054   7.203   1.00 45.98  ? 6   A   A OP1   1 
ATOM   112  O  OP2   . A   A 1 6  ? -8.252  3.666   6.291   1.00 47.73  ? 6   A   A OP2   1 
ATOM   113  O  "O5'" . A   A 1 6  ? -9.061  5.583   4.948   1.00 43.72  ? 6   A   A "O5'" 1 
ATOM   114  C  "C5'" . A   A 1 6  ? -9.186  6.953   4.618   1.00 47.65  ? 6   A   A "C5'" 1 
ATOM   115  C  "C4'" . A   A 1 6  ? -10.085 7.129   3.433   1.00 48.87  ? 6   A   A "C4'" 1 
ATOM   116  O  "O4'" . A   A 1 6  ? -9.611  6.270   2.372   1.00 49.41  ? 6   A   A "O4'" 1 
ATOM   117  C  "C3'" . A   A 1 6  ? -11.528 6.707   3.645   1.00 48.36  ? 6   A   A "C3'" 1 
ATOM   118  O  "O3'" . A   A 1 6  ? -12.318 7.721   4.235   1.00 42.39  ? 6   A   A "O3'" 1 
ATOM   119  C  "C2'" . A   A 1 6  ? -11.975 6.315   2.244   1.00 52.32  ? 6   A   A "C2'" 1 
ATOM   120  O  "O2'" . A   A 1 6  ? -12.287 7.459   1.469   1.00 55.05  ? 6   A   A "O2'" 1 
ATOM   121  C  "C1'" . A   A 1 6  ? -10.700 5.695   1.688   1.00 50.87  ? 6   A   A "C1'" 1 
ATOM   122  N  N9    . A   A 1 6  ? -10.659 4.232   1.876   1.00 49.74  ? 6   A   A N9    1 
ATOM   123  C  C8    . A   A 1 6  ? -9.963  3.491   2.794   1.00 48.13  ? 6   A   A C8    1 
ATOM   124  N  N7    . A   A 1 6  ? -10.146 2.197   2.674   1.00 49.55  ? 6   A   A N7    1 
ATOM   125  C  C5    . A   A 1 6  ? -11.034 2.081   1.601   1.00 52.16  ? 6   A   A C5    1 
ATOM   126  C  C6    . A   A 1 6  ? -11.647 0.988   0.951   1.00 51.24  ? 6   A   A C6    1 
ATOM   127  N  N6    . A   A 1 6  ? -11.477 -0.293  1.258   1.00 50.82  ? 6   A   A N6    1 
ATOM   128  N  N1    . A   A 1 6  ? -12.466 1.249   -0.074  1.00 54.41  ? 6   A   A N1    1 
ATOM   129  C  C2    . A   A 1 6  ? -12.670 2.513   -0.429  1.00 50.65  ? 6   A   A C2    1 
ATOM   130  N  N3    . A   A 1 6  ? -12.163 3.616   0.083   1.00 50.09  ? 6   A   A N3    1 
ATOM   131  C  C4    . A   A 1 6  ? -11.345 3.328   1.105   1.00 51.37  ? 6   A   A C4    1 
ATOM   132  P  P     . G   A 1 7  ? -13.544 7.342   5.211   1.00 54.13  ? 7   G   A P     1 
ATOM   133  O  OP1   . G   A 1 7  ? -14.043 8.610   5.863   1.00 46.77  ? 7   G   A OP1   1 
ATOM   134  O  OP2   . G   A 1 7  ? -13.146 6.187   6.072   1.00 44.73  ? 7   G   A OP2   1 
ATOM   135  O  "O5'" . G   A 1 7  ? -14.672 6.851   4.200   1.00 48.96  ? 7   G   A "O5'" 1 
ATOM   136  C  "C5'" . G   A 1 7  ? -15.290 7.767   3.310   1.00 50.69  ? 7   G   A "C5'" 1 
ATOM   137  C  "C4'" . G   A 1 7  ? -16.179 7.066   2.321   1.00 52.76  ? 7   G   A "C4'" 1 
ATOM   138  O  "O4'" . G   A 1 7  ? -15.380 6.138   1.552   1.00 53.50  ? 7   G   A "O4'" 1 
ATOM   139  C  "C3'" . G   A 1 7  ? -17.270 6.193   2.918   1.00 57.85  ? 7   G   A "C3'" 1 
ATOM   140  O  "O3'" . G   A 1 7  ? -18.424 6.899   3.332   1.00 51.13  ? 7   G   A "O3'" 1 
ATOM   141  C  "C2'" . G   A 1 7  ? -17.532 5.179   1.818   1.00 52.96  ? 7   G   A "C2'" 1 
ATOM   142  O  "O2'" . G   A 1 7  ? -18.323 5.744   0.790   1.00 57.55  ? 7   G   A "O2'" 1 
ATOM   143  C  "C1'" . G   A 1 7  ? -16.127 4.975   1.271   1.00 52.30  ? 7   G   A "C1'" 1 
ATOM   144  N  N9    . G   A 1 7  ? -15.451 3.825   1.889   1.00 53.02  ? 7   G   A N9    1 
ATOM   145  C  C8    . G   A 1 7  ? -14.488 3.842   2.855   1.00 50.80  ? 7   G   A C8    1 
ATOM   146  N  N7    . G   A 1 7  ? -14.083 2.641   3.161   1.00 54.54  ? 7   G   A N7    1 
ATOM   147  C  C5    . G   A 1 7  ? -14.811 1.786   2.341   1.00 54.07  ? 7   G   A C5    1 
ATOM   148  C  C6    . G   A 1 7  ? -14.810 0.369   2.225   1.00 54.57  ? 7   G   A C6    1 
ATOM   149  O  O6    . G   A 1 7  ? -14.134 -0.459  2.846   1.00 53.47  ? 7   G   A O6    1 
ATOM   150  N  N1    . G   A 1 7  ? -15.732 -0.066  1.273   1.00 55.94  ? 7   G   A N1    1 
ATOM   151  C  C2    . G   A 1 7  ? -16.551 0.757   0.527   1.00 55.23  ? 7   G   A C2    1 
ATOM   152  N  N2    . G   A 1 7  ? -17.368 0.167   -0.348  1.00 52.85  ? 7   G   A N2    1 
ATOM   153  N  N3    . G   A 1 7  ? -16.557 2.072   0.621   1.00 55.19  ? 7   G   A N3    1 
ATOM   154  C  C4    . G   A 1 7  ? -15.668 2.511   1.545   1.00 55.14  ? 7   G   A C4    1 
ATOM   155  P  P     . G   A 1 8  ? -19.250 6.324   4.578   1.00 69.35  ? 8   G   A P     1 
ATOM   156  O  OP1   . G   A 1 8  ? -20.376 7.279   4.781   1.00 56.92  ? 8   G   A OP1   1 
ATOM   157  O  OP2   . G   A 1 8  ? -18.328 5.920   5.679   1.00 64.21  ? 8   G   A OP2   1 
ATOM   158  O  "O5'" . G   A 1 8  ? -19.738 4.884   4.102   1.00 52.69  ? 8   G   A "O5'" 1 
ATOM   159  C  "C5'" . G   A 1 8  ? -20.863 4.754   3.269   1.00 57.20  ? 8   G   A "C5'" 1 
ATOM   160  C  "C4'" . G   A 1 8  ? -21.000 3.357   2.735   1.00 58.63  ? 8   G   A "C4'" 1 
ATOM   161  O  "O4'" . G   A 1 8  ? -19.705 2.811   2.404   1.00 59.20  ? 8   G   A "O4'" 1 
ATOM   162  C  "C3'" . G   A 1 8  ? -21.573 2.309   3.661   1.00 55.54  ? 8   G   A "C3'" 1 
ATOM   163  O  "O3'" . G   A 1 8  ? -22.970 2.427   3.850   1.00 60.13  ? 8   G   A "O3'" 1 
ATOM   164  C  "C2'" . G   A 1 8  ? -21.174 1.040   2.944   1.00 56.33  ? 8   G   A "C2'" 1 
ATOM   165  O  "O2'" . G   A 1 8  ? -21.980 0.874   1.789   1.00 59.09  ? 8   G   A "O2'" 1 
ATOM   166  C  "C1'" . G   A 1 8  ? -19.771 1.405   2.470   1.00 54.82  ? 8   G   A "C1'" 1 
ATOM   167  N  N9    . G   A 1 8  ? -18.726 0.893   3.366   1.00 48.82  ? 8   G   A N9    1 
ATOM   168  C  C8    . G   A 1 8  ? -17.966 1.597   4.243   1.00 52.81  ? 8   G   A C8    1 
ATOM   169  N  N7    . G   A 1 8  ? -17.119 0.845   4.883   1.00 56.63  ? 8   G   A N7    1 
ATOM   170  C  C5    . G   A 1 8  ? -17.351 -0.434  4.399   1.00 53.64  ? 8   G   A C5    1 
ATOM   171  C  C6    . G   A 1 8  ? -16.725 -1.668  4.723   1.00 54.72  ? 8   G   A C6    1 
ATOM   172  O  O6    . G   A 1 8  ? -15.817 -1.907  5.526   1.00 56.35  ? 8   G   A O6    1 
ATOM   173  N  N1    . G   A 1 8  ? -17.262 -2.717  3.996   1.00 57.23  ? 8   G   A N1    1 
ATOM   174  C  C2    . G   A 1 8  ? -18.267 -2.607  3.080   1.00 53.99  ? 8   G   A C2    1 
ATOM   175  N  N2    . G   A 1 8  ? -18.599 -3.763  2.500   1.00 51.98  ? 8   G   A N2    1 
ATOM   176  N  N3    . G   A 1 8  ? -18.861 -1.468  2.762   1.00 52.49  ? 8   G   A N3    1 
ATOM   177  C  C4    . G   A 1 8  ? -18.344 -0.423  3.456   1.00 52.07  ? 8   G   A C4    1 
ATOM   178  P  P     . C   A 1 9  ? -23.671 1.658   5.072   1.00 62.64  ? 9   C   A P     1 
ATOM   179  O  OP1   . C   A 1 9  ? -25.108 2.018   5.037   1.00 58.34  ? 9   C   A OP1   1 
ATOM   180  O  OP2   . C   A 1 9  ? -22.903 1.829   6.332   1.00 59.11  ? 9   C   A OP2   1 
ATOM   181  O  "O5'" . C   A 1 9  ? -23.521 0.134   4.652   1.00 57.27  ? 9   C   A "O5'" 1 
ATOM   182  C  "C5'" . C   A 1 9  ? -24.261 -0.384  3.564   1.00 51.33  ? 9   C   A "C5'" 1 
ATOM   183  C  "C4'" . C   A 1 9  ? -24.104 -1.869  3.494   1.00 52.91  ? 9   C   A "C4'" 1 
ATOM   184  O  "O4'" . C   A 1 9  ? -22.709 -2.182  3.284   1.00 57.82  ? 9   C   A "O4'" 1 
ATOM   185  C  "C3'" . C   A 1 9  ? -24.456 -2.628  4.764   1.00 57.20  ? 9   C   A "C3'" 1 
ATOM   186  O  "O3'" . C   A 1 9  ? -25.838 -2.876  4.901   1.00 59.41  ? 9   C   A "O3'" 1 
ATOM   187  C  "C2'" . C   A 1 9  ? -23.659 -3.900  4.607   1.00 56.66  ? 9   C   A "C2'" 1 
ATOM   188  O  "O2'" . C   A 1 9  ? -24.318 -4.750  3.677   1.00 54.67  ? 9   C   A "O2'" 1 
ATOM   189  C  "C1'" . C   A 1 9  ? -22.378 -3.368  3.974   1.00 57.41  ? 9   C   A "C1'" 1 
ATOM   190  N  N1    . C   A 1 9  ? -21.341 -3.047  4.979   1.00 54.05  ? 9   C   A N1    1 
ATOM   191  C  C2    . C   A 1 9  ? -20.448 -4.037  5.383   1.00 55.97  ? 9   C   A C2    1 
ATOM   192  O  O2    . C   A 1 9  ? -20.559 -5.179  4.902   1.00 58.89  ? 9   C   A O2    1 
ATOM   193  N  N3    . C   A 1 9  ? -19.483 -3.736  6.277   1.00 53.70  ? 9   C   A N3    1 
ATOM   194  C  C4    . C   A 1 9  ? -19.384 -2.507  6.766   1.00 53.79  ? 9   C   A C4    1 
ATOM   195  N  N4    . C   A 1 9  ? -18.426 -2.245  7.653   1.00 53.32  ? 9   C   A N4    1 
ATOM   196  C  C5    . C   A 1 9  ? -20.278 -1.480  6.368   1.00 58.88  ? 9   C   A C5    1 
ATOM   197  C  C6    . C   A 1 9  ? -21.229 -1.788  5.479   1.00 56.07  ? 9   C   A C6    1 
ATOM   198  P  P     . C   A 1 10 ? -26.486 -3.045  6.353   1.00 54.97  ? 10  C   A P     1 
ATOM   199  O  OP1   . C   A 1 10 ? -27.930 -3.313  6.128   1.00 60.22  ? 10  C   A OP1   1 
ATOM   200  O  OP2   . C   A 1 10 ? -26.069 -1.902  7.204   1.00 58.74  ? 10  C   A OP2   1 
ATOM   201  O  "O5'" . C   A 1 10 ? -25.812 -4.363  6.931   1.00 53.96  ? 10  C   A "O5'" 1 
ATOM   202  C  "C5'" . C   A 1 10 ? -26.089 -5.629  6.355   1.00 55.81  ? 10  C   A "C5'" 1 
ATOM   203  C  "C4'" . C   A 1 10 ? -25.092 -6.658  6.821   1.00 60.95  ? 10  C   A "C4'" 1 
ATOM   204  O  "O4'" . C   A 1 10 ? -23.740 -6.203  6.553   1.00 67.04  ? 10  C   A "O4'" 1 
ATOM   205  C  "C3'" . C   A 1 10 ? -25.088 -6.949  8.307   1.00 61.00  ? 10  C   A "C3'" 1 
ATOM   206  O  "O3'" . C   A 1 10 ? -26.129 -7.838  8.657   1.00 65.27  ? 10  C   A "O3'" 1 
ATOM   207  C  "C2'" . C   A 1 10 ? -23.685 -7.510  8.520   1.00 62.57  ? 10  C   A "C2'" 1 
ATOM   208  O  "O2'" . C   A 1 10 ? -23.593 -8.834  8.023   1.00 62.67  ? 10  C   A "O2'" 1 
ATOM   209  C  "C1'" . C   A 1 10 ? -22.869 -6.634  7.577   1.00 61.46  ? 10  C   A "C1'" 1 
ATOM   210  N  N1    . C   A 1 10 ? -22.293 -5.443  8.246   1.00 55.83  ? 10  C   A N1    1 
ATOM   211  C  C2    . C   A 1 10 ? -21.110 -5.515  9.000   1.00 55.30  ? 10  C   A C2    1 
ATOM   212  O  O2    . C   A 1 10 ? -20.506 -6.582  9.137   1.00 54.97  ? 10  C   A O2    1 
ATOM   213  N  N3    . C   A 1 10 ? -20.633 -4.401  9.587   1.00 57.02  ? 10  C   A N3    1 
ATOM   214  C  C4    . C   A 1 10 ? -21.286 -3.253  9.443   1.00 54.75  ? 10  C   A C4    1 
ATOM   215  N  N4    . C   A 1 10 ? -20.801 -2.170  10.022  1.00 53.51  ? 10  C   A N4    1 
ATOM   216  C  C5    . C   A 1 10 ? -22.471 -3.148  8.679   1.00 57.80  ? 10  C   A C5    1 
ATOM   217  C  C6    . C   A 1 10 ? -22.932 -4.254  8.101   1.00 57.08  ? 10  C   A C6    1 
ATOM   218  P  P     . G   A 1 11 ? -26.952 -7.702  10.032  1.00 74.73  ? 11  G   A P     1 
ATOM   219  O  OP1   . G   A 1 11 ? -28.142 -8.562  9.784   1.00 69.19  ? 11  G   A OP1   1 
ATOM   220  O  OP2   . G   A 1 11 ? -27.103 -6.286  10.501  1.00 57.23  ? 11  G   A OP2   1 
ATOM   221  O  "O5'" . G   A 1 11 ? -26.060 -8.520  11.068  1.00 74.92  ? 11  G   A "O5'" 1 
ATOM   222  C  "C5'" . G   A 1 11 ? -25.498 -7.911  12.222  1.00 72.32  ? 11  G   A "C5'" 1 
ATOM   223  C  "C4'" . G   A 1 11 ? -24.152 -8.511  12.517  1.00 68.90  ? 11  G   A "C4'" 1 
ATOM   224  O  "O4'" . G   A 1 11 ? -23.157 -7.898  11.655  1.00 70.56  ? 11  G   A "O4'" 1 
ATOM   225  C  "C3'" . G   A 1 11 ? -23.592 -8.314  13.919  1.00 76.08  ? 11  G   A "C3'" 1 
ATOM   226  O  "O3'" . G   A 1 11 ? -24.129 -9.223  14.865  1.00 75.35  ? 11  G   A "O3'" 1 
ATOM   227  C  "C2'" . G   A 1 11 ? -22.102 -8.502  13.682  1.00 77.43  ? 11  G   A "C2'" 1 
ATOM   228  O  "O2'" . G   A 1 11 ? -21.818 -9.884  13.481  1.00 77.37  ? 11  G   A "O2'" 1 
ATOM   229  C  "C1'" . G   A 1 11 ? -21.936 -7.770  12.350  1.00 70.60  ? 11  G   A "C1'" 1 
ATOM   230  N  N9    . G   A 1 11 ? -21.694 -6.332  12.563  1.00 62.71  ? 11  G   A N9    1 
ATOM   231  C  C8    . G   A 1 11 ? -22.585 -5.316  12.334  1.00 61.13  ? 11  G   A C8    1 
ATOM   232  N  N7    . G   A 1 11 ? -22.103 -4.139  12.625  1.00 60.09  ? 11  G   A N7    1 
ATOM   233  C  C5    . G   A 1 11 ? -20.820 -4.392  13.083  1.00 60.03  ? 11  G   A C5    1 
ATOM   234  C  C6    . G   A 1 11 ? -19.818 -3.500  13.550  1.00 60.09  ? 11  G   A C6    1 
ATOM   235  O  O6    . G   A 1 11 ? -19.861 -2.266  13.654  1.00 63.92  ? 11  G   A O6    1 
ATOM   236  N  N1    . G   A 1 11 ? -18.665 -4.177  13.917  1.00 58.71  ? 11  G   A N1    1 
ATOM   237  C  C2    . G   A 1 11 ? -18.497 -5.536  13.842  1.00 61.48  ? 11  G   A C2    1 
ATOM   238  N  N2    . G   A 1 11 ? -17.301 -5.989  14.244  1.00 62.50  ? 11  G   A N2    1 
ATOM   239  N  N3    . G   A 1 11 ? -19.419 -6.387  13.412  1.00 62.80  ? 11  G   A N3    1 
ATOM   240  C  C4    . G   A 1 11 ? -20.550 -5.746  13.050  1.00 63.19  ? 11  G   A C4    1 
ATOM   241  P  P     . G   A 1 12 ? -23.979 -8.973  16.445  1.00 80.47  ? 12  G   A P     1 
ATOM   242  O  OP1   . G   A 1 12 ? -24.571 -10.187 17.056  1.00 85.46  ? 12  G   A OP1   1 
ATOM   243  O  OP2   . G   A 1 12 ? -24.476 -7.625  16.845  1.00 69.73  ? 12  G   A OP2   1 
ATOM   244  O  "O5'" . G   A 1 12 ? -22.415 -9.046  16.727  1.00 76.98  ? 12  G   A "O5'" 1 
ATOM   245  C  "C5'" . G   A 1 12 ? -21.738 -10.294 16.794  1.00 76.28  ? 12  G   A "C5'" 1 
ATOM   246  C  "C4'" . G   A 1 12 ? -20.370 -10.167 17.434  1.00 79.46  ? 12  G   A "C4'" 1 
ATOM   247  O  "O4'" . G   A 1 12 ? -19.487 -9.359  16.601  1.00 76.56  ? 12  G   A "O4'" 1 
ATOM   248  C  "C3'" . G   A 1 12 ? -20.313 -9.471  18.786  1.00 82.71  ? 12  G   A "C3'" 1 
ATOM   249  O  "O3'" . G   A 1 12 ? -20.747 -10.271 19.875  1.00 88.85  ? 12  G   A "O3'" 1 
ATOM   250  C  "C2'" . G   A 1 12 ? -18.850 -9.046  18.857  1.00 74.80  ? 12  G   A "C2'" 1 
ATOM   251  O  "O2'" . G   A 1 12 ? -18.015 -10.174 19.076  1.00 72.81  ? 12  G   A "O2'" 1 
ATOM   252  C  "C1'" . G   A 1 12 ? -18.631 -8.583  17.425  1.00 69.72  ? 12  G   A "C1'" 1 
ATOM   253  N  N9    . G   A 1 12 ? -18.980 -7.156  17.258  1.00 69.30  ? 12  G   A N9    1 
ATOM   254  C  C8    . G   A 1 12 ? -20.150 -6.652  16.736  1.00 70.79  ? 12  G   A C8    1 
ATOM   255  N  N7    . G   A 1 12 ? -20.193 -5.346  16.704  1.00 67.25  ? 12  G   A N7    1 
ATOM   256  C  C5    . G   A 1 12 ? -18.975 -4.954  17.236  1.00 66.76  ? 12  G   A C5    1 
ATOM   257  C  C6    . G   A 1 12 ? -18.451 -3.656  17.456  1.00 67.31  ? 12  G   A C6    1 
ATOM   258  O  O6    . G   A 1 12 ? -18.961 -2.554  17.219  1.00 72.56  ? 12  G   A O6    1 
ATOM   259  N  N1    . G   A 1 12 ? -17.189 -3.706  18.018  1.00 67.03  ? 12  G   A N1    1 
ATOM   260  C  C2    . G   A 1 12 ? -16.509 -4.854  18.332  1.00 67.39  ? 12  G   A C2    1 
ATOM   261  N  N2    . G   A 1 12 ? -15.291 -4.670  18.875  1.00 65.36  ? 12  G   A N2    1 
ATOM   262  N  N3    . G   A 1 12 ? -16.982 -6.078  18.128  1.00 66.77  ? 12  G   A N3    1 
ATOM   263  C  C4    . G   A 1 12 ? -18.215 -6.057  17.586  1.00 69.20  ? 12  G   A C4    1 
ATOM   264  P  P     . C   A 1 13 ? -21.535 -9.594  21.108  1.00 91.28  ? 13  C   A P     1 
ATOM   265  O  OP1   . C   A 1 13 ? -21.873 -10.699 22.045  1.00 85.52  ? 13  C   A OP1   1 
ATOM   266  O  OP2   . C   A 1 13 ? -22.596 -8.711  20.554  1.00 84.66  ? 13  C   A OP2   1 
ATOM   267  O  "O5'" . C   A 1 13 ? -20.450 -8.661  21.816  1.00 82.19  ? 13  C   A "O5'" 1 
ATOM   268  C  "C5'" . C   A 1 13 ? -19.268 -9.220  22.377  1.00 82.31  ? 13  C   A "C5'" 1 
ATOM   269  C  "C4'" . C   A 1 13 ? -18.353 -8.156  22.928  1.00 83.80  ? 13  C   A "C4'" 1 
ATOM   270  O  "O4'" . C   A 1 13 ? -17.856 -7.324  21.848  1.00 77.20  ? 13  C   A "O4'" 1 
ATOM   271  C  "C3'" . C   A 1 13 ? -18.992 -7.160  23.883  1.00 92.19  ? 13  C   A "C3'" 1 
ATOM   272  O  "O3'" . C   A 1 13 ? -19.177 -7.654  25.196  1.00 96.93  ? 13  C   A "O3'" 1 
ATOM   273  C  "C2'" . C   A 1 13 ? -18.053 -5.965  23.790  1.00 88.53  ? 13  C   A "C2'" 1 
ATOM   274  O  "O2'" . C   A 1 13 ? -16.871 -6.175  24.552  1.00 86.23  ? 13  C   A "O2'" 1 
ATOM   275  C  "C1'" . C   A 1 13 ? -17.701 -5.991  22.303  1.00 79.17  ? 13  C   A "C1'" 1 
ATOM   276  N  N1    . C   A 1 13 ? -18.608 -5.120  21.525  1.00 77.76  ? 13  C   A N1    1 
ATOM   277  C  C2    . C   A 1 13 ? -18.350 -3.741  21.516  1.00 80.93  ? 13  C   A C2    1 
ATOM   278  O  O2    . C   A 1 13 ? -17.374 -3.306  22.150  1.00 79.01  ? 13  C   A O2    1 
ATOM   279  N  N3    . C   A 1 13 ? -19.168 -2.915  20.815  1.00 81.04  ? 13  C   A N3    1 
ATOM   280  C  C4    . C   A 1 13 ? -20.212 -3.428  20.153  1.00 80.88  ? 13  C   A C4    1 
ATOM   281  N  N4    . C   A 1 13 ? -20.993 -2.581  19.473  1.00 80.11  ? 13  C   A N4    1 
ATOM   282  C  C5    . C   A 1 13 ? -20.502 -4.830  20.152  1.00 76.73  ? 13  C   A C5    1 
ATOM   283  C  C6    . C   A 1 13 ? -19.682 -5.632  20.845  1.00 76.18  ? 13  C   A C6    1 
ATOM   284  P  P     . G   A 1 14 ? -20.508 -7.258  25.999  1.00 97.70  ? 14  G   A P     1 
ATOM   285  O  OP1   . G   A 1 14 ? -20.400 -7.879  27.341  1.00 106.23 ? 14  G   A OP1   1 
ATOM   286  O  OP2   . G   A 1 14 ? -21.679 -7.569  25.140  1.00 92.12  ? 14  G   A OP2   1 
ATOM   287  O  "O5'" . G   A 1 14 ? -20.408 -5.672  26.162  1.00 95.31  ? 14  G   A "O5'" 1 
ATOM   288  C  "C5'" . G   A 1 14 ? -19.479 -5.098  27.068  1.00 97.18  ? 14  G   A "C5'" 1 
ATOM   289  C  "C4'" . G   A 1 14 ? -19.452 -3.590  26.990  1.00 102.32 ? 14  G   A "C4'" 1 
ATOM   290  O  "O4'" . G   A 1 14 ? -19.066 -3.157  25.657  1.00 94.02  ? 14  G   A "O4'" 1 
ATOM   291  C  "C3'" . G   A 1 14 ? -20.765 -2.853  27.224  1.00 109.11 ? 14  G   A "C3'" 1 
ATOM   292  O  "O3'" . G   A 1 14 ? -21.200 -2.807  28.574  1.00 115.30 ? 14  G   A "O3'" 1 
ATOM   293  C  "C2'" . G   A 1 14 ? -20.463 -1.493  26.613  1.00 103.78 ? 14  G   A "C2'" 1 
ATOM   294  O  "O2'" . G   A 1 14 ? -19.590 -0.743  27.445  1.00 105.44 ? 14  G   A "O2'" 1 
ATOM   295  C  "C1'" . G   A 1 14 ? -19.694 -1.918  25.363  1.00 98.16  ? 14  G   A "C1'" 1 
ATOM   296  N  N9    . G   A 1 14 ? -20.637 -2.103  24.245  1.00 94.04  ? 14  G   A N9    1 
ATOM   297  C  C8    . G   A 1 14 ? -21.206 -3.270  23.780  1.00 91.09  ? 14  G   A C8    1 
ATOM   298  N  N7    . G   A 1 14 ? -22.036 -3.070  22.790  1.00 85.41  ? 14  G   A N7    1 
ATOM   299  C  C5    . G   A 1 14 ? -22.022 -1.688  22.605  1.00 86.58  ? 14  G   A C5    1 
ATOM   300  C  C6    . G   A 1 14 ? -22.726 -0.870  21.682  1.00 87.49  ? 14  G   A C6    1 
ATOM   301  O  O6    . G   A 1 14 ? -23.531 -1.214  20.807  1.00 86.69  ? 14  G   A O6    1 
ATOM   302  N  N1    . G   A 1 14 ? -22.416 0.477   21.850  1.00 88.73  ? 14  G   A N1    1 
ATOM   303  C  C2    . G   A 1 14 ? -21.543 0.973   22.784  1.00 91.62  ? 14  G   A C2    1 
ATOM   304  N  N2    . G   A 1 14 ? -21.376 2.298   22.789  1.00 99.29  ? 14  G   A N2    1 
ATOM   305  N  N3    . G   A 1 14 ? -20.886 0.229   23.651  1.00 91.33  ? 14  G   A N3    1 
ATOM   306  C  C4    . G   A 1 14 ? -21.174 -1.080  23.502  1.00 88.72  ? 14  G   A C4    1 
ATOM   307  P  P     . A   A 1 15 ? -22.751 -3.096  28.920  1.00 117.98 ? 15  A   A P     1 
ATOM   308  O  OP1   . A   A 1 15 ? -22.980 -2.633  30.314  1.00 120.71 ? 15  A   A OP1   1 
ATOM   309  O  OP2   . A   A 1 15 ? -23.083 -4.496  28.539  1.00 109.25 ? 15  A   A OP2   1 
ATOM   310  O  "O5'" . A   A 1 15 ? -23.564 -2.137  27.939  1.00 110.78 ? 15  A   A "O5'" 1 
ATOM   311  C  "C5'" . A   A 1 15 ? -24.974 -2.251  27.805  1.00 111.25 ? 15  A   A "C5'" 1 
ATOM   312  C  "C4'" . A   A 1 15 ? -25.674 -0.953  28.132  1.00 112.16 ? 15  A   A "C4'" 1 
ATOM   313  O  "O4'" . A   A 1 15 ? -25.311 -0.534  29.474  1.00 115.12 ? 15  A   A "O4'" 1 
ATOM   314  C  "C3'" . A   A 1 15 ? -25.313 0.241   27.256  1.00 113.89 ? 15  A   A "C3'" 1 
ATOM   315  O  "O3'" . A   A 1 15 ? -26.037 0.273   26.039  1.00 111.72 ? 15  A   A "O3'" 1 
ATOM   316  C  "C2'" . A   A 1 15 ? -25.599 1.430   28.165  1.00 114.65 ? 15  A   A "C2'" 1 
ATOM   317  O  "O2'" . A   A 1 15 ? -26.991 1.732   28.193  1.00 105.89 ? 15  A   A "O2'" 1 
ATOM   318  C  "C1'" . A   A 1 15 ? -25.193 0.871   29.529  1.00 115.47 ? 15  A   A "C1'" 1 
ATOM   319  N  N9    . A   A 1 15 ? -23.803 1.204   29.895  1.00 113.80 ? 15  A   A N9    1 
ATOM   320  C  C8    . A   A 1 15 ? -22.810 0.317   30.234  1.00 114.92 ? 15  A   A C8    1 
ATOM   321  N  N7    . A   A 1 15 ? -21.666 0.877   30.535  1.00 116.03 ? 15  A   A N7    1 
ATOM   322  C  C5    . A   A 1 15 ? -21.927 2.234   30.394  1.00 116.33 ? 15  A   A C5    1 
ATOM   323  C  C6    . A   A 1 15 ? -21.118 3.366   30.574  1.00 112.91 ? 15  A   A C6    1 
ATOM   324  N  N6    . A   A 1 15 ? -19.839 3.301   30.948  1.00 110.79 ? 15  A   A N6    1 
ATOM   325  N  N1    . A   A 1 15 ? -21.676 4.579   30.351  1.00 116.03 ? 15  A   A N1    1 
ATOM   326  C  C2    . A   A 1 15 ? -22.963 4.637   29.975  1.00 116.31 ? 15  A   A C2    1 
ATOM   327  N  N3    . A   A 1 15 ? -23.827 3.642   29.774  1.00 114.51 ? 15  A   A N3    1 
ATOM   328  C  C4    . A   A 1 15 ? -23.241 2.452   30.004  1.00 115.26 ? 15  A   A C4    1 
ATOM   329  P  P     . A   A 1 16 ? -25.248 0.166   24.646  1.00 104.86 ? 16  A   A P     1 
ATOM   330  O  OP1   . A   A 1 16 ? -26.171 -0.208  23.535  1.00 91.03  ? 16  A   A OP1   1 
ATOM   331  O  OP2   . A   A 1 16 ? -24.102 -0.718  24.970  1.00 102.90 ? 16  A   A OP2   1 
ATOM   332  O  "O5'" . A   A 1 16 ? -24.714 1.647   24.387  1.00 105.21 ? 16  A   A "O5'" 1 
ATOM   333  C  "C5'" . A   A 1 16 ? -25.608 2.747   24.263  1.00 104.09 ? 16  A   A "C5'" 1 
ATOM   334  C  "C4'" . A   A 1 16 ? -25.034 3.984   24.911  1.00 112.63 ? 16  A   A "C4'" 1 
ATOM   335  O  "O4'" . A   A 1 16 ? -24.448 3.620   26.180  1.00 115.89 ? 16  A   A "O4'" 1 
ATOM   336  C  "C3'" . A   A 1 16 ? -23.907 4.671   24.151  1.00 113.65 ? 16  A   A "C3'" 1 
ATOM   337  O  "O3'" . A   A 1 16 ? -24.410 5.587   23.191  1.00 121.32 ? 16  A   A "O3'" 1 
ATOM   338  C  "C2'" . A   A 1 16 ? -23.082 5.341   25.251  1.00 109.67 ? 16  A   A "C2'" 1 
ATOM   339  O  "O2'" . A   A 1 16 ? -23.577 6.632   25.559  1.00 109.61 ? 16  A   A "O2'" 1 
ATOM   340  C  "C1'" . A   A 1 16 ? -23.330 4.428   26.454  1.00 113.04 ? 16  A   A "C1'" 1 
ATOM   341  N  N9    . A   A 1 16 ? -22.191 3.555   26.766  1.00 114.20 ? 16  A   A N9    1 
ATOM   342  C  C8    . A   A 1 16 ? -22.117 2.190   26.639  1.00 110.44 ? 16  A   A C8    1 
ATOM   343  N  N7    . A   A 1 16 ? -20.959 1.706   27.024  1.00 115.10 ? 16  A   A N7    1 
ATOM   344  C  C5    . A   A 1 16 ? -20.232 2.823   27.440  1.00 117.69 ? 16  A   A C5    1 
ATOM   345  C  C6    . A   A 1 16 ? -18.927 2.988   27.963  1.00 118.55 ? 16  A   A C6    1 
ATOM   346  N  N6    . A   A 1 16 ? -18.062 1.983   28.172  1.00 113.04 ? 16  A   A N6    1 
ATOM   347  N  N1    . A   A 1 16 ? -18.536 4.252   28.270  1.00 118.62 ? 16  A   A N1    1 
ATOM   348  C  C2    . A   A 1 16 ? -19.391 5.270   28.062  1.00 116.02 ? 16  A   A C2    1 
ATOM   349  N  N3    . A   A 1 16 ? -20.634 5.242   27.578  1.00 113.99 ? 16  A   A N3    1 
ATOM   350  C  C4    . A   A 1 16 ? -20.993 3.974   27.288  1.00 116.47 ? 16  A   A C4    1 
ATOM   351  P  P     . A   A 1 17 ? -23.752 5.700   21.728  1.00 129.62 ? 17  A   A P     1 
ATOM   352  O  OP1   . A   A 1 17 ? -24.738 6.366   20.833  1.00 111.02 ? 17  A   A OP1   1 
ATOM   353  O  OP2   . A   A 1 17 ? -23.252 4.351   21.353  1.00 117.51 ? 17  A   A OP2   1 
ATOM   354  O  "O5'" . A   A 1 17 ? -22.502 6.674   21.947  1.00 117.20 ? 17  A   A "O5'" 1 
ATOM   355  C  "C5'" . A   A 1 17 ? -22.677 8.001   22.430  1.00 114.93 ? 17  A   A "C5'" 1 
ATOM   356  C  "C4'" . A   A 1 17 ? -21.392 8.568   22.991  1.00 113.18 ? 17  A   A "C4'" 1 
ATOM   357  O  "O4'" . A   A 1 17 ? -21.008 7.823   24.173  1.00 112.79 ? 17  A   A "O4'" 1 
ATOM   358  C  "C3'" . A   A 1 17 ? -20.180 8.486   22.074  1.00 110.78 ? 17  A   A "C3'" 1 
ATOM   359  O  "O3'" . A   A 1 17 ? -20.113 9.574   21.172  1.00 108.79 ? 17  A   A "O3'" 1 
ATOM   360  C  "C2'" . A   A 1 17 ? -19.007 8.429   23.042  1.00 109.04 ? 17  A   A "C2'" 1 
ATOM   361  O  "O2'" . A   A 1 17 ? -18.660 9.730   23.488  1.00 107.76 ? 17  A   A "O2'" 1 
ATOM   362  C  "C1'" . A   A 1 17 ? -19.608 7.658   24.215  1.00 115.22 ? 17  A   A "C1'" 1 
ATOM   363  N  N9    . A   A 1 17 ? -19.326 6.211   24.154  1.00 117.05 ? 17  A   A N9    1 
ATOM   364  C  C8    . A   A 1 17 ? -20.028 5.248   23.463  1.00 111.93 ? 17  A   A C8    1 
ATOM   365  N  N7    . A   A 1 17 ? -19.556 4.032   23.617  1.00 108.41 ? 17  A   A N7    1 
ATOM   366  C  C5    . A   A 1 17 ? -18.476 4.209   24.472  1.00 111.39 ? 17  A   A C5    1 
ATOM   367  C  C6    . A   A 1 17 ? -17.555 3.301   25.021  1.00 112.48 ? 17  A   A C6    1 
ATOM   368  N  N6    . A   A 1 17 ? -17.598 1.988   24.773  1.00 109.31 ? 17  A   A N6    1 
ATOM   369  N  N1    . A   A 1 17 ? -16.592 3.799   25.838  1.00 114.43 ? 17  A   A N1    1 
ATOM   370  C  C2    . A   A 1 17 ? -16.566 5.120   26.080  1.00 113.60 ? 17  A   A C2    1 
ATOM   371  N  N3    . A   A 1 17 ? -17.379 6.075   25.626  1.00 114.31 ? 17  A   A N3    1 
ATOM   372  C  C4    . A   A 1 17 ? -18.320 5.546   24.815  1.00 115.66 ? 17  A   A C4    1 
ATOM   373  P  P     . G   A 1 18 ? -19.421 9.384   19.737  1.00 121.45 ? 18  G   A P     1 
ATOM   374  O  OP1   . G   A 1 18 ? -19.400 10.711  19.065  1.00 114.35 ? 18  G   A OP1   1 
ATOM   375  O  OP2   . G   A 1 18 ? -20.087 8.242   19.047  1.00 109.84 ? 18  G   A OP2   1 
ATOM   376  O  "O5'" . G   A 1 18 ? -17.916 8.992   20.105  1.00 117.15 ? 18  G   A "O5'" 1 
ATOM   377  C  "C5'" . G   A 1 18 ? -17.212 7.988   19.384  1.00 111.49 ? 18  G   A "C5'" 1 
ATOM   378  C  "C4'" . G   A 1 18 ? -16.552 6.993   20.312  1.00 106.59 ? 18  G   A "C4'" 1 
ATOM   379  O  "O4'" . G   A 1 18 ? -17.563 6.293   21.088  1.00 109.91 ? 18  G   A "O4'" 1 
ATOM   380  C  "C3'" . G   A 1 18 ? -15.767 5.883   19.633  1.00 96.65  ? 18  G   A "C3'" 1 
ATOM   381  O  "O3'" . G   A 1 18 ? -14.460 6.294   19.265  1.00 97.81  ? 18  G   A "O3'" 1 
ATOM   382  C  "C2'" . G   A 1 18 ? -15.801 4.762   20.669  1.00 95.14  ? 18  G   A "C2'" 1 
ATOM   383  O  "O2'" . G   A 1 18 ? -14.851 4.991   21.700  1.00 90.27  ? 18  G   A "O2'" 1 
ATOM   384  C  "C1'" . G   A 1 18 ? -17.199 4.939   21.257  1.00 102.15 ? 18  G   A "C1'" 1 
ATOM   385  N  N9    . G   A 1 18 ? -18.203 4.107   20.564  1.00 99.65  ? 18  G   A N9    1 
ATOM   386  C  C8    . G   A 1 18 ? -19.163 4.582   19.700  1.00 99.75  ? 18  G   A C8    1 
ATOM   387  N  N7    . G   A 1 18 ? -19.932 3.649   19.215  1.00 95.11  ? 18  G   A N7    1 
ATOM   388  C  C5    . G   A 1 18 ? -19.457 2.480   19.795  1.00 94.06  ? 18  G   A C5    1 
ATOM   389  C  C6    . G   A 1 18 ? -19.908 1.143   19.636  1.00 91.30  ? 18  G   A C6    1 
ATOM   390  O  O6    . G   A 1 18 ? -20.842 0.734   18.924  1.00 90.65  ? 18  G   A O6    1 
ATOM   391  N  N1    . G   A 1 18 ? -19.154 0.256   20.406  1.00 86.53  ? 18  G   A N1    1 
ATOM   392  C  C2    . G   A 1 18 ? -18.106 0.617   21.216  1.00 86.29  ? 18  G   A C2    1 
ATOM   393  N  N2    . G   A 1 18 ? -17.509 -0.385  21.871  1.00 84.02  ? 18  G   A N2    1 
ATOM   394  N  N3    . G   A 1 18 ? -17.673 1.858   21.367  1.00 89.05  ? 18  G   A N3    1 
ATOM   395  C  C4    . G   A 1 18 ? -18.388 2.739   20.635  1.00 94.35  ? 18  G   A C4    1 
ATOM   396  P  P     . U   A 1 19 ? -13.796 5.795   17.885  1.00 104.23 ? 19  U   A P     1 
ATOM   397  O  OP1   . U   A 1 19 ? -12.504 6.516   17.697  1.00 95.23  ? 19  U   A OP1   1 
ATOM   398  O  OP2   . U   A 1 19 ? -14.814 5.837   16.802  1.00 95.06  ? 19  U   A OP2   1 
ATOM   399  O  "O5'" . U   A 1 19 ? -13.468 4.262   18.171  1.00 94.11  ? 19  U   A "O5'" 1 
ATOM   400  C  "C5'" . U   A 1 19 ? -12.726 3.876   19.317  1.00 88.50  ? 19  U   A "C5'" 1 
ATOM   401  C  "C4'" . U   A 1 19 ? -12.814 2.391   19.540  1.00 83.43  ? 19  U   A "C4'" 1 
ATOM   402  O  "O4'" . U   A 1 19 ? -14.159 2.026   19.943  1.00 85.92  ? 19  U   A "O4'" 1 
ATOM   403  C  "C3'" . U   A 1 19 ? -12.559 1.538   18.313  1.00 78.70  ? 19  U   A "C3'" 1 
ATOM   404  O  "O3'" . U   A 1 19 ? -11.184 1.385   18.035  1.00 75.23  ? 19  U   A "O3'" 1 
ATOM   405  C  "C2'" . U   A 1 19 ? -13.268 0.236   18.657  1.00 80.15  ? 19  U   A "C2'" 1 
ATOM   406  O  "O2'" . U   A 1 19 ? -12.467 -0.560  19.517  1.00 76.07  ? 19  U   A "O2'" 1 
ATOM   407  C  "C1'" . U   A 1 19 ? -14.482 0.748   19.435  1.00 80.32  ? 19  U   A "C1'" 1 
ATOM   408  N  N1    . U   A 1 19 ? -15.680 0.885   18.579  1.00 79.42  ? 19  U   A N1    1 
ATOM   409  C  C2    . U   A 1 19 ? -16.446 -0.242  18.287  1.00 79.03  ? 19  U   A C2    1 
ATOM   410  O  O2    . U   A 1 19 ? -16.197 -1.371  18.689  1.00 72.95  ? 19  U   A O2    1 
ATOM   411  N  N3    . U   A 1 19 ? -17.539 0.011   17.490  1.00 80.92  ? 19  U   A N3    1 
ATOM   412  C  C4    . U   A 1 19 ? -17.926 1.237   16.974  1.00 83.00  ? 19  U   A C4    1 
ATOM   413  O  O4    . U   A 1 19 ? -18.935 1.310   16.271  1.00 84.63  ? 19  U   A O4    1 
ATOM   414  C  C5    . U   A 1 19 ? -17.085 2.337   17.326  1.00 81.71  ? 19  U   A C5    1 
ATOM   415  C  C6    . U   A 1 19 ? -16.022 2.126   18.099  1.00 81.31  ? 19  U   A C6    1 
ATOM   416  P  P     . C   A 1 20 ? -10.698 1.240   16.516  1.00 75.97  ? 20  C   A P     1 
ATOM   417  O  OP1   . C   A 1 20 ? -9.267  1.625   16.444  1.00 74.75  ? 20  C   A OP1   1 
ATOM   418  O  OP2   . C   A 1 20 ? -11.659 1.959   15.645  1.00 71.46  ? 20  C   A OP2   1 
ATOM   419  O  "O5'" . C   A 1 20 ? -10.844 -0.324  16.251  1.00 71.81  ? 20  C   A "O5'" 1 
ATOM   420  C  "C5'" . C   A 1 20 ? -10.379 -1.273  17.203  1.00 64.95  ? 20  C   A "C5'" 1 
ATOM   421  C  "C4'" . C   A 1 20 ? -10.998 -2.633  16.980  1.00 63.70  ? 20  C   A "C4'" 1 
ATOM   422  O  "O4'" . C   A 1 20 ? -12.399 -2.600  17.347  1.00 64.28  ? 20  C   A "O4'" 1 
ATOM   423  C  "C3'" . C   A 1 20 ? -10.995 -3.136  15.545  1.00 59.22  ? 20  C   A "C3'" 1 
ATOM   424  O  "O3'" . C   A 1 20 ? -9.769  -3.749  15.186  1.00 58.62  ? 20  C   A "O3'" 1 
ATOM   425  C  "C2'" . C   A 1 20 ? -12.171 -4.100  15.515  1.00 56.95  ? 20  C   A "C2'" 1 
ATOM   426  O  "O2'" . C   A 1 20 ? -11.788 -5.355  16.049  1.00 55.04  ? 20  C   A "O2'" 1 
ATOM   427  C  "C1'" . C   A 1 20 ? -13.145 -3.433  16.485  1.00 61.09  ? 20  C   A "C1'" 1 
ATOM   428  N  N1    . C   A 1 20 ? -14.178 -2.607  15.812  1.00 64.23  ? 20  C   A N1    1 
ATOM   429  C  C2    . C   A 1 20 ? -15.361 -3.212  15.400  1.00 60.11  ? 20  C   A C2    1 
ATOM   430  O  O2    . C   A 1 20 ? -15.471 -4.425  15.575  1.00 60.28  ? 20  C   A O2    1 
ATOM   431  N  N3    . C   A 1 20 ? -16.336 -2.480  14.818  1.00 58.90  ? 20  C   A N3    1 
ATOM   432  C  C4    . C   A 1 20 ? -16.152 -1.170  14.642  1.00 63.60  ? 20  C   A C4    1 
ATOM   433  N  N4    . C   A 1 20 ? -17.123 -0.464  14.056  1.00 66.27  ? 20  C   A N4    1 
ATOM   434  C  C5    . C   A 1 20 ? -14.958 -0.517  15.057  1.00 65.10  ? 20  C   A C5    1 
ATOM   435  C  C6    . C   A 1 20 ? -14.011 -1.262  15.636  1.00 65.58  ? 20  C   A C6    1 
ATOM   436  P  P     . G   A 1 21 ? -9.101  -3.444  13.758  1.00 55.70  ? 21  G   A P     1 
ATOM   437  O  OP1   . G   A 1 21 ? -7.687  -3.886  13.742  1.00 49.97  ? 21  G   A OP1   1 
ATOM   438  O  OP2   . G   A 1 21 ? -9.504  -2.086  13.313  1.00 55.29  ? 21  G   A OP2   1 
ATOM   439  O  "O5'" . G   A 1 21 ? -9.851  -4.437  12.796  1.00 52.04  ? 21  G   A "O5'" 1 
ATOM   440  C  "C5'" . G   A 1 21 ? -10.107 -5.764  13.190  1.00 45.93  ? 21  G   A "C5'" 1 
ATOM   441  C  "C4'" . G   A 1 21 ? -11.076 -6.398  12.248  1.00 46.55  ? 21  G   A "C4'" 1 
ATOM   442  O  "O4'" . G   A 1 21 ? -12.409 -5.867  12.509  1.00 49.19  ? 21  G   A "O4'" 1 
ATOM   443  C  "C3'" . G   A 1 21 ? -10.792 -6.144  10.766  1.00 44.25  ? 21  G   A "C3'" 1 
ATOM   444  O  "O3'" . G   A 1 21 ? -11.059 -7.331  10.033  1.00 43.03  ? 21  G   A "O3'" 1 
ATOM   445  C  "C2'" . G   A 1 21 ? -11.833 -5.081  10.413  1.00 48.77  ? 21  G   A "C2'" 1 
ATOM   446  O  "O2'" . G   A 1 21 ? -12.193 -4.997  9.055   1.00 51.18  ? 21  G   A "O2'" 1 
ATOM   447  C  "C1'" . G   A 1 21 ? -12.997 -5.513  11.286  1.00 47.77  ? 21  G   A "C1'" 1 
ATOM   448  N  N9    . G   A 1 21 ? -14.036 -4.496  11.455  1.00 51.89  ? 21  G   A N9    1 
ATOM   449  C  C8    . G   A 1 21 ? -13.871 -3.173  11.780  1.00 55.46  ? 21  G   A C8    1 
ATOM   450  N  N7    . G   A 1 21 ? -14.992 -2.505  11.783  1.00 54.26  ? 21  G   A N7    1 
ATOM   451  C  C5    . G   A 1 21 ? -15.953 -3.439  11.426  1.00 52.85  ? 21  G   A C5    1 
ATOM   452  C  C6    . G   A 1 21 ? -17.348 -3.288  11.254  1.00 53.36  ? 21  G   A C6    1 
ATOM   453  O  O6    . G   A 1 21 ? -18.033 -2.278  11.403  1.00 57.60  ? 21  G   A O6    1 
ATOM   454  N  N1    . G   A 1 21 ? -17.964 -4.466  10.877  1.00 53.45  ? 21  G   A N1    1 
ATOM   455  C  C2    . G   A 1 21 ? -17.312 -5.654  10.687  1.00 57.94  ? 21  G   A C2    1 
ATOM   456  N  N2    . G   A 1 21 ? -18.096 -6.675  10.316  1.00 58.84  ? 21  G   A N2    1 
ATOM   457  N  N3    . G   A 1 21 ? -15.999 -5.820  10.830  1.00 56.79  ? 21  G   A N3    1 
ATOM   458  C  C4    . G   A 1 21 ? -15.383 -4.672  11.209  1.00 52.98  ? 21  G   A C4    1 
ATOM   459  P  P     . C   A 1 22 ? -9.903  -8.045  9.187   1.00 49.00  ? 22  C   A P     1 
ATOM   460  O  OP1   . C   A 1 22 ? -10.511 -9.228  8.524   1.00 50.69  ? 22  C   A OP1   1 
ATOM   461  O  OP2   . C   A 1 22 ? -8.674  -8.182  10.003  1.00 50.59  ? 22  C   A OP2   1 
ATOM   462  O  "O5'" . C   A 1 22 ? -9.591  -6.994  8.045   1.00 50.16  ? 22  C   A "O5'" 1 
ATOM   463  C  "C5'" . C   A 1 22 ? -8.263  -6.573  7.769   1.00 48.51  ? 22  C   A "C5'" 1 
ATOM   464  C  "C4'" . C   A 1 22 ? -8.284  -5.296  6.978   1.00 47.21  ? 22  C   A "C4'" 1 
ATOM   465  O  "O4'" . C   A 1 22 ? -8.487  -5.618  5.581   1.00 46.44  ? 22  C   A "O4'" 1 
ATOM   466  C  "C3'" . C   A 1 22 ? -9.415  -4.350  7.359   1.00 47.96  ? 22  C   A "C3'" 1 
ATOM   467  O  "O3'" . C   A 1 22 ? -8.997  -3.010  7.116   1.00 48.61  ? 22  C   A "O3'" 1 
ATOM   468  C  "C2'" . C   A 1 22 ? -10.516 -4.744  6.382   1.00 44.18  ? 22  C   A "C2'" 1 
ATOM   469  O  "O2'" . C   A 1 22 ? -11.479 -3.750  6.139   1.00 38.90  ? 22  C   A "O2'" 1 
ATOM   470  C  "C1'" . C   A 1 22 ? -9.715  -5.074  5.133   1.00 48.56  ? 22  C   A "C1'" 1 
ATOM   471  N  N1    . C   A 1 22 ? -10.352 -6.078  4.268   1.00 49.82  ? 22  C   A N1    1 
ATOM   472  C  C2    . C   A 1 22 ? -11.065 -5.656  3.152   1.00 49.66  ? 22  C   A C2    1 
ATOM   473  O  O2    . C   A 1 22 ? -11.149 -4.445  2.937   1.00 57.50  ? 22  C   A O2    1 
ATOM   474  N  N3    . C   A 1 22 ? -11.640 -6.562  2.343   1.00 48.96  ? 22  C   A N3    1 
ATOM   475  C  C4    . C   A 1 22 ? -11.517 -7.853  2.623   1.00 50.91  ? 22  C   A C4    1 
ATOM   476  N  N4    . C   A 1 22 ? -12.099 -8.728  1.806   1.00 51.51  ? 22  C   A N4    1 
ATOM   477  C  C5    . C   A 1 22 ? -10.799 -8.314  3.758   1.00 50.28  ? 22  C   A C5    1 
ATOM   478  C  C6    . C   A 1 22 ? -10.240 -7.403  4.550   1.00 47.30  ? 22  C   A C6    1 
ATOM   479  P  P     . C   A 1 23 ? -9.306  -1.849  8.181   1.00 46.52  ? 23  C   A P     1 
ATOM   480  O  OP1   . C   A 1 23 ? -10.730 -1.959  8.554   1.00 44.88  ? 23  C   A OP1   1 
ATOM   481  O  OP2   . C   A 1 23 ? -8.711  -0.572  7.657   1.00 53.19  ? 23  C   A OP2   1 
ATOM   482  O  "O5'" . C   A 1 23 ? -8.502  -2.248  9.492   1.00 48.27  ? 23  C   A "O5'" 1 
ATOM   483  C  "C5'" . C   A 1 23 ? -7.089  -2.242  9.531   1.00 44.46  ? 23  C   A "C5'" 1 
ATOM   484  C  "C4'" . C   A 1 23 ? -6.604  -3.071  10.687  1.00 49.51  ? 23  C   A "C4'" 1 
ATOM   485  O  "O4'" . C   A 1 23 ? -6.655  -4.469  10.334  1.00 47.79  ? 23  C   A "O4'" 1 
ATOM   486  C  "C3'" . C   A 1 23 ? -5.167  -2.857  11.108  1.00 50.57  ? 23  C   A "C3'" 1 
ATOM   487  O  "O3'" . C   A 1 23 ? -5.016  -1.713  11.920  1.00 54.06  ? 23  C   A "O3'" 1 
ATOM   488  C  "C2'" . C   A 1 23 ? -4.819  -4.162  11.819  1.00 50.25  ? 23  C   A "C2'" 1 
ATOM   489  O  "O2'" . C   A 1 23 ? -5.252  -4.148  13.171  1.00 52.90  ? 23  C   A "O2'" 1 
ATOM   490  C  "C1'" . C   A 1 23 ? -5.673  -5.175  11.059  1.00 50.66  ? 23  C   A "C1'" 1 
ATOM   491  N  N1    . C   A 1 23 ? -4.911  -6.047  10.141  1.00 49.34  ? 23  C   A N1    1 
ATOM   492  C  C2    . C   A 1 23 ? -4.076  -7.040  10.667  1.00 49.24  ? 23  C   A C2    1 
ATOM   493  O  O2    . C   A 1 23 ? -3.944  -7.131  11.893  1.00 50.66  ? 23  C   A O2    1 
ATOM   494  N  N3    . C   A 1 23 ? -3.415  -7.864  9.837   1.00 47.55  ? 23  C   A N3    1 
ATOM   495  C  C4    . C   A 1 23 ? -3.583  -7.721  8.531   1.00 49.12  ? 23  C   A C4    1 
ATOM   496  N  N4    . C   A 1 23 ? -2.922  -8.541  7.715   1.00 49.54  ? 23  C   A N4    1 
ATOM   497  C  C5    . C   A 1 23 ? -4.444  -6.731  7.977   1.00 49.73  ? 23  C   A C5    1 
ATOM   498  C  C6    . C   A 1 23 ? -5.096  -5.924  8.807   1.00 47.09  ? 23  C   A C6    1 
ATOM   499  P  P     . A   A 1 24 ? -3.623  -0.921  11.942  1.00 55.55  ? 24  A   A P     1 
ATOM   500  O  OP1   . A   A 1 24 ? -3.850  0.194   12.896  1.00 49.17  ? 24  A   A OP1   1 
ATOM   501  O  OP2   . A   A 1 24 ? -3.098  -0.750  10.564  1.00 49.33  ? 24  A   A OP2   1 
ATOM   502  O  "O5'" . A   A 1 24 ? -2.654  -1.899  12.731  1.00 54.64  ? 24  A   A "O5'" 1 
ATOM   503  C  "C5'" . A   A 1 24 ? -2.933  -2.137  14.098  1.00 55.89  ? 24  A   A "C5'" 1 
ATOM   504  C  "C4'" . A   A 1 24 ? -1.932  -3.044  14.749  1.00 56.64  ? 24  A   A "C4'" 1 
ATOM   505  O  "O4'" . A   A 1 24 ? -2.156  -4.421  14.362  1.00 57.35  ? 24  A   A "O4'" 1 
ATOM   506  C  "C3'" . A   A 1 24 ? -0.476  -2.816  14.417  1.00 57.54  ? 24  A   A "C3'" 1 
ATOM   507  O  "O3'" . A   A 1 24 ? 0.062   -1.683  15.072  1.00 58.88  ? 24  A   A "O3'" 1 
ATOM   508  C  "C2'" . A   A 1 24 ? 0.143   -4.131  14.862  1.00 59.25  ? 24  A   A "C2'" 1 
ATOM   509  O  "O2'" . A   A 1 24 ? 0.218   -4.167  16.280  1.00 66.42  ? 24  A   A "O2'" 1 
ATOM   510  C  "C1'" . A   A 1 24 ? -0.934  -5.125  14.433  1.00 53.74  ? 24  A   A "C1'" 1 
ATOM   511  N  N9    . A   A 1 24 ? -0.663  -5.709  13.119  1.00 51.92  ? 24  A   A N9    1 
ATOM   512  C  C8    . A   A 1 24 ? -0.962  -5.191  11.896  1.00 50.90  ? 24  A   A C8    1 
ATOM   513  N  N7    . A   A 1 24 ? -0.590  -5.965  10.915  1.00 51.38  ? 24  A   A N7    1 
ATOM   514  C  C5    . A   A 1 24 ? -0.022  -7.060  11.539  1.00 50.17  ? 24  A   A C5    1 
ATOM   515  C  C6    . A   A 1 24 ? 0.540   -8.230  11.047  1.00 52.98  ? 24  A   A C6    1 
ATOM   516  N  N6    . A   A 1 24 ? 0.646   -8.506  9.751   1.00 58.69  ? 24  A   A N6    1 
ATOM   517  N  N1    . A   A 1 24 ? 0.994   -9.125  11.934  1.00 57.52  ? 24  A   A N1    1 
ATOM   518  C  C2    . A   A 1 24 ? 0.886   -8.844  13.232  1.00 57.38  ? 24  A   A C2    1 
ATOM   519  N  N3    . A   A 1 24 ? 0.384   -7.772  13.823  1.00 54.31  ? 24  A   A N3    1 
ATOM   520  C  C4    . A   A 1 24 ? -0.061  -6.915  12.901  1.00 54.51  ? 24  A   A C4    1 
ATOM   521  P  P     . C   A 1 25 ? 1.292   -0.861  14.438  1.00 72.12  ? 25  C   A P     1 
ATOM   522  O  OP1   . C   A 1 25 ? 1.463   0.279   15.378  1.00 68.59  ? 25  C   A OP1   1 
ATOM   523  O  OP2   . C   A 1 25 ? 1.157   -0.581  12.983  1.00 61.99  ? 25  C   A OP2   1 
ATOM   524  O  "O5'" . C   A 1 25 ? 2.525   -1.868  14.542  1.00 68.08  ? 25  C   A "O5'" 1 
ATOM   525  C  "C5'" . C   A 1 25 ? 3.101   -2.187  15.796  1.00 63.60  ? 25  C   A "C5'" 1 
ATOM   526  C  "C4'" . C   A 1 25 ? 4.006   -3.380  15.692  1.00 61.94  ? 25  C   A "C4'" 1 
ATOM   527  O  "O4'" . C   A 1 25 ? 3.278   -4.488  15.118  1.00 62.86  ? 25  C   A "O4'" 1 
ATOM   528  C  "C3'" . C   A 1 25 ? 5.209   -3.248  14.780  1.00 68.61  ? 25  C   A "C3'" 1 
ATOM   529  O  "O3'" . C   A 1 25 ? 6.274   -2.507  15.345  1.00 74.11  ? 25  C   A "O3'" 1 
ATOM   530  C  "C2'" . C   A 1 25 ? 5.559   -4.707  14.505  1.00 70.04  ? 25  C   A "C2'" 1 
ATOM   531  O  "O2'" . C   A 1 25 ? 6.239   -5.278  15.613  1.00 70.97  ? 25  C   A "O2'" 1 
ATOM   532  C  "C1'" . C   A 1 25 ? 4.171   -5.335  14.424  1.00 62.74  ? 25  C   A "C1'" 1 
ATOM   533  N  N1    . C   A 1 25 ? 3.716   -5.499  13.027  1.00 62.15  ? 25  C   A N1    1 
ATOM   534  C  C2    . C   A 1 25 ? 4.090   -6.674  12.373  1.00 63.51  ? 25  C   A C2    1 
ATOM   535  O  O2    . C   A 1 25 ? 4.763   -7.496  13.005  1.00 66.68  ? 25  C   A O2    1 
ATOM   536  N  N3    . C   A 1 25 ? 3.712   -6.891  11.092  1.00 63.90  ? 25  C   A N3    1 
ATOM   537  C  C4    . C   A 1 25 ? 2.980   -5.964  10.464  1.00 63.46  ? 25  C   A C4    1 
ATOM   538  N  N4    . C   A 1 25 ? 2.614   -6.206  9.197   1.00 62.59  ? 25  C   A N4    1 
ATOM   539  C  C5    . C   A 1 25 ? 2.589   -4.750  11.109  1.00 57.67  ? 25  C   A C5    1 
ATOM   540  C  C6    . C   A 1 25 ? 2.971   -4.557  12.379  1.00 60.33  ? 25  C   A C6    1 
ATOM   541  P  P     . A   A 1 26 ? 7.312   -1.731  14.390  1.00 77.75  ? 26  A   A P     1 
ATOM   542  O  OP1   . A   A 1 26 ? 8.065   -0.811  15.285  1.00 83.05  ? 26  A   A OP1   1 
ATOM   543  O  OP2   . A   A 1 26 ? 6.584   -1.188  13.215  1.00 68.67  ? 26  A   A OP2   1 
ATOM   544  O  "O5'" . A   A 1 26 ? 8.271   -2.871  13.826  1.00 68.13  ? 26  A   A "O5'" 1 
ATOM   545  C  "C5'" . A   A 1 26 ? 8.984   -3.735  14.697  1.00 68.29  ? 26  A   A "C5'" 1 
ATOM   546  C  "C4'" . A   A 1 26 ? 9.629   -4.877  13.945  1.00 70.16  ? 26  A   A "C4'" 1 
ATOM   547  O  "O4'" . A   A 1 26 ? 8.616   -5.809  13.479  1.00 72.18  ? 26  A   A "O4'" 1 
ATOM   548  C  "C3'" . A   A 1 26 ? 10.404  -4.523  12.684  1.00 65.72  ? 26  A   A "C3'" 1 
ATOM   549  O  "O3'" . A   A 1 26 ? 11.700  -4.013  12.952  1.00 71.41  ? 26  A   A "O3'" 1 
ATOM   550  C  "C2'" . A   A 1 26 ? 10.418  -5.848  11.935  1.00 66.68  ? 26  A   A "C2'" 1 
ATOM   551  O  "O2'" . A   A 1 26 ? 11.386  -6.728  12.490  1.00 67.78  ? 26  A   A "O2'" 1 
ATOM   552  C  "C1'" . A   A 1 26 ? 9.024   -6.392  12.259  1.00 68.28  ? 26  A   A "C1'" 1 
ATOM   553  N  N9    . A   A 1 26 ? 8.041   -6.048  11.207  1.00 70.97  ? 26  A   A N9    1 
ATOM   554  C  C8    . A   A 1 26 ? 7.180   -4.970  11.156  1.00 66.75  ? 26  A   A C8    1 
ATOM   555  N  N7    . A   A 1 26 ? 6.440   -4.934  10.072  1.00 64.21  ? 26  A   A N7    1 
ATOM   556  C  C5    . A   A 1 26 ? 6.831   -6.057  9.358   1.00 64.28  ? 26  A   A C5    1 
ATOM   557  C  C6    . A   A 1 26 ? 6.420   -6.591  8.124   1.00 65.00  ? 26  A   A C6    1 
ATOM   558  N  N6    . A   A 1 26 ? 5.484   -6.035  7.360   1.00 63.74  ? 26  A   A N6    1 
ATOM   559  N  N1    . A   A 1 26 ? 7.007   -7.729  7.685   1.00 65.02  ? 26  A   A N1    1 
ATOM   560  C  C2    . A   A 1 26 ? 7.952   -8.292  8.451   1.00 65.30  ? 26  A   A C2    1 
ATOM   561  N  N3    . A   A 1 26 ? 8.424   -7.885  9.628   1.00 67.34  ? 26  A   A N3    1 
ATOM   562  C  C4    . A   A 1 26 ? 7.817   -6.751  10.037  1.00 68.06  ? 26  A   A C4    1 
ATOM   563  P  P     . G   A 1 27 ? 12.478  -3.071  11.897  1.00 80.18  ? 27  G   A P     1 
ATOM   564  O  OP1   . G   A 1 27 ? 13.794  -2.793  12.529  1.00 78.16  ? 27  G   A OP1   1 
ATOM   565  O  OP2   . G   A 1 27 ? 11.628  -1.925  11.479  1.00 70.21  ? 27  G   A OP2   1 
ATOM   566  O  "O5'" . G   A 1 27 ? 12.752  -4.011  10.634  1.00 68.45  ? 27  G   A "O5'" 1 
ATOM   567  C  "C5'" . G   A 1 27 ? 13.822  -4.940  10.655  1.00 65.83  ? 27  G   A "C5'" 1 
ATOM   568  C  "C4'" . G   A 1 27 ? 13.682  -5.995  9.589   1.00 70.10  ? 27  G   A "C4'" 1 
ATOM   569  O  "O4'" . G   A 1 27 ? 12.322  -6.502  9.563   1.00 70.69  ? 27  G   A "O4'" 1 
ATOM   570  C  "C3'" . G   A 1 27 ? 13.930  -5.557  8.153   1.00 73.23  ? 27  G   A "C3'" 1 
ATOM   571  O  "O3'" . G   A 1 27 ? 15.305  -5.461  7.817   1.00 76.80  ? 27  G   A "O3'" 1 
ATOM   572  C  "C2'" . G   A 1 27 ? 13.200  -6.632  7.366   1.00 69.86  ? 27  G   A "C2'" 1 
ATOM   573  O  "O2'" . G   A 1 27 ? 13.965  -7.827  7.348   1.00 65.70  ? 27  G   A "O2'" 1 
ATOM   574  C  "C1'" . G   A 1 27 ? 11.967  -6.850  8.242   1.00 69.56  ? 27  G   A "C1'" 1 
ATOM   575  N  N9    . G   A 1 27 ? 10.854  -5.982  7.814   1.00 69.47  ? 27  G   A N9    1 
ATOM   576  C  C8    . G   A 1 27 ? 10.394  -4.860  8.454   1.00 67.46  ? 27  G   A C8    1 
ATOM   577  N  N7    . G   A 1 27 ? 9.397   -4.292  7.830   1.00 65.77  ? 27  G   A N7    1 
ATOM   578  C  C5    . G   A 1 27 ? 9.193   -5.081  6.707   1.00 63.91  ? 27  G   A C5    1 
ATOM   579  C  C6    . G   A 1 27 ? 8.246   -4.955  5.660   1.00 64.97  ? 27  G   A C6    1 
ATOM   580  O  O6    . G   A 1 27 ? 7.377   -4.085  5.520   1.00 69.20  ? 27  G   A O6    1 
ATOM   581  N  N1    . G   A 1 27 ? 8.382   -5.964  4.716   1.00 61.69  ? 27  G   A N1    1 
ATOM   582  C  C2    . G   A 1 27 ? 9.311   -6.971  4.782   1.00 63.09  ? 27  G   A C2    1 
ATOM   583  N  N2    . G   A 1 27 ? 9.289   -7.857  3.777   1.00 62.85  ? 27  G   A N2    1 
ATOM   584  N  N3    . G   A 1 27 ? 10.196  -7.106  5.756   1.00 62.25  ? 27  G   A N3    1 
ATOM   585  C  C4    . G   A 1 27 ? 10.085  -6.129  6.679   1.00 65.21  ? 27  G   A C4    1 
ATOM   586  P  P     . U   A 1 28 ? 15.867  -4.167  7.036   1.00 86.03  ? 28  U   A P     1 
ATOM   587  O  OP1   . U   A 1 28 ? 17.332  -4.170  7.282   1.00 73.59  ? 28  U   A OP1   1 
ATOM   588  O  OP2   . U   A 1 28 ? 15.062  -2.977  7.428   1.00 78.27  ? 28  U   A OP2   1 
ATOM   589  O  "O5'" . U   A 1 28 ? 15.520  -4.433  5.495   1.00 69.58  ? 28  U   A "O5'" 1 
ATOM   590  C  "C5'" . U   A 1 28 ? 15.656  -5.725  4.927   1.00 66.73  ? 28  U   A "C5'" 1 
ATOM   591  C  "C4'" . U   A 1 28 ? 14.648  -5.981  3.829   1.00 70.51  ? 28  U   A "C4'" 1 
ATOM   592  O  "O4'" . U   A 1 28 ? 13.298  -5.984  4.352   1.00 72.97  ? 28  U   A "O4'" 1 
ATOM   593  C  "C3'" . U   A 1 28 ? 14.594  -4.972  2.696   1.00 70.37  ? 28  U   A "C3'" 1 
ATOM   594  O  "O3'" . U   A 1 28 ? 15.641  -5.168  1.769   1.00 71.28  ? 28  U   A "O3'" 1 
ATOM   595  C  "C2'" . U   A 1 28 ? 13.204  -5.214  2.107   1.00 65.78  ? 28  U   A "C2'" 1 
ATOM   596  O  "O2'" . U   A 1 28 ? 13.188  -6.376  1.296   1.00 62.17  ? 28  U   A "O2'" 1 
ATOM   597  C  "C1'" . U   A 1 28 ? 12.397  -5.530  3.359   1.00 66.93  ? 28  U   A "C1'" 1 
ATOM   598  N  N1    . U   A 1 28 ? 11.653  -4.360  3.881   1.00 65.23  ? 28  U   A N1    1 
ATOM   599  C  C2    . U   A 1 28 ? 10.534  -3.925  3.191   1.00 62.22  ? 28  U   A C2    1 
ATOM   600  O  O2    . U   A 1 28 ? 10.144  -4.427  2.159   1.00 66.52  ? 28  U   A O2    1 
ATOM   601  N  N3    . U   A 1 28 ? 9.875   -2.864  3.733   1.00 59.11  ? 28  U   A N3    1 
ATOM   602  C  C4    . U   A 1 28 ? 10.213  -2.206  4.889   1.00 66.18  ? 28  U   A C4    1 
ATOM   603  O  O4    . U   A 1 28 ? 9.527   -1.249  5.270   1.00 71.61  ? 28  U   A O4    1 
ATOM   604  C  C5    . U   A 1 28 ? 11.373  -2.728  5.551   1.00 68.11  ? 28  U   A C5    1 
ATOM   605  C  C6    . U   A 1 28 ? 12.041  -3.764  5.048   1.00 64.01  ? 28  U   A C6    1 
ATOM   606  P  P     . U   A 1 29 ? 16.142  -3.969  0.840   1.00 72.09  ? 29  U   A P     1 
ATOM   607  O  OP1   . U   A 1 29 ? 17.291  -4.520  0.088   1.00 70.59  ? 29  U   A OP1   1 
ATOM   608  O  OP2   . U   A 1 29 ? 16.258  -2.725  1.641   1.00 70.48  ? 29  U   A OP2   1 
ATOM   609  O  "O5'" . U   A 1 29 ? 14.954  -3.754  -0.188  1.00 67.14  ? 29  U   A "O5'" 1 
ATOM   610  C  "C5'" . U   A 1 29 ? 14.616  -4.772  -1.113  1.00 64.06  ? 29  U   A "C5'" 1 
ATOM   611  C  "C4'" . U   A 1 29 ? 13.495  -4.348  -2.022  1.00 60.25  ? 29  U   A "C4'" 1 
ATOM   612  O  "O4'" . U   A 1 29 ? 12.343  -3.924  -1.233  1.00 67.36  ? 29  U   A "O4'" 1 
ATOM   613  C  "C3'" . U   A 1 29 ? 13.818  -3.193  -2.956  1.00 58.83  ? 29  U   A "C3'" 1 
ATOM   614  O  "O3'" . U   A 1 29 ? 13.267  -3.472  -4.228  1.00 60.78  ? 29  U   A "O3'" 1 
ATOM   615  C  "C2'" . U   A 1 29 ? 13.070  -2.016  -2.327  1.00 62.10  ? 29  U   A "C2'" 1 
ATOM   616  O  "O2'" . U   A 1 29 ? 12.703  -0.999  -3.235  1.00 70.41  ? 29  U   A "O2'" 1 
ATOM   617  C  "C1'" . U   A 1 29 ? 11.854  -2.707  -1.744  1.00 56.16  ? 29  U   A "C1'" 1 
ATOM   618  N  N1    . U   A 1 29 ? 11.194  -1.956  -0.667  1.00 59.28  ? 29  U   A N1    1 
ATOM   619  C  C2    . U   A 1 29 ? 9.908   -1.457  -0.886  1.00 61.16  ? 29  U   A C2    1 
ATOM   620  O  O2    . U   A 1 29 ? 9.290   -1.608  -1.922  1.00 59.66  ? 29  U   A O2    1 
ATOM   621  N  N3    . U   A 1 29 ? 9.354   -0.744  0.153   1.00 58.28  ? 29  U   A N3    1 
ATOM   622  C  C4    . U   A 1 29 ? 9.951   -0.476  1.366   1.00 57.30  ? 29  U   A C4    1 
ATOM   623  O  O4    . U   A 1 29 ? 9.339   0.175   2.204   1.00 57.76  ? 29  U   A O4    1 
ATOM   624  C  C5    . U   A 1 29 ? 11.267  -1.020  1.522   1.00 59.95  ? 29  U   A C5    1 
ATOM   625  C  C6    . U   A 1 29 ? 11.833  -1.722  0.528   1.00 62.60  ? 29  U   A C6    1 
ATOM   626  P  P     . U   A 1 30 ? 14.245  -3.701  -5.469  1.00 64.87  ? 30  U   A P     1 
ATOM   627  O  OP1   . U   A 1 30 ? 13.411  -3.948  -6.688  1.00 57.48  ? 30  U   A OP1   1 
ATOM   628  O  OP2   . U   A 1 30 ? 15.291  -4.618  -4.945  1.00 61.67  ? 30  U   A OP2   1 
ATOM   629  O  "O5'" . U   A 1 30 ? 14.972  -2.298  -5.672  1.00 66.87  ? 30  U   A "O5'" 1 
ATOM   630  C  "C5'" . U   A 1 30 ? 14.292  -1.190  -6.243  1.00 62.95  ? 30  U   A "C5'" 1 
ATOM   631  C  "C4'" . U   A 1 30 ? 15.198  0.007   -6.358  1.00 59.68  ? 30  U   A "C4'" 1 
ATOM   632  O  "O4'" . U   A 1 30 ? 15.614  0.442   -5.041  1.00 65.01  ? 30  U   A "O4'" 1 
ATOM   633  C  "C3'" . U   A 1 30 ? 16.507  -0.221  -7.079  1.00 61.59  ? 30  U   A "C3'" 1 
ATOM   634  O  "O3'" . U   A 1 30 ? 16.371  -0.245  -8.486  1.00 65.34  ? 30  U   A "O3'" 1 
ATOM   635  C  "C2'" . U   A 1 30 ? 17.370  0.916   -6.557  1.00 57.31  ? 30  U   A "C2'" 1 
ATOM   636  O  "O2'" . U   A 1 30 ? 17.022  2.141   -7.181  1.00 61.66  ? 30  U   A "O2'" 1 
ATOM   637  C  "C1'" . U   A 1 30 ? 16.913  0.986   -5.107  1.00 57.51  ? 30  U   A "C1'" 1 
ATOM   638  N  N1    . U   A 1 30 ? 17.788  0.209   -4.215  1.00 60.16  ? 30  U   A N1    1 
ATOM   639  C  C2    . U   A 1 30 ? 18.920  0.840   -3.739  1.00 60.38  ? 30  U   A C2    1 
ATOM   640  O  O2    . U   A 1 30 ? 19.207  1.982   -4.042  1.00 58.45  ? 30  U   A O2    1 
ATOM   641  N  N3    . U   A 1 30 ? 19.706  0.081   -2.909  1.00 60.47  ? 30  U   A N3    1 
ATOM   642  C  C4    . U   A 1 30 ? 19.463  -1.219  -2.512  1.00 58.07  ? 30  U   A C4    1 
ATOM   643  O  O4    . U   A 1 30 ? 20.247  -1.783  -1.745  1.00 62.19  ? 30  U   A O4    1 
ATOM   644  C  C5    . U   A 1 30 ? 18.264  -1.784  -3.046  1.00 59.29  ? 30  U   A C5    1 
ATOM   645  C  C6    . U   A 1 30 ? 17.478  -1.074  -3.860  1.00 57.28  ? 30  U   A C6    1 
ATOM   646  P  P     . G   A 1 31 ? 17.154  -1.364  -9.320  1.00 60.52  ? 31  G   A P     1 
ATOM   647  O  OP1   . G   A 1 31 ? 16.907  -1.078  -10.745 1.00 60.60  ? 31  G   A OP1   1 
ATOM   648  O  OP2   . G   A 1 31 ? 16.797  -2.690  -8.744  1.00 64.57  ? 31  G   A OP2   1 
ATOM   649  O  "O5'" . G   A 1 31 ? 18.682  -1.078  -8.977  1.00 59.47  ? 31  G   A "O5'" 1 
ATOM   650  C  "C5'" . G   A 1 31 ? 19.733  -1.639  -9.746  1.00 62.34  ? 31  G   A "C5'" 1 
ATOM   651  C  "C4'" . G   A 1 31 ? 20.916  -0.710  -9.788  1.00 58.70  ? 31  G   A "C4'" 1 
ATOM   652  O  "O4'" . G   A 1 31 ? 20.704  0.286   -10.813 1.00 60.20  ? 31  G   A "O4'" 1 
ATOM   653  C  "C3'" . G   A 1 31 ? 21.143  0.083   -8.512  1.00 57.03  ? 31  G   A "C3'" 1 
ATOM   654  O  "O3'" . G   A 1 31 ? 21.957  -0.629  -7.600  1.00 56.11  ? 31  G   A "O3'" 1 
ATOM   655  C  "C2'" . G   A 1 31 ? 21.791  1.364   -9.006  1.00 57.29  ? 31  G   A "C2'" 1 
ATOM   656  O  "O2'" . G   A 1 31 ? 23.171  1.158   -9.211  1.00 54.91  ? 31  G   A "O2'" 1 
ATOM   657  C  "C1'" . G   A 1 31 ? 21.128  1.545   -10.367 1.00 61.49  ? 31  G   A "C1'" 1 
ATOM   658  N  N9    . G   A 1 31 ? 19.938  2.406   -10.315 1.00 64.96  ? 31  G   A N9    1 
ATOM   659  C  C8    . G   A 1 31 ? 18.690  2.007   -10.700 1.00 64.85  ? 31  G   A C8    1 
ATOM   660  N  N7    . G   A 1 31 ? 17.802  2.949   -10.583 1.00 70.58  ? 31  G   A N7    1 
ATOM   661  C  C5    . G   A 1 31 ? 18.507  4.041   -10.096 1.00 63.94  ? 31  G   A C5    1 
ATOM   662  C  C6    . G   A 1 31 ? 18.070  5.347   -9.774  1.00 61.82  ? 31  G   A C6    1 
ATOM   663  O  O6    . G   A 1 31 ? 16.938  5.832   -9.847  1.00 61.45  ? 31  G   A O6    1 
ATOM   664  N  N1    . G   A 1 31 ? 19.105  6.134   -9.321  1.00 64.13  ? 31  G   A N1    1 
ATOM   665  C  C2    . G   A 1 31 ? 20.398  5.726   -9.187  1.00 63.30  ? 31  G   A C2    1 
ATOM   666  N  N2    . G   A 1 31 ? 21.260  6.639   -8.721  1.00 59.84  ? 31  G   A N2    1 
ATOM   667  N  N3    . G   A 1 31 ? 20.816  4.513   -9.488  1.00 66.87  ? 31  G   A N3    1 
ATOM   668  C  C4    . G   A 1 31 ? 19.827  3.724   -9.933  1.00 63.60  ? 31  G   A C4    1 
ATOM   669  P  P     . G   A 1 32 ? 21.572  -0.742  -6.045  1.00 58.76  ? 32  G   A P     1 
ATOM   670  O  OP1   . G   A 1 32 ? 22.523  -1.692  -5.400  1.00 56.25  ? 32  G   A OP1   1 
ATOM   671  O  OP2   . G   A 1 32 ? 20.107  -0.966  -5.921  1.00 55.92  ? 32  G   A OP2   1 
ATOM   672  O  "O5'" . G   A 1 32 ? 21.977  0.685   -5.478  1.00 60.46  ? 32  G   A "O5'" 1 
ATOM   673  C  "C5'" . G   A 1 32 ? 23.311  1.151   -5.606  1.00 55.63  ? 32  G   A "C5'" 1 
ATOM   674  C  "C4'" . G   A 1 32 ? 23.443  2.559   -5.104  1.00 55.72  ? 32  G   A "C4'" 1 
ATOM   675  O  "O4'" . G   A 1 32 ? 22.856  3.469   -6.060  1.00 60.60  ? 32  G   A "O4'" 1 
ATOM   676  C  "C3'" . G   A 1 32 ? 22.724  2.860   -3.798  1.00 57.13  ? 32  G   A "C3'" 1 
ATOM   677  O  "O3'" . G   A 1 32 ? 23.527  2.527   -2.683  1.00 56.19  ? 32  G   A "O3'" 1 
ATOM   678  C  "C2'" . G   A 1 32 ? 22.458  4.350   -3.894  1.00 54.93  ? 32  G   A "C2'" 1 
ATOM   679  O  "O2'" . G   A 1 32 ? 23.642  5.049   -3.554  1.00 61.20  ? 32  G   A "O2'" 1 
ATOM   680  C  "C1'" . G   A 1 32 ? 22.230  4.534   -5.392  1.00 56.49  ? 32  G   A "C1'" 1 
ATOM   681  N  N9    . G   A 1 32 ? 20.811  4.549   -5.793  1.00 59.05  ? 32  G   A N9    1 
ATOM   682  C  C8    . G   A 1 32 ? 20.109  3.531   -6.381  1.00 56.82  ? 32  G   A C8    1 
ATOM   683  N  N7    . G   A 1 32 ? 18.882  3.860   -6.667  1.00 57.72  ? 32  G   A N7    1 
ATOM   684  C  C5    . G   A 1 32 ? 18.773  5.180   -6.257  1.00 57.66  ? 32  G   A C5    1 
ATOM   685  C  C6    . G   A 1 32 ? 17.685  6.088   -6.304  1.00 58.75  ? 32  G   A C6    1 
ATOM   686  O  O6    . G   A 1 32 ? 16.534  5.921   -6.722  1.00 61.95  ? 32  G   A O6    1 
ATOM   687  N  N1    . G   A 1 32 ? 18.020  7.322   -5.780  1.00 58.80  ? 32  G   A N1    1 
ATOM   688  C  C2    . G   A 1 32 ? 19.238  7.660   -5.271  1.00 56.05  ? 32  G   A C2    1 
ATOM   689  N  N2    . G   A 1 32 ? 19.369  8.913   -4.808  1.00 54.40  ? 32  G   A N2    1 
ATOM   690  N  N3    . G   A 1 32 ? 20.252  6.828   -5.219  1.00 59.08  ? 32  G   A N3    1 
ATOM   691  C  C4    . G   A 1 32 ? 19.954  5.619   -5.727  1.00 58.54  ? 32  G   A C4    1 
ATOM   692  P  P     . G   A 1 33 ? 22.859  2.090   -1.296  1.00 61.18  ? 33  G   A P     1 
ATOM   693  O  OP1   . G   A 1 33 ? 23.947  1.782   -0.324  1.00 51.26  ? 33  G   A OP1   1 
ATOM   694  O  OP2   . G   A 1 33 ? 21.814  1.073   -1.581  1.00 55.94  ? 33  G   A OP2   1 
ATOM   695  O  "O5'" . G   A 1 33 ? 22.115  3.411   -0.817  1.00 61.61  ? 33  G   A "O5'" 1 
ATOM   696  C  "C5'" . G   A 1 33 ? 20.720  3.409   -0.567  1.00 53.14  ? 33  G   A "C5'" 1 
ATOM   697  C  "C4'" . G   A 1 33 ? 20.229  4.793   -0.265  1.00 49.13  ? 33  G   A "C4'" 1 
ATOM   698  O  "O4'" . G   A 1 33 ? 20.100  5.543   -1.500  1.00 54.39  ? 33  G   A "O4'" 1 
ATOM   699  C  "C3'" . G   A 1 33 ? 18.853  4.893   0.359   1.00 50.24  ? 33  G   A "C3'" 1 
ATOM   700  O  "O3'" . G   A 1 33 ? 18.838  4.617   1.743   1.00 50.14  ? 33  G   A "O3'" 1 
ATOM   701  C  "C2'" . G   A 1 33 ? 18.452  6.320   0.018   1.00 54.23  ? 33  G   A "C2'" 1 
ATOM   702  O  "O2'" . G   A 1 33 ? 19.113  7.252   0.866   1.00 54.43  ? 33  G   A "O2'" 1 
ATOM   703  C  "C1'" . G   A 1 33 ? 19.012  6.443   -1.401  1.00 56.10  ? 33  G   A "C1'" 1 
ATOM   704  N  N9    . G   A 1 33 ? 17.974  6.038   -2.359  1.00 56.63  ? 33  G   A N9    1 
ATOM   705  C  C8    . G   A 1 33 ? 17.894  4.866   -3.065  1.00 54.85  ? 33  G   A C8    1 
ATOM   706  N  N7    . G   A 1 33 ? 16.802  4.788   -3.767  1.00 55.96  ? 33  G   A N7    1 
ATOM   707  C  C5    . G   A 1 33 ? 16.117  5.960   -3.501  1.00 55.51  ? 33  G   A C5    1 
ATOM   708  C  C6    . G   A 1 33 ? 14.874  6.428   -3.988  1.00 53.95  ? 33  G   A C6    1 
ATOM   709  O  O6    . G   A 1 33 ? 14.104  5.888   -4.776  1.00 56.91  ? 33  G   A O6    1 
ATOM   710  N  N1    . G   A 1 33 ? 14.551  7.665   -3.463  1.00 55.93  ? 33  G   A N1    1 
ATOM   711  C  C2    . G   A 1 33 ? 15.335  8.365   -2.585  1.00 54.44  ? 33  G   A C2    1 
ATOM   712  N  N2    . G   A 1 33 ? 14.834  9.541   -2.200  1.00 53.18  ? 33  G   A N2    1 
ATOM   713  N  N3    . G   A 1 33 ? 16.503  7.951   -2.117  1.00 51.02  ? 33  G   A N3    1 
ATOM   714  C  C4    . G   A 1 33 ? 16.827  6.744   -2.620  1.00 55.42  ? 33  G   A C4    1 
ATOM   715  P  P     . G   A 1 34 ? 17.504  4.027   2.397   1.00 55.79  ? 34  G   A P     1 
ATOM   716  O  OP1   . G   A 1 34 ? 17.641  3.976   3.873   1.00 53.33  ? 34  G   A OP1   1 
ATOM   717  O  OP2   . G   A 1 34 ? 17.194  2.811   1.602   1.00 44.04  ? 34  G   A OP2   1 
ATOM   718  O  "O5'" . G   A 1 34 ? 16.393  5.139   2.120   1.00 50.88  ? 34  G   A "O5'" 1 
ATOM   719  C  "C5'" . G   A 1 34 ? 16.293  6.267   2.971   1.00 50.92  ? 34  G   A "C5'" 1 
ATOM   720  C  "C4'" . G   A 1 34 ? 15.107  7.142   2.650   1.00 48.38  ? 34  G   A "C4'" 1 
ATOM   721  O  "O4'" . G   A 1 34 ? 15.050  7.432   1.235   1.00 54.64  ? 34  G   A "O4'" 1 
ATOM   722  C  "C3'" . G   A 1 34 ? 13.746  6.566   2.936   1.00 50.45  ? 34  G   A "C3'" 1 
ATOM   723  O  "O3'" . G   A 1 34 ? 13.428  6.578   4.306   1.00 53.03  ? 34  G   A "O3'" 1 
ATOM   724  C  "C2'" . G   A 1 34 ? 12.846  7.444   2.089   1.00 49.53  ? 34  G   A "C2'" 1 
ATOM   725  O  "O2'" . G   A 1 34 ? 12.692  8.712   2.692   1.00 53.11  ? 34  G   A "O2'" 1 
ATOM   726  C  "C1'" . G   A 1 34 ? 13.706  7.623   0.846   1.00 51.08  ? 34  G   A "C1'" 1 
ATOM   727  N  N9    . G   A 1 34 ? 13.364  6.626   -0.177  1.00 52.96  ? 34  G   A N9    1 
ATOM   728  C  C8    . G   A 1 34 ? 14.067  5.502   -0.498  1.00 52.87  ? 34  G   A C8    1 
ATOM   729  N  N7    . G   A 1 34 ? 13.491  4.818   -1.435  1.00 54.24  ? 34  G   A N7    1 
ATOM   730  C  C5    . G   A 1 34 ? 12.336  5.517   -1.736  1.00 54.04  ? 34  G   A C5    1 
ATOM   731  C  C6    . G   A 1 34 ? 11.308  5.251   -2.678  1.00 56.42  ? 34  G   A C6    1 
ATOM   732  O  O6    . G   A 1 34 ? 11.204  4.307   -3.470  1.00 55.64  ? 34  G   A O6    1 
ATOM   733  N  N1    . G   A 1 34 ? 10.328  6.239   -2.654  1.00 55.62  ? 34  G   A N1    1 
ATOM   734  C  C2    . G   A 1 34 ? 10.337  7.333   -1.830  1.00 50.18  ? 34  G   A C2    1 
ATOM   735  N  N2    . G   A 1 34 ? 9.306   8.169   -1.962  1.00 49.93  ? 34  G   A N2    1 
ATOM   736  N  N3    . G   A 1 34 ? 11.285  7.587   -0.951  1.00 50.22  ? 34  G   A N3    1 
ATOM   737  C  C4    . G   A 1 34 ? 12.248  6.646   -0.966  1.00 52.79  ? 34  G   A C4    1 
ATOM   738  P  P     . A   A 1 35 ? 12.678  5.314   4.942   1.00 57.89  ? 35  A   A P     1 
ATOM   739  O  OP1   . A   A 1 35 ? 12.232  5.802   6.274   1.00 57.71  ? 35  A   A OP1   1 
ATOM   740  O  OP2   . A   A 1 35 ? 13.544  4.098   4.891   1.00 55.72  ? 35  A   A OP2   1 
ATOM   741  O  "O5'" . A   A 1 35 ? 11.401  5.142   3.999   1.00 47.16  ? 35  A   A "O5'" 1 
ATOM   742  C  "C5'" . A   A 1 35 ? 10.239  5.891   4.301   1.00 56.07  ? 35  A   A "C5'" 1 
ATOM   743  C  "C4'" . A   A 1 35 ? 9.206   5.901   3.204   1.00 55.51  ? 35  A   A "C4'" 1 
ATOM   744  O  "O4'" . A   A 1 35 ? 9.808   5.805   1.894   1.00 60.16  ? 35  A   A "O4'" 1 
ATOM   745  C  "C3'" . A   A 1 35 ? 8.183   4.787   3.196   1.00 50.14  ? 35  A   A "C3'" 1 
ATOM   746  O  "O3'" . A   A 1 35 ? 7.214   4.945   4.220   1.00 54.64  ? 35  A   A "O3'" 1 
ATOM   747  C  "C2'" . A   A 1 35 ? 7.611   4.917   1.791   1.00 54.44  ? 35  A   A "C2'" 1 
ATOM   748  O  "O2'" . A   A 1 35 ? 6.739   6.030   1.727   1.00 53.49  ? 35  A   A "O2'" 1 
ATOM   749  C  "C1'" . A   A 1 35 ? 8.859   5.279   0.988   1.00 53.59  ? 35  A   A "C1'" 1 
ATOM   750  N  N9    . A   A 1 35 ? 9.433   4.131   0.257   1.00 55.41  ? 35  A   A N9    1 
ATOM   751  C  C8    . A   A 1 35 ? 10.611  3.458   0.447   1.00 58.05  ? 35  A   A C8    1 
ATOM   752  N  N7    . A   A 1 35 ? 10.827  2.485   -0.411  1.00 58.65  ? 35  A   A N7    1 
ATOM   753  C  C5    . A   A 1 35 ? 9.716   2.531   -1.233  1.00 57.11  ? 35  A   A C5    1 
ATOM   754  C  C6    . A   A 1 35 ? 9.326   1.766   -2.346  1.00 55.34  ? 35  A   A C6    1 
ATOM   755  N  N6    . A   A 1 35 ? 10.027  0.759   -2.863  1.00 54.01  ? 35  A   A N6    1 
ATOM   756  N  N1    . A   A 1 35 ? 8.155   2.080   -2.933  1.00 58.71  ? 35  A   A N1    1 
ATOM   757  C  C2    . A   A 1 35 ? 7.430   3.089   -2.429  1.00 58.80  ? 35  A   A C2    1 
ATOM   758  N  N3    . A   A 1 35 ? 7.687   3.886   -1.397  1.00 58.63  ? 35  A   A N3    1 
ATOM   759  C  C4    . A   A 1 35 ? 8.859   3.542   -0.837  1.00 57.20  ? 35  A   A C4    1 
ATOM   760  P  P     . A   A 1 36 ? 6.531   3.667   4.923   1.00 60.83  ? 36  A   A P     1 
ATOM   761  O  OP1   . A   A 1 36 ? 5.747   4.133   6.105   1.00 50.06  ? 36  A   A OP1   1 
ATOM   762  O  OP2   . A   A 1 36 ? 7.538   2.566   5.036   1.00 54.54  ? 36  A   A OP2   1 
ATOM   763  O  "O5'" . A   A 1 36 ? 5.424   3.232   3.872   1.00 55.51  ? 36  A   A "O5'" 1 
ATOM   764  C  "C5'" . A   A 1 36 ? 4.378   4.129   3.524   1.00 50.49  ? 36  A   A "C5'" 1 
ATOM   765  C  "C4'" . A   A 1 36 ? 3.416   3.508   2.550   1.00 50.09  ? 36  A   A "C4'" 1 
ATOM   766  O  "O4'" . A   A 1 36 ? 4.124   3.138   1.327   1.00 50.17  ? 36  A   A "O4'" 1 
ATOM   767  C  "C3'" . A   A 1 36 ? 2.731   2.234   3.041   1.00 49.41  ? 36  A   A "C3'" 1 
ATOM   768  O  "O3'" . A   A 1 36 ? 1.415   2.184   2.511   1.00 50.78  ? 36  A   A "O3'" 1 
ATOM   769  C  "C2'" . A   A 1 36 ? 3.543   1.150   2.352   1.00 51.50  ? 36  A   A "C2'" 1 
ATOM   770  O  "O2'" . A   A 1 36 ? 2.882   -0.086  2.220   1.00 54.26  ? 36  A   A "O2'" 1 
ATOM   771  C  "C1'" . A   A 1 36 ? 3.792   1.814   1.010   1.00 45.91  ? 36  A   A "C1'" 1 
ATOM   772  N  N9    . A   A 1 36 ? 4.827   1.186   0.205   1.00 50.43  ? 36  A   A N9    1 
ATOM   773  C  C8    . A   A 1 36 ? 6.098   0.817   0.552   1.00 57.52  ? 36  A   A C8    1 
ATOM   774  N  N7    . A   A 1 36 ? 6.746   0.204   -0.417  1.00 58.70  ? 36  A   A N7    1 
ATOM   775  C  C5    . A   A 1 36 ? 5.820   0.158   -1.453  1.00 57.40  ? 36  A   A C5    1 
ATOM   776  C  C6    . A   A 1 36 ? 5.884   -0.367  -2.761  1.00 58.68  ? 36  A   A C6    1 
ATOM   777  N  N6    . A   A 1 36 ? 6.980   -0.958  -3.245  1.00 56.17  ? 36  A   A N6    1 
ATOM   778  N  N1    . A   A 1 36 ? 4.779   -0.259  -3.544  1.00 54.24  ? 36  A   A N1    1 
ATOM   779  C  C2    . A   A 1 36 ? 3.702   0.348   -3.026  1.00 53.53  ? 36  A   A C2    1 
ATOM   780  N  N3    . A   A 1 36 ? 3.521   0.882   -1.818  1.00 52.93  ? 36  A   A N3    1 
ATOM   781  C  C4    . A   A 1 36 ? 4.634   0.756   -1.077  1.00 52.03  ? 36  A   A C4    1 
ATOM   782  P  P     . A   A 1 37 ? 0.249   3.043   3.174   1.00 49.98  ? 37  A   A P     1 
ATOM   783  O  OP1   . A   A 1 37 ? 0.015   4.215   2.295   1.00 52.84  ? 37  A   A OP1   1 
ATOM   784  O  OP2   . A   A 1 37 ? 0.625   3.154   4.604   1.00 53.13  ? 37  A   A OP2   1 
ATOM   785  O  "O5'" . A   A 1 37 ? -1.058  2.138   3.051   1.00 48.96  ? 37  A   A "O5'" 1 
ATOM   786  C  "C5'" . A   A 1 37 ? -1.091  0.806   3.556   1.00 50.69  ? 37  A   A "C5'" 1 
ATOM   787  C  "C4'" . A   A 1 37 ? -1.696  -0.167  2.569   1.00 50.89  ? 37  A   A "C4'" 1 
ATOM   788  O  "O4'" . A   A 1 37 ? -2.893  0.424   1.969   1.00 51.75  ? 37  A   A "O4'" 1 
ATOM   789  C  "C3'" . A   A 1 37 ? -0.796  -0.554  1.402   1.00 47.38  ? 37  A   A "C3'" 1 
ATOM   790  O  "O3'" . A   A 1 37 ? -1.145  -1.871  0.965   1.00 50.99  ? 37  A   A "O3'" 1 
ATOM   791  C  "C2'" . A   A 1 37 ? -1.239  0.432   0.335   1.00 46.01  ? 37  A   A "C2'" 1 
ATOM   792  O  "O2'" . A   A 1 37 ? -0.913  0.079   -0.990  1.00 55.98  ? 37  A   A "O2'" 1 
ATOM   793  C  "C1'" . A   A 1 37 ? -2.743  0.445   0.570   1.00 45.31  ? 37  A   A "C1'" 1 
ATOM   794  N  N9    . A   A 1 37 ? -3.387  1.626   0.002   1.00 52.45  ? 37  A   A N9    1 
ATOM   795  C  C8    . A   A 1 37 ? -3.039  2.938   0.192   1.00 52.39  ? 37  A   A C8    1 
ATOM   796  N  N7    . A   A 1 37 ? -3.752  3.769   -0.514  1.00 52.13  ? 37  A   A N7    1 
ATOM   797  C  C5    . A   A 1 37 ? -4.611  2.955   -1.238  1.00 49.45  ? 37  A   A C5    1 
ATOM   798  C  C6    . A   A 1 37 ? -5.621  3.223   -2.175  1.00 50.29  ? 37  A   A C6    1 
ATOM   799  N  N6    . A   A 1 37 ? -5.971  4.445   -2.570  1.00 53.43  ? 37  A   A N6    1 
ATOM   800  N  N1    . A   A 1 37 ? -6.302  2.195   -2.699  1.00 52.60  ? 37  A   A N1    1 
ATOM   801  C  C2    . A   A 1 37 ? -5.967  0.971   -2.309  1.00 55.25  ? 37  A   A C2    1 
ATOM   802  N  N3    . A   A 1 37 ? -5.030  0.588   -1.445  1.00 56.14  ? 37  A   A N3    1 
ATOM   803  C  C4    . A   A 1 37 ? -4.388  1.640   -0.932  1.00 51.03  ? 37  A   A C4    1 
ATOM   804  P  P     . G   A 1 38 ? -0.101  -3.091  1.045   1.00 50.04  ? 38  G   A P     1 
ATOM   805  O  OP1   . G   A 1 38 ? -0.855  -4.347  0.822   1.00 57.34  ? 38  G   A OP1   1 
ATOM   806  O  OP2   . G   A 1 38 ? 0.685   -2.926  2.306   1.00 48.80  ? 38  G   A OP2   1 
ATOM   807  O  "O5'" . G   A 1 38 ? 0.825   -2.907  -0.232  1.00 50.19  ? 38  G   A "O5'" 1 
ATOM   808  C  "C5'" . G   A 1 38 ? 0.364   -3.274  -1.517  1.00 48.69  ? 38  G   A "C5'" 1 
ATOM   809  C  "C4'" . G   A 1 38 ? 1.518   -3.634  -2.414  1.00 55.59  ? 38  G   A "C4'" 1 
ATOM   810  O  "O4'" . G   A 1 38 ? 2.531   -2.599  -2.331  1.00 59.50  ? 38  G   A "O4'" 1 
ATOM   811  C  "C3'" . G   A 1 38 ? 2.259   -4.918  -2.066  1.00 56.22  ? 38  G   A "C3'" 1 
ATOM   812  O  "O3'" . G   A 1 38 ? 1.629   -6.055  -2.631  1.00 56.51  ? 38  G   A "O3'" 1 
ATOM   813  C  "C2'" . G   A 1 38 ? 3.650   -4.663  -2.637  1.00 58.10  ? 38  G   A "C2'" 1 
ATOM   814  O  "O2'" . G   A 1 38 ? 3.646   -4.853  -4.040  1.00 55.96  ? 38  G   A "O2'" 1 
ATOM   815  C  "C1'" . G   A 1 38 ? 3.817   -3.169  -2.371  1.00 54.92  ? 38  G   A "C1'" 1 
ATOM   816  N  N9    . G   A 1 38 ? 4.464   -2.896  -1.075  1.00 58.44  ? 38  G   A N9    1 
ATOM   817  C  C8    . G   A 1 38 ? 3.933   -2.169  -0.030  1.00 53.71  ? 38  G   A C8    1 
ATOM   818  N  N7    . G   A 1 38 ? 4.731   -2.078  0.993   1.00 50.57  ? 38  G   A N7    1 
ATOM   819  C  C5    . G   A 1 38 ? 5.851   -2.791  0.598   1.00 56.13  ? 38  G   A C5    1 
ATOM   820  C  C6    . G   A 1 38 ? 7.047   -3.048  1.294   1.00 61.45  ? 38  G   A C6    1 
ATOM   821  O  O6    . G   A 1 38 ? 7.367   -2.686  2.435   1.00 64.24  ? 38  G   A O6    1 
ATOM   822  N  N1    . G   A 1 38 ? 7.924   -3.810  0.531   1.00 61.54  ? 38  G   A N1    1 
ATOM   823  C  C2    . G   A 1 38 ? 7.693   -4.272  -0.735  1.00 58.01  ? 38  G   A C2    1 
ATOM   824  N  N2    . G   A 1 38 ? 8.689   -4.993  -1.274  1.00 55.85  ? 38  G   A N2    1 
ATOM   825  N  N3    . G   A 1 38 ? 6.578   -4.042  -1.401  1.00 55.74  ? 38  G   A N3    1 
ATOM   826  C  C4    . G   A 1 38 ? 5.713   -3.303  -0.675  1.00 57.24  ? 38  G   A C4    1 
ATOM   827  P  P     . C   A 1 39 ? 1.423   -7.423  -1.806  1.00 60.85  ? 39  C   A P     1 
ATOM   828  O  OP1   . C   A 1 39 ? 0.638   -8.264  -2.742  1.00 57.59  ? 39  C   A OP1   1 
ATOM   829  O  OP2   . C   A 1 39 ? 0.921   -7.196  -0.425  1.00 61.27  ? 39  C   A OP2   1 
ATOM   830  O  "O5'" . C   A 1 39 ? 2.889   -8.029  -1.667  1.00 59.00  ? 39  C   A "O5'" 1 
ATOM   831  C  "C5'" . C   A 1 39 ? 3.639   -8.386  -2.816  1.00 56.87  ? 39  C   A "C5'" 1 
ATOM   832  C  "C4'" . C   A 1 39 ? 5.033   -8.801  -2.438  1.00 59.45  ? 39  C   A "C4'" 1 
ATOM   833  O  "O4'" . C   A 1 39 ? 5.779   -7.633  -2.019  1.00 65.91  ? 39  C   A "O4'" 1 
ATOM   834  C  "C3'" . C   A 1 39 ? 5.140   -9.749  -1.255  1.00 60.35  ? 39  C   A "C3'" 1 
ATOM   835  O  "O3'" . C   A 1 39 ? 4.931   -11.096 -1.628  1.00 59.97  ? 39  C   A "O3'" 1 
ATOM   836  C  "C2'" . C   A 1 39 ? 6.542   -9.464  -0.734  1.00 59.96  ? 39  C   A "C2'" 1 
ATOM   837  O  "O2'" . C   A 1 39 ? 7.509   -10.052 -1.585  1.00 56.39  ? 39  C   A "O2'" 1 
ATOM   838  C  "C1'" . C   A 1 39 ? 6.625   -7.960  -0.935  1.00 61.11  ? 39  C   A "C1'" 1 
ATOM   839  N  N1    . C   A 1 39 ? 6.174   -7.185  0.246   1.00 58.68  ? 39  C   A N1    1 
ATOM   840  C  C2    . C   A 1 39 ? 7.044   -6.962  1.318   1.00 61.61  ? 39  C   A C2    1 
ATOM   841  O  O2    . C   A 1 39 ? 8.181   -7.455  1.287   1.00 63.90  ? 39  C   A O2    1 
ATOM   842  N  N3    . C   A 1 39 ? 6.625   -6.223  2.372   1.00 61.96  ? 39  C   A N3    1 
ATOM   843  C  C4    . C   A 1 39 ? 5.393   -5.707  2.371   1.00 61.15  ? 39  C   A C4    1 
ATOM   844  N  N4    . C   A 1 39 ? 4.996   -4.982  3.422   1.00 59.22  ? 39  C   A N4    1 
ATOM   845  C  C5    . C   A 1 39 ? 4.502   -5.902  1.282   1.00 59.72  ? 39  C   A C5    1 
ATOM   846  C  C6    . C   A 1 39 ? 4.931   -6.632  0.252   1.00 58.03  ? 39  C   A C6    1 
ATOM   847  P  P     . U   A 1 40 ? 4.361   -12.177 -0.581  1.00 69.48  ? 40  U   A P     1 
ATOM   848  O  OP1   . U   A 1 40 ? 4.436   -13.430 -1.379  1.00 61.11  ? 40  U   A OP1   1 
ATOM   849  O  OP2   . U   A 1 40 ? 3.101   -11.733 0.086   1.00 54.52  ? 40  U   A OP2   1 
ATOM   850  O  "O5'" . U   A 1 40 ? 5.464   -12.264 0.569   1.00 61.24  ? 40  U   A "O5'" 1 
ATOM   851  C  "C5'" . U   A 1 40 ? 6.704   -12.910 0.340   1.00 55.00  ? 40  U   A "C5'" 1 
ATOM   852  C  "C4'" . U   A 1 40 ? 7.570   -12.888 1.570   1.00 58.29  ? 40  U   A "C4'" 1 
ATOM   853  O  "O4'" . U   A 1 40 ? 7.939   -11.522 1.889   1.00 62.64  ? 40  U   A "O4'" 1 
ATOM   854  C  "C3'" . U   A 1 40 ? 6.934   -13.398 2.853   1.00 66.31  ? 40  U   A "C3'" 1 
ATOM   855  O  "O3'" . U   A 1 40 ? 6.900   -14.812 2.946   1.00 67.35  ? 40  U   A "O3'" 1 
ATOM   856  C  "C2'" . U   A 1 40 ? 7.793   -12.746 3.926   1.00 67.08  ? 40  U   A "C2'" 1 
ATOM   857  O  "O2'" . U   A 1 40 ? 9.017   -13.450 4.084   1.00 68.05  ? 40  U   A "O2'" 1 
ATOM   858  C  "C1'" . U   A 1 40 ? 8.084   -11.381 3.291   1.00 63.47  ? 40  U   A "C1'" 1 
ATOM   859  N  N1    . U   A 1 40 ? 7.152   -10.340 3.788   1.00 59.33  ? 40  U   A N1    1 
ATOM   860  C  C2    . U   A 1 40 ? 7.401   -9.834  5.048   1.00 62.83  ? 40  U   A C2    1 
ATOM   861  O  O2    . U   A 1 40 ? 8.344   -10.189 5.723   1.00 67.03  ? 40  U   A O2    1 
ATOM   862  N  N3    . U   A 1 40 ? 6.523   -8.887  5.503   1.00 61.52  ? 40  U   A N3    1 
ATOM   863  C  C4    . U   A 1 40 ? 5.426   -8.409  4.830   1.00 62.13  ? 40  U   A C4    1 
ATOM   864  O  O4    . U   A 1 40 ? 4.732   -7.556  5.370   1.00 65.09  ? 40  U   A O4    1 
ATOM   865  C  C5    . U   A 1 40 ? 5.219   -8.979  3.533   1.00 59.04  ? 40  U   A C5    1 
ATOM   866  C  C6    . U   A 1 40 ? 6.065   -9.905  3.071   1.00 60.56  ? 40  U   A C6    1 
ATOM   867  P  P     . G   A 1 41 ? 5.751   -15.536 3.810   1.00 74.10  ? 41  G   A P     1 
ATOM   868  O  OP1   . G   A 1 41 ? 5.847   -16.982 3.491   1.00 70.62  ? 41  G   A OP1   1 
ATOM   869  O  OP2   . G   A 1 41 ? 4.466   -14.800 3.665   1.00 65.53  ? 41  G   A OP2   1 
ATOM   870  O  "O5'" . G   A 1 41 ? 6.186   -15.313 5.322   1.00 65.30  ? 41  G   A "O5'" 1 
ATOM   871  C  "C5'" . G   A 1 41 ? 7.392   -15.856 5.817   1.00 62.54  ? 41  G   A "C5'" 1 
ATOM   872  C  "C4'" . G   A 1 41 ? 7.701   -15.300 7.177   1.00 64.62  ? 41  G   A "C4'" 1 
ATOM   873  O  "O4'" . G   A 1 41 ? 7.907   -13.864 7.081   1.00 67.39  ? 41  G   A "O4'" 1 
ATOM   874  C  "C3'" . G   A 1 41 ? 6.588   -15.435 8.191   1.00 66.83  ? 41  G   A "C3'" 1 
ATOM   875  O  "O3'" . G   A 1 41 ? 6.492   -16.733 8.746   1.00 65.69  ? 41  G   A "O3'" 1 
ATOM   876  C  "C2'" . G   A 1 41 ? 6.908   -14.320 9.184   1.00 69.79  ? 41  G   A "C2'" 1 
ATOM   877  O  "O2'" . G   A 1 41 ? 7.975   -14.682 10.043  1.00 73.61  ? 41  G   A "O2'" 1 
ATOM   878  C  "C1'" . G   A 1 41 ? 7.415   -13.227 8.244   1.00 66.60  ? 41  G   A "C1'" 1 
ATOM   879  N  N9    . G   A 1 41 ? 6.347   -12.284 7.851   1.00 66.01  ? 41  G   A N9    1 
ATOM   880  C  C8    . G   A 1 41 ? 5.683   -12.274 6.651   1.00 65.35  ? 41  G   A C8    1 
ATOM   881  N  N7    . G   A 1 41 ? 4.787   -11.323 6.574   1.00 66.09  ? 41  G   A N7    1 
ATOM   882  C  C5    . G   A 1 41 ? 4.861   -10.669 7.792   1.00 61.60  ? 41  G   A C5    1 
ATOM   883  C  C6    . G   A 1 41 ? 4.130   -9.553  8.276   1.00 64.79  ? 41  G   A C6    1 
ATOM   884  O  O6    . G   A 1 41 ? 3.242   -8.907  7.706   1.00 67.27  ? 41  G   A O6    1 
ATOM   885  N  N1    . G   A 1 41 ? 4.513   -9.194  9.558   1.00 62.60  ? 41  G   A N1    1 
ATOM   886  C  C2    . G   A 1 41 ? 5.485   -9.836  10.269  1.00 63.38  ? 41  G   A C2    1 
ATOM   887  N  N2    . G   A 1 41 ? 5.711   -9.339  11.487  1.00 66.45  ? 41  G   A N2    1 
ATOM   888  N  N3    . G   A 1 41 ? 6.176   -10.877 9.832   1.00 61.80  ? 41  G   A N3    1 
ATOM   889  C  C4    . G   A 1 41 ? 5.818   -11.244 8.591   1.00 61.98  ? 41  G   A C4    1 
ATOM   890  P  P     . U   A 1 42 ? 5.041   -17.373 9.033   1.00 71.83  ? 42  U   A P     1 
ATOM   891  O  OP1   . U   A 1 42 ? 5.142   -18.847 9.071   1.00 71.02  ? 42  U   A OP1   1 
ATOM   892  O  OP2   . U   A 1 42 ? 4.056   -16.788 8.085   1.00 67.86  ? 42  U   A OP2   1 
ATOM   893  O  "O5'" . U   A 1 42 ? 4.712   -16.850 10.498  1.00 69.42  ? 42  U   A "O5'" 1 
ATOM   894  C  "C5'" . U   A 1 42 ? 5.664   -16.973 11.537  1.00 67.51  ? 42  U   A "C5'" 1 
ATOM   895  C  "C4'" . U   A 1 42 ? 5.298   -16.109 12.714  1.00 68.73  ? 42  U   A "C4'" 1 
ATOM   896  O  "O4'" . U   A 1 42 ? 5.518   -14.717 12.367  1.00 68.01  ? 42  U   A "O4'" 1 
ATOM   897  C  "C3'" . U   A 1 42 ? 3.839   -16.146 13.147  1.00 69.29  ? 42  U   A "C3'" 1 
ATOM   898  O  "O3'" . U   A 1 42 ? 3.466   -17.287 13.908  1.00 65.75  ? 42  U   A "O3'" 1 
ATOM   899  C  "C2'" . U   A 1 42 ? 3.677   -14.817 13.875  1.00 69.23  ? 42  U   A "C2'" 1 
ATOM   900  O  "O2'" . U   A 1 42 ? 4.227   -14.888 15.180  1.00 71.34  ? 42  U   A "O2'" 1 
ATOM   901  C  "C1'" . U   A 1 42 ? 4.555   -13.898 13.016  1.00 68.85  ? 42  U   A "C1'" 1 
ATOM   902  N  N1    . U   A 1 42 ? 3.758   -13.177 11.988  1.00 61.98  ? 42  U   A N1    1 
ATOM   903  C  C2    . U   A 1 42 ? 3.127   -11.988 12.319  1.00 61.11  ? 42  U   A C2    1 
ATOM   904  O  O2    . U   A 1 42 ? 3.197   -11.480 13.423  1.00 60.49  ? 42  U   A O2    1 
ATOM   905  N  N3    . U   A 1 42 ? 2.398   -11.404 11.302  1.00 60.11  ? 42  U   A N3    1 
ATOM   906  C  C4    . U   A 1 42 ? 2.237   -11.873 10.007  1.00 62.20  ? 42  U   A C4    1 
ATOM   907  O  O4    . U   A 1 42 ? 1.549   -11.253 9.181   1.00 61.32  ? 42  U   A O4    1 
ATOM   908  C  C5    . U   A 1 42 ? 2.921   -13.103 9.751   1.00 62.08  ? 42  U   A C5    1 
ATOM   909  C  C6    . U   A 1 42 ? 3.628   -13.693 10.719  1.00 61.98  ? 42  U   A C6    1 
ATOM   910  P  P     . G   A 1 43 ? 2.050   -18.009 13.592  1.00 89.09  ? 43  G   A P     1 
ATOM   911  O  OP1   . G   A 1 43 ? 1.955   -19.275 14.359  1.00 80.87  ? 43  G   A OP1   1 
ATOM   912  O  OP2   . G   A 1 43 ? 1.812   -18.034 12.117  1.00 74.36  ? 43  G   A OP2   1 
ATOM   913  O  "O5'" . G   A 1 43 ? 0.966   -17.003 14.185  1.00 71.51  ? 43  G   A "O5'" 1 
ATOM   914  C  "C5'" . G   A 1 43 ? 1.041   -16.587 15.534  1.00 66.16  ? 43  G   A "C5'" 1 
ATOM   915  C  "C4'" . G   A 1 43 ? 0.288   -15.303 15.779  1.00 65.42  ? 43  G   A "C4'" 1 
ATOM   916  O  "O4'" . G   A 1 43 ? 0.830   -14.225 14.981  1.00 63.55  ? 43  G   A "O4'" 1 
ATOM   917  C  "C3'" . G   A 1 43 ? -1.188  -15.261 15.440  1.00 60.48  ? 43  G   A "C3'" 1 
ATOM   918  O  "O3'" . G   A 1 43 ? -1.997  -15.968 16.356  1.00 67.16  ? 43  G   A "O3'" 1 
ATOM   919  C  "C2'" . G   A 1 43 ? -1.450  -13.763 15.432  1.00 61.35  ? 43  G   A "C2'" 1 
ATOM   920  O  "O2'" . G   A 1 43 ? -1.482  -13.252 16.754  1.00 56.18  ? 43  G   A "O2'" 1 
ATOM   921  C  "C1'" . G   A 1 43 ? -0.173  -13.252 14.776  1.00 61.97  ? 43  G   A "C1'" 1 
ATOM   922  N  N9    . G   A 1 43 ? -0.347  -13.030 13.334  1.00 61.72  ? 43  G   A N9    1 
ATOM   923  C  C8    . G   A 1 43 ? 0.101   -13.806 12.300  1.00 59.12  ? 43  G   A C8    1 
ATOM   924  N  N7    . G   A 1 43 ? -0.223  -13.299 11.144  1.00 59.26  ? 43  G   A N7    1 
ATOM   925  C  C5    . G   A 1 43 ? -0.921  -12.131 11.437  1.00 58.10  ? 43  G   A C5    1 
ATOM   926  C  C6    . G   A 1 43 ? -1.513  -11.157 10.583  1.00 57.67  ? 43  G   A C6    1 
ATOM   927  O  O6    . G   A 1 43 ? -1.535  -11.138 9.336   1.00 55.90  ? 43  G   A O6    1 
ATOM   928  N  N1    . G   A 1 43 ? -2.118  -10.134 11.319  1.00 54.76  ? 43  G   A N1    1 
ATOM   929  C  C2    . G   A 1 43 ? -2.140  -10.056 12.691  1.00 56.64  ? 43  G   A C2    1 
ATOM   930  N  N2    . G   A 1 43 ? -2.768  -9.000  13.217  1.00 51.66  ? 43  G   A N2    1 
ATOM   931  N  N3    . G   A 1 43 ? -1.584  -10.950 13.494  1.00 59.82  ? 43  G   A N3    1 
ATOM   932  C  C4    . G   A 1 43 ? -1.003  -11.952 12.795  1.00 59.16  ? 43  G   A C4    1 
ATOM   933  P  P     . C   A 1 44 ? -3.409  -16.571 15.881  1.00 67.77  ? 44  C   A P     1 
ATOM   934  O  OP1   . C   A 1 44 ? -4.068  -17.179 17.066  1.00 61.76  ? 44  C   A OP1   1 
ATOM   935  O  OP2   . C   A 1 44 ? -3.218  -17.355 14.626  1.00 53.72  ? 44  C   A OP2   1 
ATOM   936  O  "O5'" . C   A 1 44 ? -4.271  -15.276 15.573  1.00 59.96  ? 44  C   A "O5'" 1 
ATOM   937  C  "C5'" . C   A 1 44 ? -4.714  -14.451 16.627  1.00 54.15  ? 44  C   A "C5'" 1 
ATOM   938  C  "C4'" . C   A 1 44 ? -5.395  -13.230 16.087  1.00 57.77  ? 44  C   A "C4'" 1 
ATOM   939  O  "O4'" . C   A 1 44 ? -4.463  -12.481 15.259  1.00 60.60  ? 44  C   A "O4'" 1 
ATOM   940  C  "C3'" . C   A 1 44 ? -6.561  -13.476 15.153  1.00 55.71  ? 44  C   A "C3'" 1 
ATOM   941  O  "O3'" . C   A 1 44 ? -7.753  -13.863 15.799  1.00 52.67  ? 44  C   A "O3'" 1 
ATOM   942  C  "C2'" . C   A 1 44 ? -6.654  -12.145 14.432  1.00 56.47  ? 44  C   A "C2'" 1 
ATOM   943  O  "O2'" . C   A 1 44 ? -7.177  -11.157 15.309  1.00 50.60  ? 44  C   A "O2'" 1 
ATOM   944  C  "C1'" . C   A 1 44 ? -5.172  -11.848 14.207  1.00 56.08  ? 44  C   A "C1'" 1 
ATOM   945  N  N1    . C   A 1 44 ? -4.704  -12.405 12.918  1.00 54.64  ? 44  C   A N1    1 
ATOM   946  C  C2    . C   A 1 44 ? -4.943  -11.725 11.722  1.00 55.37  ? 44  C   A C2    1 
ATOM   947  O  O2    . C   A 1 44 ? -5.554  -10.634 11.728  1.00 56.41  ? 44  C   A O2    1 
ATOM   948  N  N3    . C   A 1 44 ? -4.509  -12.283 10.569  1.00 52.88  ? 44  C   A N3    1 
ATOM   949  C  C4    . C   A 1 44 ? -3.864  -13.444 10.570  1.00 52.54  ? 44  C   A C4    1 
ATOM   950  N  N4    . C   A 1 44 ? -3.450  -13.961 9.412   1.00 51.96  ? 44  C   A N4    1 
ATOM   951  C  C5    . C   A 1 44 ? -3.608  -14.140 11.768  1.00 54.75  ? 44  C   A C5    1 
ATOM   952  C  C6    . C   A 1 44 ? -4.047  -13.591 12.895  1.00 56.17  ? 44  C   A C6    1 
ATOM   953  P  P     . A   A 1 45 ? -8.780  -14.831 15.029  1.00 62.26  ? 45  A   A P     1 
ATOM   954  O  OP1   . A   A 1 45 ? -9.988  -15.053 15.880  1.00 57.89  ? 45  A   A OP1   1 
ATOM   955  O  OP2   . A   A 1 45 ? -8.025  -15.967 14.458  1.00 57.22  ? 45  A   A OP2   1 
ATOM   956  O  "O5'" . A   A 1 45 ? -9.211  -13.989 13.756  1.00 61.60  ? 45  A   A "O5'" 1 
ATOM   957  C  "C5'" . A   A 1 45 ? -10.129 -12.914 13.865  1.00 52.17  ? 45  A   A "C5'" 1 
ATOM   958  C  "C4'" . A   A 1 45 ? -10.347 -12.287 12.521  1.00 50.21  ? 45  A   A "C4'" 1 
ATOM   959  O  "O4'" . A   A 1 45 ? -9.068  -12.032 11.894  1.00 50.47  ? 45  A   A "O4'" 1 
ATOM   960  C  "C3'" . A   A 1 45 ? -11.064 -13.141 11.497  1.00 51.89  ? 45  A   A "C3'" 1 
ATOM   961  O  "O3'" . A   A 1 45 ? -12.464 -13.200 11.706  1.00 51.29  ? 45  A   A "O3'" 1 
ATOM   962  C  "C2'" . A   A 1 45 ? -10.652 -12.477 10.190  1.00 46.32  ? 45  A   A "C2'" 1 
ATOM   963  O  "O2'" . A   A 1 45 ? -11.364 -11.267 10.015  1.00 47.14  ? 45  A   A "O2'" 1 
ATOM   964  C  "C1'" . A   A 1 45 ? -9.204  -12.108 10.491  1.00 47.42  ? 45  A   A "C1'" 1 
ATOM   965  N  N9    . A   A 1 45 ? -8.255  -13.097 9.973   1.00 50.19  ? 45  A   A N9    1 
ATOM   966  C  C8    . A   A 1 45 ? -7.554  -14.050 10.663  1.00 54.42  ? 45  A   A C8    1 
ATOM   967  N  N7    . A   A 1 45 ? -6.769  -14.786 9.907   1.00 52.67  ? 45  A   A N7    1 
ATOM   968  C  C5    . A   A 1 45 ? -6.990  -14.273 8.648   1.00 50.69  ? 45  A   A C5    1 
ATOM   969  C  C6    . A   A 1 45 ? -6.471  -14.628 7.413   1.00 50.21  ? 45  A   A C6    1 
ATOM   970  N  N6    . A   A 1 45 ? -5.586  -15.608 7.286   1.00 54.82  ? 45  A   A N6    1 
ATOM   971  N  N1    . A   A 1 45 ? -6.880  -13.933 6.329   1.00 49.66  ? 45  A   A N1    1 
ATOM   972  C  C2    . A   A 1 45 ? -7.767  -12.942 6.497   1.00 49.04  ? 45  A   A C2    1 
ATOM   973  N  N3    . A   A 1 45 ? -8.332  -12.513 7.619   1.00 49.93  ? 45  A   A N3    1 
ATOM   974  C  C4    . A   A 1 45 ? -7.893  -13.232 8.665   1.00 50.91  ? 45  A   A C4    1 
ATOM   975  P  P     . G   A 1 46 ? -13.350 -14.271 10.903  1.00 56.77  ? 46  G   A P     1 
ATOM   976  O  OP1   . G   A 1 46 ? -14.635 -14.383 11.624  1.00 47.70  ? 46  G   A OP1   1 
ATOM   977  O  OP2   . G   A 1 46 ? -12.517 -15.472 10.554  1.00 50.49  ? 46  G   A OP2   1 
ATOM   978  O  "O5'" . G   A 1 46 ? -13.645 -13.562 9.513   1.00 48.96  ? 46  G   A "O5'" 1 
ATOM   979  C  "C5'" . G   A 1 46 ? -14.370 -12.345 9.445   1.00 42.04  ? 46  G   A "C5'" 1 
ATOM   980  C  "C4'" . G   A 1 46 ? -14.893 -12.130 8.052   1.00 45.00  ? 46  G   A "C4'" 1 
ATOM   981  O  "O4'" . G   A 1 46 ? -15.526 -10.823 7.966   1.00 47.92  ? 46  G   A "O4'" 1 
ATOM   982  C  "C3'" . G   A 1 46 ? -13.852 -12.163 6.936   1.00 42.40  ? 46  G   A "C3'" 1 
ATOM   983  O  "O3'" . G   A 1 46 ? -14.517 -12.646 5.764   1.00 38.17  ? 46  G   A "O3'" 1 
ATOM   984  C  "C2'" . G   A 1 46 ? -13.522 -10.681 6.793   1.00 46.05  ? 46  G   A "C2'" 1 
ATOM   985  O  "O2'" . G   A 1 46 ? -12.880 -10.304 5.597   1.00 52.46  ? 46  G   A "O2'" 1 
ATOM   986  C  "C1'" . G   A 1 46 ? -14.910 -10.072 6.942   1.00 44.50  ? 46  G   A "C1'" 1 
ATOM   987  N  N9    . G   A 1 46 ? -14.950 -8.662  7.323   1.00 46.36  ? 46  G   A N9    1 
ATOM   988  C  C8    . G   A 1 46 ? -13.979 -7.912  7.934   1.00 49.09  ? 46  G   A C8    1 
ATOM   989  N  N7    . G   A 1 46 ? -14.360 -6.672  8.143   1.00 48.99  ? 46  G   A N7    1 
ATOM   990  C  C5    . G   A 1 46 ? -15.651 -6.602  7.651   1.00 48.78  ? 46  G   A C5    1 
ATOM   991  C  C6    . G   A 1 46 ? -16.561 -5.516  7.577   1.00 51.39  ? 46  G   A C6    1 
ATOM   992  O  O6    . G   A 1 46 ? -16.434 -4.346  7.962   1.00 54.29  ? 46  G   A O6    1 
ATOM   993  N  N1    . G   A 1 46 ? -17.754 -5.889  6.985   1.00 51.02  ? 46  G   A N1    1 
ATOM   994  C  C2    . G   A 1 46 ? -18.042 -7.136  6.517   1.00 49.50  ? 46  G   A C2    1 
ATOM   995  N  N2    . G   A 1 46 ? -19.254 -7.270  5.976   1.00 46.68  ? 46  G   A N2    1 
ATOM   996  N  N3    . G   A 1 46 ? -17.199 -8.157  6.563   1.00 49.90  ? 46  G   A N3    1 
ATOM   997  C  C4    . G   A 1 46 ? -16.029 -7.825  7.143   1.00 49.34  ? 46  G   A C4    1 
ATOM   998  P  P     . C   A 1 47 ? -13.740 -13.062 4.417   1.00 51.60  ? 47  C   A P     1 
ATOM   999  O  OP1   . C   A 1 47 ? -14.627 -13.862 3.549   1.00 53.23  ? 47  C   A OP1   1 
ATOM   1000 O  OP2   . C   A 1 47 ? -12.396 -13.617 4.689   1.00 56.73  ? 47  C   A OP2   1 
ATOM   1001 O  "O5'" . C   A 1 47 ? -13.605 -11.672 3.665   1.00 59.82  ? 47  C   A "O5'" 1 
ATOM   1002 C  "C5'" . C   A 1 47 ? -14.018 -11.530 2.321   1.00 50.88  ? 47  C   A "C5'" 1 
ATOM   1003 C  "C4'" . C   A 1 47 ? -15.344 -10.828 2.201   1.00 45.33  ? 47  C   A "C4'" 1 
ATOM   1004 O  "O4'" . C   A 1 47 ? -15.700 -10.124 3.413   1.00 43.73  ? 47  C   A "O4'" 1 
ATOM   1005 C  "C3'" . C   A 1 47 ? -15.394 -9.755  1.144   1.00 49.43  ? 47  C   A "C3'" 1 
ATOM   1006 O  "O3'" . C   A 1 47 ? -15.461 -10.288 -0.153  1.00 51.38  ? 47  C   A "O3'" 1 
ATOM   1007 C  "C2'" . C   A 1 47 ? -16.607 -8.931  1.565   1.00 50.27  ? 47  C   A "C2'" 1 
ATOM   1008 O  "O2'" . C   A 1 47 ? -17.821 -9.562  1.205   1.00 44.87  ? 47  C   A "O2'" 1 
ATOM   1009 C  "C1'" . C   A 1 47 ? -16.480 -8.981  3.084   1.00 44.99  ? 47  C   A "C1'" 1 
ATOM   1010 N  N1    . C   A 1 47 ? -15.831 -7.767  3.629   1.00 47.35  ? 47  C   A N1    1 
ATOM   1011 C  C2    . C   A 1 47 ? -16.473 -6.536  3.557   1.00 47.81  ? 47  C   A C2    1 
ATOM   1012 O  O2    . C   A 1 47 ? -17.575 -6.450  3.019   1.00 52.05  ? 47  C   A O2    1 
ATOM   1013 N  N3    . C   A 1 47 ? -15.886 -5.445  4.078   1.00 49.63  ? 47  C   A N3    1 
ATOM   1014 C  C4    . C   A 1 47 ? -14.698 -5.539  4.649   1.00 47.88  ? 47  C   A C4    1 
ATOM   1015 N  N4    . C   A 1 47 ? -14.160 -4.426  5.133   1.00 51.68  ? 47  C   A N4    1 
ATOM   1016 C  C5    . C   A 1 47 ? -14.001 -6.765  4.739   1.00 46.81  ? 47  C   A C5    1 
ATOM   1017 C  C6    . C   A 1 47 ? -14.601 -7.839  4.221   1.00 50.81  ? 47  C   A C6    1 
ATOM   1018 P  P     . C   A 1 48 ? -14.641 -9.576  -1.315  1.00 52.16  ? 48  C   A P     1 
ATOM   1019 O  OP1   . C   A 1 48 ? -14.555 -10.472 -2.505  1.00 48.93  ? 48  C   A OP1   1 
ATOM   1020 O  OP2   . C   A 1 48 ? -13.378 -9.078  -0.729  1.00 46.87  ? 48  C   A OP2   1 
ATOM   1021 O  "O5'" . C   A 1 48 ? -15.608 -8.377  -1.660  1.00 47.14  ? 48  C   A "O5'" 1 
ATOM   1022 C  "C5'" . C   A 1 48 ? -16.943 -8.648  -2.032  1.00 44.34  ? 48  C   A "C5'" 1 
ATOM   1023 C  "C4'" . C   A 1 48 ? -17.710 -7.370  -2.141  1.00 48.50  ? 48  C   A "C4'" 1 
ATOM   1024 O  "O4'" . C   A 1 48 ? -17.782 -6.755  -0.835  1.00 48.33  ? 48  C   A "O4'" 1 
ATOM   1025 C  "C3'" . C   A 1 48 ? -17.052 -6.316  -3.001  1.00 48.28  ? 48  C   A "C3'" 1 
ATOM   1026 O  "O3'" . C   A 1 48 ? -17.293 -6.509  -4.375  1.00 46.42  ? 48  C   A "O3'" 1 
ATOM   1027 C  "C2'" . C   A 1 48 ? -17.624 -5.023  -2.445  1.00 49.95  ? 48  C   A "C2'" 1 
ATOM   1028 O  "O2'" . C   A 1 48 ? -18.930 -4.801  -2.946  1.00 54.18  ? 48  C   A "O2'" 1 
ATOM   1029 C  "C1'" . C   A 1 48 ? -17.730 -5.354  -0.959  1.00 48.66  ? 48  C   A "C1'" 1 
ATOM   1030 N  N1    . C   A 1 48 ? -16.578 -4.870  -0.176  1.00 51.41  ? 48  C   A N1    1 
ATOM   1031 C  C2    . C   A 1 48 ? -16.553 -3.532  0.204   1.00 52.21  ? 48  C   A C2    1 
ATOM   1032 O  O2    . C   A 1 48 ? -17.494 -2.826  -0.160  1.00 53.30  ? 48  C   A O2    1 
ATOM   1033 N  N3    . C   A 1 48 ? -15.527 -3.056  0.943   1.00 50.46  ? 48  C   A N3    1 
ATOM   1034 C  C4    . C   A 1 48 ? -14.555 -3.895  1.293   1.00 50.29  ? 48  C   A C4    1 
ATOM   1035 N  N4    . C   A 1 48 ? -13.550 -3.427  2.021   1.00 49.13  ? 48  C   A N4    1 
ATOM   1036 C  C5    . C   A 1 48 ? -14.558 -5.272  0.920   1.00 52.01  ? 48  C   A C5    1 
ATOM   1037 C  C6    . C   A 1 48 ? -15.585 -5.726  0.192   1.00 48.79  ? 48  C   A C6    1 
ATOM   1038 P  P     . U   A 1 49 ? -16.192 -6.049  -5.436  1.00 54.00  ? 49  U   A P     1 
ATOM   1039 O  OP1   . U   A 1 49 ? -16.640 -6.485  -6.784  1.00 49.18  ? 49  U   A OP1   1 
ATOM   1040 O  OP2   . U   A 1 49 ? -14.861 -6.468  -4.922  1.00 49.39  ? 49  U   A OP2   1 
ATOM   1041 O  "O5'" . U   A 1 49 ? -16.300 -4.456  -5.406  1.00 53.50  ? 49  U   A "O5'" 1 
ATOM   1042 C  "C5'" . U   A 1 49 ? -17.508 -3.816  -5.800  1.00 49.67  ? 49  U   A "C5'" 1 
ATOM   1043 C  "C4'" . U   A 1 49 ? -17.458 -2.325  -5.603  1.00 46.69  ? 49  U   A "C4'" 1 
ATOM   1044 O  "O4'" . U   A 1 49 ? -17.443 -2.028  -4.187  1.00 51.91  ? 49  U   A "O4'" 1 
ATOM   1045 C  "C3'" . U   A 1 49 ? -16.220 -1.637  -6.142  1.00 50.33  ? 49  U   A "C3'" 1 
ATOM   1046 O  "O3'" . U   A 1 49 ? -16.320 -1.356  -7.520  1.00 50.82  ? 49  U   A "O3'" 1 
ATOM   1047 C  "C2'" . U   A 1 49 ? -16.113 -0.396  -5.274  1.00 52.79  ? 49  U   A "C2'" 1 
ATOM   1048 O  "O2'" . U   A 1 49 ? -16.995 0.620   -5.727  1.00 56.79  ? 49  U   A "O2'" 1 
ATOM   1049 C  "C1'" . U   A 1 49 ? -16.612 -0.920  -3.931  1.00 52.13  ? 49  U   A "C1'" 1 
ATOM   1050 N  N1    . U   A 1 49 ? -15.492 -1.360  -3.073  1.00 53.37  ? 49  U   A N1    1 
ATOM   1051 C  C2    . U   A 1 49 ? -14.865 -0.403  -2.299  1.00 52.41  ? 49  U   A C2    1 
ATOM   1052 O  O2    . U   A 1 49 ? -15.214 0.762   -2.293  1.00 53.49  ? 49  U   A O2    1 
ATOM   1053 N  N3    . U   A 1 49 ? -13.827 -0.866  -1.534  1.00 51.97  ? 49  U   A N3    1 
ATOM   1054 C  C4    . U   A 1 49 ? -13.377 -2.169  -1.476  1.00 51.88  ? 49  U   A C4    1 
ATOM   1055 O  O4    . U   A 1 49 ? -12.431 -2.453  -0.748  1.00 54.18  ? 49  U   A O4    1 
ATOM   1056 C  C5    . U   A 1 49 ? -14.079 -3.093  -2.306  1.00 49.31  ? 49  U   A C5    1 
ATOM   1057 C  C6    . U   A 1 49 ? -15.085 -2.673  -3.064  1.00 49.87  ? 49  U   A C6    1 
ATOM   1058 P  P     . G   A 1 50 ? -14.997 -1.154  -8.405  1.00 58.36  ? 50  G   A P     1 
ATOM   1059 O  OP1   . G   A 1 50 ? -15.447 -1.002  -9.812  1.00 60.33  ? 50  G   A OP1   1 
ATOM   1060 O  OP2   . G   A 1 50 ? -14.002 -2.211  -8.098  1.00 48.31  ? 50  G   A OP2   1 
ATOM   1061 O  "O5'" . G   A 1 50 ? -14.430 0.251   -7.900  1.00 54.50  ? 50  G   A "O5'" 1 
ATOM   1062 C  "C5'" . G   A 1 50 ? -15.122 1.456   -8.167  1.00 47.20  ? 50  G   A "C5'" 1 
ATOM   1063 C  "C4'" . G   A 1 50 ? -14.471 2.609   -7.468  1.00 53.44  ? 50  G   A "C4'" 1 
ATOM   1064 O  "O4'" . G   A 1 50 ? -14.458 2.355   -6.038  1.00 54.59  ? 50  G   A "O4'" 1 
ATOM   1065 C  "C3'" . G   A 1 50 ? -13.006 2.852   -7.809  1.00 58.25  ? 50  G   A "C3'" 1 
ATOM   1066 O  "O3'" . G   A 1 50 ? -12.805 3.530   -9.047  1.00 52.58  ? 50  G   A "O3'" 1 
ATOM   1067 C  "C2'" . G   A 1 50 ? -12.500 3.600   -6.571  1.00 57.70  ? 50  G   A "C2'" 1 
ATOM   1068 O  "O2'" . G   A 1 50 ? -12.872 4.970   -6.594  1.00 54.97  ? 50  G   A "O2'" 1 
ATOM   1069 C  "C1'" . G   A 1 50 ? -13.289 2.908   -5.460  1.00 53.53  ? 50  G   A "C1'" 1 
ATOM   1070 N  N9    . G   A 1 50 ? -12.515 1.826   -4.833  1.00 52.99  ? 50  G   A N9    1 
ATOM   1071 C  C8    . G   A 1 50 ? -12.626 0.490   -5.092  1.00 52.20  ? 50  G   A C8    1 
ATOM   1072 N  N7    . G   A 1 50 ? -11.809 -0.231  -4.377  1.00 53.69  ? 50  G   A N7    1 
ATOM   1073 C  C5    . G   A 1 50 ? -11.115 0.681   -3.597  1.00 54.08  ? 50  G   A C5    1 
ATOM   1074 C  C6    . G   A 1 50 ? -10.092 0.491   -2.625  1.00 55.95  ? 50  G   A C6    1 
ATOM   1075 O  O6    . G   A 1 50 ? -9.572  -0.566  -2.233  1.00 59.41  ? 50  G   A O6    1 
ATOM   1076 N  N1    . G   A 1 50 ? -9.660  1.697   -2.087  1.00 55.22  ? 50  G   A N1    1 
ATOM   1077 C  C2    . G   A 1 50 ? -10.149 2.926   -2.430  1.00 52.45  ? 50  G   A C2    1 
ATOM   1078 N  N2    . G   A 1 50 ? -9.606  3.976   -1.793  1.00 49.82  ? 50  G   A N2    1 
ATOM   1079 N  N3    . G   A 1 50 ? -11.102 3.107   -3.327  1.00 52.58  ? 50  G   A N3    1 
ATOM   1080 C  C4    . G   A 1 50 ? -11.540 1.958   -3.870  1.00 53.96  ? 50  G   A C4    1 
ATOM   1081 P  P     . U   A 1 51 ? -11.916 2.849   -10.211 1.00 56.71  ? 51  U   A P     1 
ATOM   1082 O  OP1   . U   A 1 51 ? -12.611 3.044   -11.503 1.00 53.97  ? 51  U   A OP1   1 
ATOM   1083 O  OP2   . U   A 1 51 ? -11.439 1.510   -9.786  1.00 53.50  ? 51  U   A OP2   1 
ATOM   1084 O  "O5'" . U   A 1 51 ? -10.586 3.718   -10.249 1.00 61.17  ? 51  U   A "O5'" 1 
ATOM   1085 C  "C5'" . U   A 1 51 ? -10.641 5.131   -10.334 1.00 61.55  ? 51  U   A "C5'" 1 
ATOM   1086 C  "C4'" . U   A 1 51 ? -9.842  5.790   -9.238  1.00 55.49  ? 51  U   A "C4'" 1 
ATOM   1087 O  "O4'" . U   A 1 51 ? -10.260 5.292   -7.943  1.00 55.28  ? 51  U   A "O4'" 1 
ATOM   1088 C  "C3'" . U   A 1 51 ? -8.350  5.547   -9.232  1.00 49.62  ? 51  U   A "C3'" 1 
ATOM   1089 O  "O3'" . U   A 1 51 ? -7.644  6.288   -10.210 1.00 50.79  ? 51  U   A "O3'" 1 
ATOM   1090 C  "C2'" . U   A 1 51 ? -7.989  5.913   -7.803  1.00 52.84  ? 51  U   A "C2'" 1 
ATOM   1091 O  "O2'" . U   A 1 51 ? -8.058  7.315   -7.614  1.00 55.15  ? 51  U   A "O2'" 1 
ATOM   1092 C  "C1'" . U   A 1 51 ? -9.164  5.317   -7.051  1.00 51.91  ? 51  U   A "C1'" 1 
ATOM   1093 N  N1    . U   A 1 51 ? -8.875  3.946   -6.585  1.00 52.48  ? 51  U   A N1    1 
ATOM   1094 C  C2    . U   A 1 51 ? -8.138  3.824   -5.434  1.00 51.47  ? 51  U   A C2    1 
ATOM   1095 O  O2    . U   A 1 51 ? -7.738  4.792   -4.825  1.00 54.02  ? 51  U   A O2    1 
ATOM   1096 N  N3    . U   A 1 51 ? -7.891  2.540   -5.024  1.00 52.57  ? 51  U   A N3    1 
ATOM   1097 C  C4    . U   A 1 51 ? -8.311  1.391   -5.649  1.00 53.58  ? 51  U   A C4    1 
ATOM   1098 O  O4    . U   A 1 51 ? -8.028  0.293   -5.175  1.00 57.92  ? 51  U   A O4    1 
ATOM   1099 C  C5    . U   A 1 51 ? -9.074  1.601   -6.835  1.00 53.32  ? 51  U   A C5    1 
ATOM   1100 C  C6    . U   A 1 51 ? -9.318  2.839   -7.256  1.00 54.95  ? 51  U   A C6    1 
ATOM   1101 P  P     . A   A 1 52 ? -6.299  5.676   -10.850 1.00 63.05  ? 52  A   A P     1 
ATOM   1102 O  OP1   . A   A 1 52 ? -5.876  6.553   -11.972 1.00 66.44  ? 52  A   A OP1   1 
ATOM   1103 O  OP2   . A   A 1 52 ? -6.524  4.224   -11.083 1.00 54.82  ? 52  A   A OP2   1 
ATOM   1104 O  "O5'" . A   A 1 52 ? -5.207  5.809   -9.693  1.00 52.53  ? 52  A   A "O5'" 1 
ATOM   1105 C  "C5'" . A   A 1 52 ? -4.848  7.071   -9.165  1.00 48.74  ? 52  A   A "C5'" 1 
ATOM   1106 C  "C4'" . A   A 1 52 ? -4.020  6.915   -7.915  1.00 56.02  ? 52  A   A "C4'" 1 
ATOM   1107 O  "O4'" . A   A 1 52 ? -4.784  6.215   -6.905  1.00 57.40  ? 52  A   A "O4'" 1 
ATOM   1108 C  "C3'" . A   A 1 52 ? -2.748  6.090   -8.046  1.00 54.99  ? 52  A   A "C3'" 1 
ATOM   1109 O  "O3'" . A   A 1 52 ? -1.679  6.826   -8.586  1.00 47.50  ? 52  A   A "O3'" 1 
ATOM   1110 C  "C2'" . A   A 1 52 ? -2.492  5.636   -6.615  1.00 56.61  ? 52  A   A "C2'" 1 
ATOM   1111 O  "O2'" . A   A 1 52 ? -1.890  6.672   -5.858  1.00 62.66  ? 52  A   A "O2'" 1 
ATOM   1112 C  "C1'" . A   A 1 52 ? -3.919  5.436   -6.102  1.00 56.64  ? 52  A   A "C1'" 1 
ATOM   1113 N  N9    . A   A 1 52 ? -4.333  4.036   -6.192  1.00 49.07  ? 52  A   A N9    1 
ATOM   1114 C  C8    . A   A 1 52 ? -5.223  3.501   -7.070  1.00 51.31  ? 52  A   A C8    1 
ATOM   1115 N  N7    . A   A 1 52 ? -5.395  2.216   -6.900  1.00 56.07  ? 52  A   A N7    1 
ATOM   1116 C  C5    . A   A 1 52 ? -4.550  1.891   -5.848  1.00 54.72  ? 52  A   A C5    1 
ATOM   1117 C  C6    . A   A 1 52 ? -4.278  0.668   -5.203  1.00 56.05  ? 52  A   A C6    1 
ATOM   1118 N  N6    . A   A 1 52 ? -4.876  -0.478  -5.567  1.00 56.85  ? 52  A   A N6    1 
ATOM   1119 N  N1    . A   A 1 52 ? -3.375  0.675   -4.178  1.00 52.57  ? 52  A   A N1    1 
ATOM   1120 C  C2    . A   A 1 52 ? -2.817  1.859   -3.850  1.00 55.00  ? 52  A   A C2    1 
ATOM   1121 N  N3    . A   A 1 52 ? -2.989  3.075   -4.381  1.00 53.99  ? 52  A   A N3    1 
ATOM   1122 C  C4    . A   A 1 52 ? -3.884  3.015   -5.394  1.00 55.72  ? 52  A   A C4    1 
ATOM   1123 P  P     . A   A 1 53 ? -1.012  6.374   -9.967  1.00 60.48  ? 53  A   A P     1 
ATOM   1124 O  OP1   . A   A 1 53 ? -0.084  7.464   -10.353 1.00 61.57  ? 53  A   A OP1   1 
ATOM   1125 O  OP2   . A   A 1 53 ? -2.073  5.970   -10.934 1.00 53.44  ? 53  A   A OP2   1 
ATOM   1126 O  "O5'" . A   A 1 53 ? -0.147  5.111   -9.551  1.00 52.27  ? 53  A   A "O5'" 1 
ATOM   1127 C  "C5'" . A   A 1 53 ? 0.752   5.189   -8.459  1.00 52.57  ? 53  A   A "C5'" 1 
ATOM   1128 C  "C4'" . A   A 1 53 ? 2.138   4.779   -8.863  1.00 51.42  ? 53  A   A "C4'" 1 
ATOM   1129 O  "O4'" . A   A 1 53 ? 2.160   3.358   -9.129  1.00 48.57  ? 53  A   A "O4'" 1 
ATOM   1130 C  "C3'" . A   A 1 53 ? 2.671   5.441   -10.126 1.00 52.10  ? 53  A   A "C3'" 1 
ATOM   1131 O  "O3'" . A   A 1 53 ? 4.085   5.413   -10.055 1.00 57.13  ? 53  A   A "O3'" 1 
ATOM   1132 C  "C2'" . A   A 1 53 ? 2.281   4.453   -11.194 1.00 57.12  ? 53  A   A "C2'" 1 
ATOM   1133 O  "O2'" . A   A 1 53 ? 3.023   4.575   -12.387 1.00 61.12  ? 53  A   A "O2'" 1 
ATOM   1134 C  "C1'" . A   A 1 53 ? 2.551   3.138   -10.469 1.00 54.81  ? 53  A   A "C1'" 1 
ATOM   1135 N  N9    . A   A 1 53 ? 1.773   2.024   -10.995 1.00 58.43  ? 53  A   A N9    1 
ATOM   1136 C  C8    . A   A 1 53 ? 0.440   2.048   -11.302 1.00 57.54  ? 53  A   A C8    1 
ATOM   1137 N  N7    . A   A 1 53 ? 0.011   0.919   -11.772 1.00 57.49  ? 53  A   A N7    1 
ATOM   1138 C  C5    . A   A 1 53 ? 1.129   0.119   -11.778 1.00 57.38  ? 53  A   A C5    1 
ATOM   1139 C  C6    . A   A 1 53 ? 1.306   -1.201  -12.181 1.00 65.09  ? 53  A   A C6    1 
ATOM   1140 N  N6    . A   A 1 53 ? 0.300   -1.946  -12.654 1.00 67.57  ? 53  A   A N6    1 
ATOM   1141 N  N1    . A   A 1 53 ? 2.552   -1.715  -12.069 1.00 66.29  ? 53  A   A N1    1 
ATOM   1142 C  C2    . A   A 1 53 ? 3.532   -0.941  -11.587 1.00 61.59  ? 53  A   A C2    1 
ATOM   1143 N  N3    . A   A 1 53 ? 3.480   0.317   -11.178 1.00 59.47  ? 53  A   A N3    1 
ATOM   1144 C  C4    . A   A 1 53 ? 2.231   0.780   -11.304 1.00 57.53  ? 53  A   A C4    1 
ATOM   1145 P  P     . C   A 1 54 ? 4.933   6.727   -10.324 1.00 52.61  ? 54  C   A P     1 
ATOM   1146 O  OP1   . C   A 1 54 ? 4.153   7.574   -11.274 1.00 49.99  ? 54  C   A OP1   1 
ATOM   1147 O  OP2   . C   A 1 54 ? 6.310   6.255   -10.610 1.00 52.69  ? 54  C   A OP2   1 
ATOM   1148 O  "O5'" . C   A 1 54 ? 4.916   7.451   -8.909  1.00 55.32  ? 54  C   A "O5'" 1 
ATOM   1149 C  "C5'" . C   A 1 54 ? 3.852   8.323   -8.552  1.00 49.25  ? 54  C   A "C5'" 1 
ATOM   1150 C  "C4'" . C   A 1 54 ? 4.077   8.904   -7.188  1.00 49.18  ? 54  C   A "C4'" 1 
ATOM   1151 O  "O4'" . C   A 1 54 ? 4.138   7.838   -6.205  1.00 52.72  ? 54  C   A "O4'" 1 
ATOM   1152 C  "C3'" . C   A 1 54 ? 5.396   9.621   -6.995  1.00 51.79  ? 54  C   A "C3'" 1 
ATOM   1153 O  "O3'" . C   A 1 54 ? 5.425   10.915  -7.550  1.00 54.12  ? 54  C   A "O3'" 1 
ATOM   1154 C  "C2'" . C   A 1 54 ? 5.551   9.584   -5.492  1.00 51.39  ? 54  C   A "C2'" 1 
ATOM   1155 O  "O2'" . C   A 1 54 ? 4.614   10.482  -4.905  1.00 50.56  ? 54  C   A "O2'" 1 
ATOM   1156 C  "C1'" . C   A 1 54 ? 5.085   8.163   -5.209  1.00 47.95  ? 54  C   A "C1'" 1 
ATOM   1157 N  N1    . C   A 1 54 ? 6.186   7.180   -5.303  1.00 50.06  ? 54  C   A N1    1 
ATOM   1158 C  C2    . C   A 1 54 ? 7.049   6.975   -4.235  1.00 49.99  ? 54  C   A C2    1 
ATOM   1159 O  O2    . C   A 1 54 ? 6.896   7.644   -3.222  1.00 52.02  ? 54  C   A O2    1 
ATOM   1160 N  N3    . C   A 1 54 ? 8.036   6.058   -4.326  1.00 53.43  ? 54  C   A N3    1 
ATOM   1161 C  C4    . C   A 1 54 ? 8.181   5.349   -5.447  1.00 50.76  ? 54  C   A C4    1 
ATOM   1162 N  N4    . C   A 1 54 ? 9.160   4.458   -5.513  1.00 50.97  ? 54  C   A N4    1 
ATOM   1163 C  C5    . C   A 1 54 ? 7.319   5.523   -6.556  1.00 51.70  ? 54  C   A C5    1 
ATOM   1164 C  C6    . C   A 1 54 ? 6.344   6.429   -6.436  1.00 53.70  ? 54  C   A C6    1 
ATOM   1165 P  P     . C   A 1 55 ? 6.771   11.427  -8.252  1.00 57.67  ? 55  C   A P     1 
ATOM   1166 O  OP1   . C   A 1 55 ? 6.429   12.725  -8.909  1.00 49.39  ? 55  C   A OP1   1 
ATOM   1167 O  OP2   . C   A 1 55 ? 7.417   10.285  -8.977  1.00 45.93  ? 55  C   A OP2   1 
ATOM   1168 O  "O5'" . C   A 1 55 ? 7.718   11.732  -7.015  1.00 55.49  ? 55  C   A "O5'" 1 
ATOM   1169 C  "C5'" . C   A 1 55 ? 7.381   12.744  -6.081  1.00 54.49  ? 55  C   A "C5'" 1 
ATOM   1170 C  "C4'" . C   A 1 55 ? 8.506   12.962  -5.116  1.00 50.64  ? 55  C   A "C4'" 1 
ATOM   1171 O  "O4'" . C   A 1 55 ? 8.629   11.808  -4.253  1.00 51.19  ? 55  C   A "O4'" 1 
ATOM   1172 C  "C3'" . C   A 1 55 ? 9.883   13.077  -5.736  1.00 51.23  ? 55  C   A "C3'" 1 
ATOM   1173 O  "O3'" . C   A 1 55 ? 10.138  14.345  -6.304  1.00 54.19  ? 55  C   A "O3'" 1 
ATOM   1174 C  "C2'" . C   A 1 55 ? 10.786  12.725  -4.569  1.00 48.79  ? 55  C   A "C2'" 1 
ATOM   1175 O  "O2'" . C   A 1 55 ? 10.843  13.801  -3.637  1.00 53.70  ? 55  C   A "O2'" 1 
ATOM   1176 C  "C1'" . C   A 1 55 ? 9.987   11.604  -3.924  1.00 47.56  ? 55  C   A "C1'" 1 
ATOM   1177 N  N1    . C   A 1 55 ? 10.407  10.281  -4.409  1.00 47.97  ? 55  C   A N1    1 
ATOM   1178 C  C2    . C   A 1 55 ? 11.510  9.735   -3.788  1.00 48.99  ? 55  C   A C2    1 
ATOM   1179 O  O2    . C   A 1 55 ? 12.033  10.395  -2.899  1.00 50.41  ? 55  C   A O2    1 
ATOM   1180 N  N3    . C   A 1 55 ? 11.971  8.523   -4.155  1.00 52.84  ? 55  C   A N3    1 
ATOM   1181 C  C4    . C   A 1 55 ? 11.340  7.860   -5.118  1.00 53.25  ? 55  C   A C4    1 
ATOM   1182 N  N4    . C   A 1 55 ? 11.819  6.659   -5.444  1.00 53.68  ? 55  C   A N4    1 
ATOM   1183 C  C5    . C   A 1 55 ? 10.189  8.396   -5.774  1.00 49.69  ? 55  C   A C5    1 
ATOM   1184 C  C6    . C   A 1 55 ? 9.756   9.603   -5.398  1.00 49.77  ? 55  C   A C6    1 
ATOM   1185 P  P     . C   A 1 56 ? 11.191  14.476  -7.502  1.00 47.16  ? 56  C   A P     1 
ATOM   1186 O  OP1   . C   A 1 56 ? 11.015  15.859  -8.011  1.00 45.75  ? 56  C   A OP1   1 
ATOM   1187 O  OP2   . C   A 1 56 ? 11.088  13.295  -8.387  1.00 49.79  ? 56  C   A OP2   1 
ATOM   1188 O  "O5'" . C   A 1 56 ? 12.611  14.278  -6.812  1.00 51.45  ? 56  C   A "O5'" 1 
ATOM   1189 C  "C5'" . C   A 1 56 ? 13.141  15.260  -5.936  1.00 52.81  ? 56  C   A "C5'" 1 
ATOM   1190 C  "C4'" . C   A 1 56 ? 14.516  14.883  -5.446  1.00 49.04  ? 56  C   A "C4'" 1 
ATOM   1191 O  "O4'" . C   A 1 56 ? 14.444  13.671  -4.652  1.00 52.97  ? 56  C   A "O4'" 1 
ATOM   1192 C  "C3'" . C   A 1 56 ? 15.537  14.535  -6.506  1.00 50.36  ? 56  C   A "C3'" 1 
ATOM   1193 O  "O3'" . C   A 1 56 ? 16.062  15.658  -7.190  1.00 54.61  ? 56  C   A "O3'" 1 
ATOM   1194 C  "C2'" . C   A 1 56 ? 16.562  13.756  -5.700  1.00 49.78  ? 56  C   A "C2'" 1 
ATOM   1195 O  "O2'" . C   A 1 56 ? 17.306  14.645  -4.883  1.00 54.96  ? 56  C   A "O2'" 1 
ATOM   1196 C  "C1'" . C   A 1 56 ? 15.648  12.946  -4.786  1.00 49.96  ? 56  C   A "C1'" 1 
ATOM   1197 N  N1    . C   A 1 56 ? 15.348  11.613  -5.352  1.00 52.25  ? 56  C   A N1    1 
ATOM   1198 C  C2    . C   A 1 56 ? 16.283  10.591  -5.186  1.00 52.89  ? 56  C   A C2    1 
ATOM   1199 O  O2    . C   A 1 56 ? 17.323  10.838  -4.566  1.00 54.27  ? 56  C   A O2    1 
ATOM   1200 N  N3    . C   A 1 56 ? 16.039  9.370   -5.709  1.00 52.29  ? 56  C   A N3    1 
ATOM   1201 C  C4    . C   A 1 56 ? 14.912  9.155   -6.383  1.00 53.32  ? 56  C   A C4    1 
ATOM   1202 N  N4    . C   A 1 56 ? 14.695  7.942   -6.886  1.00 51.69  ? 56  C   A N4    1 
ATOM   1203 C  C5    . C   A 1 56 ? 13.940  10.174  -6.572  1.00 51.93  ? 56  C   A C5    1 
ATOM   1204 C  C6    . C   A 1 56 ? 14.196  11.378  -6.049  1.00 51.45  ? 56  C   A C6    1 
ATOM   1205 P  P     . C   A 1 57 ? 16.508  15.514  -8.730  1.00 54.45  ? 57  C   A P     1 
ATOM   1206 O  OP1   . C   A 1 57 ? 16.853  16.886  -9.180  1.00 52.63  ? 57  C   A OP1   1 
ATOM   1207 O  OP2   . C   A 1 57 ? 15.539  14.704  -9.513  1.00 48.18  ? 57  C   A OP2   1 
ATOM   1208 O  "O5'" . C   A 1 57 ? 17.815  14.612  -8.663  1.00 46.72  ? 57  C   A "O5'" 1 
ATOM   1209 C  "C5'" . C   A 1 57 ? 19.056  15.167  -8.283  1.00 45.79  ? 57  C   A "C5'" 1 
ATOM   1210 C  "C4'" . C   A 1 57 ? 20.058  14.092  -7.976  1.00 45.92  ? 57  C   A "C4'" 1 
ATOM   1211 O  "O4'" . C   A 1 57 ? 19.425  13.042  -7.210  1.00 54.51  ? 57  C   A "O4'" 1 
ATOM   1212 C  "C3'" . C   A 1 57 ? 20.624  13.369  -9.166  1.00 46.17  ? 57  C   A "C3'" 1 
ATOM   1213 O  "O3'" . C   A 1 57 ? 21.642  14.097  -9.805  1.00 55.66  ? 57  C   A "O3'" 1 
ATOM   1214 C  "C2'" . C   A 1 57 ? 21.091  12.062  -8.561  1.00 50.21  ? 57  C   A "C2'" 1 
ATOM   1215 O  "O2'" . C   A 1 57 ? 22.282  12.250  -7.834  1.00 56.51  ? 57  C   A "O2'" 1 
ATOM   1216 C  "C1'" . C   A 1 57 ? 19.984  11.796  -7.556  1.00 51.52  ? 57  C   A "C1'" 1 
ATOM   1217 N  N1    . C   A 1 57 ? 18.922  10.952  -8.130  1.00 49.75  ? 57  C   A N1    1 
ATOM   1218 C  C2    . C   A 1 57 ? 19.160  9.589   -8.259  1.00 54.60  ? 57  C   A C2    1 
ATOM   1219 O  O2    . C   A 1 57 ? 20.248  9.133   -7.893  1.00 56.88  ? 57  C   A O2    1 
ATOM   1220 N  N3    . C   A 1 57 ? 18.204  8.800   -8.786  1.00 56.54  ? 57  C   A N3    1 
ATOM   1221 C  C4    . C   A 1 57 ? 17.054  9.345   -9.158  1.00 54.54  ? 57  C   A C4    1 
ATOM   1222 N  N4    . C   A 1 57 ? 16.136  8.543   -9.668  1.00 56.39  ? 57  C   A N4    1 
ATOM   1223 C  C5    . C   A 1 57 ? 16.785  10.736  -9.034  1.00 52.05  ? 57  C   A C5    1 
ATOM   1224 C  C6    . C   A 1 57 ? 17.743  11.503  -8.520  1.00 50.21  ? 57  C   A C6    1 
ATOM   1225 P  P     . C   A 1 58 ? 21.743  14.100  -11.407 1.00 61.48  ? 58  C   A P     1 
ATOM   1226 O  OP1   . C   A 1 58 ? 22.442  15.359  -11.758 1.00 56.16  ? 58  C   A OP1   1 
ATOM   1227 O  OP2   . C   A 1 58 ? 20.405  13.857  -12.001 1.00 60.27  ? 58  C   A OP2   1 
ATOM   1228 O  "O5'" . C   A 1 58 ? 22.671  12.847  -11.713 1.00 49.17  ? 58  C   A "O5'" 1 
ATOM   1229 C  "C5'" . C   A 1 58 ? 23.932  12.744  -11.090 1.00 51.22  ? 58  C   A "C5'" 1 
ATOM   1230 C  "C4'" . C   A 1 58 ? 24.491  11.355  -11.196 1.00 60.27  ? 58  C   A "C4'" 1 
ATOM   1231 O  "O4'" . C   A 1 58 ? 23.687  10.422  -10.429 1.00 60.37  ? 58  C   A "O4'" 1 
ATOM   1232 C  "C3'" . C   A 1 58 ? 24.510  10.746  -12.582 1.00 63.99  ? 58  C   A "C3'" 1 
ATOM   1233 O  "O3'" . C   A 1 58 ? 25.558  11.242  -13.383 1.00 64.88  ? 58  C   A "O3'" 1 
ATOM   1234 C  "C2'" . C   A 1 58 ? 24.624  9.264   -12.274 1.00 62.62  ? 58  C   A "C2'" 1 
ATOM   1235 O  "O2'" . C   A 1 58 ? 25.947  8.963   -11.871 1.00 67.29  ? 58  C   A "O2'" 1 
ATOM   1236 C  "C1'" . C   A 1 58 ? 23.730  9.150   -11.041 1.00 59.67  ? 58  C   A "C1'" 1 
ATOM   1237 N  N1    . C   A 1 58 ? 22.350  8.751   -11.378 1.00 60.37  ? 58  C   A N1    1 
ATOM   1238 C  C2    . C   A 1 58 ? 22.063  7.411   -11.641 1.00 62.92  ? 58  C   A C2    1 
ATOM   1239 O  O2    . C   A 1 58 ? 22.982  6.582   -11.600 1.00 62.15  ? 58  C   A O2    1 
ATOM   1240 N  N3    . C   A 1 58 ? 20.787  7.063   -11.929 1.00 65.26  ? 58  C   A N3    1 
ATOM   1241 C  C4    . C   A 1 58 ? 19.830  8.004   -11.955 1.00 65.55  ? 58  C   A C4    1 
ATOM   1242 N  N4    . C   A 1 58 ? 18.575  7.648   -12.247 1.00 65.03  ? 58  C   A N4    1 
ATOM   1243 C  C5    . C   A 1 58 ? 20.105  9.373   -11.687 1.00 59.45  ? 58  C   A C5    1 
ATOM   1244 C  C6    . C   A 1 58 ? 21.367  9.695   -11.401 1.00 59.71  ? 58  C   A C6    1 
ATOM   1245 P  P     . C   A 1 59 ? 25.305  11.502  -14.946 1.00 79.04  ? 59  C   A P     1 
ATOM   1246 O  OP1   . C   A 1 59 ? 26.315  12.506  -15.397 1.00 73.37  ? 59  C   A OP1   1 
ATOM   1247 O  OP2   . C   A 1 59 ? 23.861  11.805  -15.134 1.00 68.79  ? 59  C   A OP2   1 
ATOM   1248 O  "O5'" . C   A 1 59 ? 25.563  10.073  -15.613 1.00 66.46  ? 59  C   A "O5'" 1 
ATOM   1249 C  "C5'" . C   A 1 59 ? 26.713  9.307   -15.297 1.00 61.00  ? 59  C   A "C5'" 1 
ATOM   1250 C  "C4'" . C   A 1 59 ? 26.576  7.878   -15.759 1.00 65.48  ? 59  C   A "C4'" 1 
ATOM   1251 O  "O4'" . C   A 1 59 ? 25.646  7.167   -14.901 1.00 68.09  ? 59  C   A "O4'" 1 
ATOM   1252 C  "C3'" . C   A 1 59 ? 26.013  7.666   -17.154 1.00 67.35  ? 59  C   A "C3'" 1 
ATOM   1253 O  "O3'" . C   A 1 59 ? 26.957  7.864   -18.181 1.00 65.98  ? 59  C   A "O3'" 1 
ATOM   1254 C  "C2'" . C   A 1 59 ? 25.472  6.243   -17.080 1.00 69.44  ? 59  C   A "C2'" 1 
ATOM   1255 O  "O2'" . C   A 1 59 ? 26.526  5.296   -17.155 1.00 69.29  ? 59  C   A "O2'" 1 
ATOM   1256 C  "C1'" . C   A 1 59 ? 24.915  6.218   -15.660 1.00 67.19  ? 59  C   A "C1'" 1 
ATOM   1257 N  N1    . C   A 1 59 ? 23.483  6.593   -15.632 1.00 66.00  ? 59  C   A N1    1 
ATOM   1258 C  C2    . C   A 1 59 ? 22.513  5.607   -15.827 1.00 67.64  ? 59  C   A C2    1 
ATOM   1259 O  O2    . C   A 1 59 ? 22.890  4.445   -16.009 1.00 68.42  ? 59  C   A O2    1 
ATOM   1260 N  N3    . C   A 1 59 ? 21.200  5.939   -15.795 1.00 68.94  ? 59  C   A N3    1 
ATOM   1261 C  C4    . C   A 1 59 ? 20.863  7.215   -15.591 1.00 68.69  ? 59  C   A C4    1 
ATOM   1262 N  N4    . C   A 1 59 ? 19.575  7.540   -15.572 1.00 69.52  ? 59  C   A N4    1 
ATOM   1263 C  C5    . C   A 1 59 ? 21.827  8.239   -15.389 1.00 66.21  ? 59  C   A C5    1 
ATOM   1264 C  C6    . C   A 1 59 ? 23.109  7.889   -15.416 1.00 65.81  ? 59  C   A C6    1 
ATOM   1265 P  P     . C   A 1 60 ? 26.482  8.516   -19.566 1.00 75.87  ? 60  C   A P     1 
ATOM   1266 O  OP1   . C   A 1 60 ? 27.678  8.996   -20.313 1.00 73.98  ? 60  C   A OP1   1 
ATOM   1267 O  OP2   . C   A 1 60 ? 25.461  9.535   -19.230 1.00 70.82  ? 60  C   A OP2   1 
ATOM   1268 O  "O5'" . C   A 1 60 ? 25.824  7.283   -20.340 1.00 67.13  ? 60  C   A "O5'" 1 
ATOM   1269 C  "C5'" . C   A 1 60 ? 26.580  6.100   -20.554 1.00 68.10  ? 60  C   A "C5'" 1 
ATOM   1270 C  "C4'" . C   A 1 60 ? 25.782  5.018   -21.244 1.00 74.55  ? 60  C   A "C4'" 1 
ATOM   1271 O  "O4'" . C   A 1 60 ? 24.865  4.395   -20.302 1.00 77.47  ? 60  C   A "O4'" 1 
ATOM   1272 C  "C3'" . C   A 1 60 ? 24.887  5.460   -22.393 1.00 71.62  ? 60  C   A "C3'" 1 
ATOM   1273 O  "O3'" . C   A 1 60 ? 25.577  5.633   -23.613 1.00 72.91  ? 60  C   A "O3'" 1 
ATOM   1274 C  "C2'" . C   A 1 60 ? 23.837  4.361   -22.433 1.00 72.39  ? 60  C   A "C2'" 1 
ATOM   1275 O  "O2'" . C   A 1 60 ? 24.350  3.186   -23.037 1.00 71.63  ? 60  C   A "O2'" 1 
ATOM   1276 C  "C1'" . C   A 1 60 ? 23.645  4.091   -20.945 1.00 73.12  ? 60  C   A "C1'" 1 
ATOM   1277 N  N1    . C   A 1 60 ? 22.605  4.986   -20.398 1.00 72.22  ? 60  C   A N1    1 
ATOM   1278 C  C2    . C   A 1 60 ? 21.285  4.624   -20.626 1.00 69.83  ? 60  C   A C2    1 
ATOM   1279 O  O2    . C   A 1 60 ? 21.066  3.566   -21.227 1.00 70.90  ? 60  C   A O2    1 
ATOM   1280 N  N3    . C   A 1 60 ? 20.299  5.419   -20.153 1.00 70.59  ? 60  C   A N3    1 
ATOM   1281 C  C4    . C   A 1 60 ? 20.601  6.547   -19.512 1.00 66.93  ? 60  C   A C4    1 
ATOM   1282 N  N4    . C   A 1 60 ? 19.591  7.288   -19.084 1.00 64.55  ? 60  C   A N4    1 
ATOM   1283 C  C5    . C   A 1 60 ? 21.945  6.957   -19.280 1.00 69.41  ? 60  C   A C5    1 
ATOM   1284 C  C6    . C   A 1 60 ? 22.910  6.154   -19.741 1.00 70.19  ? 60  C   A C6    1 
ATOM   1285 P  P     . A   A 1 61 ? 25.071  6.747   -24.653 1.00 84.77  ? 61  A   A P     1 
ATOM   1286 O  OP1   . A   A 1 61 ? 26.099  6.919   -25.720 1.00 77.81  ? 61  A   A OP1   1 
ATOM   1287 O  OP2   . A   A 1 61 ? 24.690  7.943   -23.856 1.00 66.47  ? 61  A   A OP2   1 
ATOM   1288 O  "O5'" . A   A 1 61 ? 23.785  6.064   -25.304 1.00 74.36  ? 61  A   A "O5'" 1 
ATOM   1289 C  "C5'" . A   A 1 61 ? 23.886  4.787   -25.920 1.00 64.90  ? 61  A   A "C5'" 1 
ATOM   1290 C  "C4'" . A   A 1 61 ? 22.532  4.214   -26.265 1.00 67.32  ? 61  A   A "C4'" 1 
ATOM   1291 O  "O4'" . A   A 1 61 ? 21.809  3.898   -25.052 1.00 71.48  ? 61  A   A "O4'" 1 
ATOM   1292 C  "C3'" . A   A 1 61 ? 21.587  5.128   -27.032 1.00 63.69  ? 61  A   A "C3'" 1 
ATOM   1293 O  "O3'" . A   A 1 61 ? 21.836  5.132   -28.418 1.00 58.37  ? 61  A   A "O3'" 1 
ATOM   1294 C  "C2'" . A   A 1 61 ? 20.223  4.570   -26.681 1.00 65.19  ? 61  A   A "C2'" 1 
ATOM   1295 O  "O2'" . A   A 1 61 ? 19.953  3.406   -27.439 1.00 67.08  ? 61  A   A "O2'" 1 
ATOM   1296 C  "C1'" . A   A 1 61 ? 20.434  4.163   -25.228 1.00 69.44  ? 61  A   A "C1'" 1 
ATOM   1297 N  N9    . A   A 1 61 ? 20.047  5.246   -24.311 1.00 68.55  ? 61  A   A N9    1 
ATOM   1298 C  C8    . A   A 1 61 ? 20.848  6.138   -23.639 1.00 69.73  ? 61  A   A C8    1 
ATOM   1299 N  N7    . A   A 1 61 ? 20.173  6.994   -22.904 1.00 71.09  ? 61  A   A N7    1 
ATOM   1300 C  C5    . A   A 1 61 ? 18.845  6.632   -23.115 1.00 68.32  ? 61  A   A C5    1 
ATOM   1301 C  C6    . A   A 1 61 ? 17.634  7.133   -22.618 1.00 62.66  ? 61  A   A C6    1 
ATOM   1302 N  N6    . A   A 1 61 ? 17.534  8.149   -21.767 1.00 60.70  ? 61  A   A N6    1 
ATOM   1303 N  N1    . A   A 1 61 ? 16.505  6.532   -23.034 1.00 66.93  ? 61  A   A N1    1 
ATOM   1304 C  C2    . A   A 1 61 ? 16.580  5.501   -23.888 1.00 67.48  ? 61  A   A C2    1 
ATOM   1305 N  N3    . A   A 1 61 ? 17.653  4.932   -24.419 1.00 67.00  ? 61  A   A N3    1 
ATOM   1306 C  C4    . A   A 1 61 ? 18.759  5.555   -23.981 1.00 67.68  ? 61  A   A C4    1 
ATOM   1307 P  P     . C   A 1 62 ? 21.857  6.521   -29.218 1.00 68.22  ? 62  C   A P     1 
ATOM   1308 O  OP1   . C   A 1 62 ? 22.424  6.206   -30.559 1.00 72.70  ? 62  C   A OP1   1 
ATOM   1309 O  OP2   . C   A 1 62 ? 22.482  7.586   -28.386 1.00 59.43  ? 62  C   A OP2   1 
ATOM   1310 O  "O5'" . C   A 1 62 ? 20.311  6.846   -29.408 1.00 67.27  ? 62  C   A "O5'" 1 
ATOM   1311 C  "C5'" . C   A 1 62 ? 19.492  5.935   -30.112 1.00 58.95  ? 62  C   A "C5'" 1 
ATOM   1312 C  "C4'" . C   A 1 62 ? 18.031  6.213   -29.911 1.00 63.29  ? 62  C   A "C4'" 1 
ATOM   1313 O  "O4'" . C   A 1 62 ? 17.643  5.973   -28.535 1.00 67.00  ? 62  C   A "O4'" 1 
ATOM   1314 C  "C3'" . C   A 1 62 ? 17.558  7.629   -30.168 1.00 61.58  ? 62  C   A "C3'" 1 
ATOM   1315 O  "O3'" . C   A 1 62 ? 17.473  7.943   -31.541 1.00 60.00  ? 62  C   A "O3'" 1 
ATOM   1316 C  "C2'" . C   A 1 62 ? 16.217  7.639   -29.444 1.00 63.25  ? 62  C   A "C2'" 1 
ATOM   1317 O  "O2'" . C   A 1 62 ? 15.226  6.941   -30.189 1.00 60.91  ? 62  C   A "O2'" 1 
ATOM   1318 C  "C1'" . C   A 1 62 ? 16.554  6.812   -28.203 1.00 64.04  ? 62  C   A "C1'" 1 
ATOM   1319 N  N1    . C   A 1 62 ? 16.944  7.690   -27.083 1.00 65.86  ? 62  C   A N1    1 
ATOM   1320 C  C2    . C   A 1 62 ? 15.910  8.197   -26.303 1.00 65.04  ? 62  C   A C2    1 
ATOM   1321 O  O2    . C   A 1 62 ? 14.753  7.858   -26.582 1.00 63.78  ? 62  C   A O2    1 
ATOM   1322 N  N3    . C   A 1 62 ? 16.202  9.024   -25.276 1.00 66.01  ? 62  C   A N3    1 
ATOM   1323 C  C4    . C   A 1 62 ? 17.470  9.344   -25.034 1.00 63.40  ? 62  C   A C4    1 
ATOM   1324 N  N4    . C   A 1 62 ? 17.706  10.154  -24.012 1.00 66.07  ? 62  C   A N4    1 
ATOM   1325 C  C5    . C   A 1 62 ? 18.546  8.852   -25.817 1.00 62.95  ? 62  C   A C5    1 
ATOM   1326 C  C6    . C   A 1 62 ? 18.243  8.037   -26.832 1.00 65.14  ? 62  C   A C6    1 
ATOM   1327 P  P     . G   A 1 63 ? 17.633  9.458   -32.031 1.00 66.90  ? 63  G   A P     1 
ATOM   1328 O  OP1   . G   A 1 63 ? 17.156  9.519   -33.441 1.00 66.82  ? 63  G   A OP1   1 
ATOM   1329 O  OP2   . G   A 1 63 ? 18.988  9.928   -31.653 1.00 66.61  ? 63  G   A OP2   1 
ATOM   1330 O  "O5'" . G   A 1 63 ? 16.561  10.265  -31.180 1.00 64.65  ? 63  G   A "O5'" 1 
ATOM   1331 C  "C5'" . G   A 1 63 ? 15.200  10.270  -31.583 1.00 63.55  ? 63  G   A "C5'" 1 
ATOM   1332 C  "C4'" . G   A 1 63 ? 14.383  11.250  -30.786 1.00 61.17  ? 63  G   A "C4'" 1 
ATOM   1333 O  "O4'" . G   A 1 63 ? 14.339  10.862  -29.392 1.00 61.35  ? 63  G   A "O4'" 1 
ATOM   1334 C  "C3'" . G   A 1 63 ? 14.900  12.669  -30.739 1.00 62.84  ? 63  G   A "C3'" 1 
ATOM   1335 O  "O3'" . G   A 1 63 ? 14.649  13.389  -31.933 1.00 70.12  ? 63  G   A "O3'" 1 
ATOM   1336 C  "C2'" . G   A 1 63 ? 14.191  13.222  -29.513 1.00 63.06  ? 63  G   A "C2'" 1 
ATOM   1337 O  "O2'" . G   A 1 63 ? 12.832  13.527  -29.804 1.00 70.89  ? 63  G   A "O2'" 1 
ATOM   1338 C  "C1'" . G   A 1 63 ? 14.231  12.012  -28.582 1.00 61.58  ? 63  G   A "C1'" 1 
ATOM   1339 N  N9    . G   A 1 63 ? 15.410  12.087  -27.716 1.00 60.35  ? 63  G   A N9    1 
ATOM   1340 C  C8    . G   A 1 63 ? 16.618  11.516  -27.960 1.00 63.13  ? 63  G   A C8    1 
ATOM   1341 N  N7    . G   A 1 63 ? 17.478  11.789  -27.029 1.00 67.81  ? 63  G   A N7    1 
ATOM   1342 C  C5    . G   A 1 63 ? 16.800  12.602  -26.130 1.00 63.69  ? 63  G   A C5    1 
ATOM   1343 C  C6    . G   A 1 63 ? 17.238  13.218  -24.927 1.00 67.78  ? 63  G   A C6    1 
ATOM   1344 O  O6    . G   A 1 63 ? 18.356  13.186  -24.378 1.00 70.09  ? 63  G   A O6    1 
ATOM   1345 N  N1    . G   A 1 63 ? 16.216  13.948  -24.340 1.00 65.24  ? 63  G   A N1    1 
ATOM   1346 C  C2    . G   A 1 63 ? 14.952  14.071  -24.839 1.00 62.53  ? 63  G   A C2    1 
ATOM   1347 N  N2    . G   A 1 63 ? 14.117  14.822  -24.109 1.00 63.33  ? 63  G   A N2    1 
ATOM   1348 N  N3    . G   A 1 63 ? 14.544  13.511  -25.962 1.00 63.08  ? 63  G   A N3    1 
ATOM   1349 C  C4    . G   A 1 63 ? 15.517  12.798  -26.550 1.00 59.87  ? 63  G   A C4    1 
ATOM   1350 P  P     . A   A 1 64 ? 15.721  14.453  -32.476 1.00 69.95  ? 64  A   A P     1 
ATOM   1351 O  OP1   . A   A 1 64 ? 15.012  15.261  -33.501 1.00 71.72  ? 64  A   A OP1   1 
ATOM   1352 O  OP2   . A   A 1 64 ? 16.982  13.750  -32.813 1.00 62.14  ? 64  A   A OP2   1 
ATOM   1353 O  "O5'" . A   A 1 64 ? 16.023  15.358  -31.198 1.00 64.66  ? 64  A   A "O5'" 1 
ATOM   1354 C  "C5'" . A   A 1 64 ? 17.120  16.249  -31.180 1.00 66.58  ? 64  A   A "C5'" 1 
ATOM   1355 C  "C4'" . A   A 1 64 ? 16.680  17.609  -30.724 1.00 68.69  ? 64  A   A "C4'" 1 
ATOM   1356 O  "O4'" . A   A 1 64 ? 15.658  18.096  -31.619 1.00 71.33  ? 64  A   A "O4'" 1 
ATOM   1357 C  "C3'" . A   A 1 64 ? 16.040  17.653  -29.346 1.00 64.72  ? 64  A   A "C3'" 1 
ATOM   1358 O  "O3'" . A   A 1 64 ? 17.011  17.803  -28.334 1.00 63.41  ? 64  A   A "O3'" 1 
ATOM   1359 C  "C2'" . A   A 1 64 ? 15.092  18.844  -29.431 1.00 67.98  ? 64  A   A "C2'" 1 
ATOM   1360 O  "O2'" . A   A 1 64 ? 15.769  20.056  -29.150 1.00 69.09  ? 64  A   A "O2'" 1 
ATOM   1361 C  "C1'" . A   A 1 64 ? 14.702  18.846  -30.906 1.00 67.83  ? 64  A   A "C1'" 1 
ATOM   1362 N  N9    . A   A 1 64 ? 13.367  18.281  -31.172 1.00 67.82  ? 64  A   A N9    1 
ATOM   1363 C  C8    . A   A 1 64 ? 13.076  17.308  -32.095 1.00 68.71  ? 64  A   A C8    1 
ATOM   1364 N  N7    . A   A 1 64 ? 11.802  17.016  -32.170 1.00 68.77  ? 64  A   A N7    1 
ATOM   1365 C  C5    . A   A 1 64 ? 11.214  17.864  -31.245 1.00 64.58  ? 64  A   A C5    1 
ATOM   1366 C  C6    . A   A 1 64 ? 9.879   18.026  -30.850 1.00 63.66  ? 64  A   A C6    1 
ATOM   1367 N  N6    . A   A 1 64 ? 8.863   17.320  -31.365 1.00 62.92  ? 64  A   A N6    1 
ATOM   1368 N  N1    . A   A 1 64 ? 9.634   18.943  -29.887 1.00 65.27  ? 64  A   A N1    1 
ATOM   1369 C  C2    . A   A 1 64 ? 10.656  19.646  -29.375 1.00 65.76  ? 64  A   A C2    1 
ATOM   1370 N  N3    . A   A 1 64 ? 11.952  19.578  -29.665 1.00 66.71  ? 64  A   A N3    1 
ATOM   1371 C  C4    . A   A 1 64 ? 12.166  18.654  -30.619 1.00 65.86  ? 64  A   A C4    1 
ATOM   1372 P  P     . A   A 1 65 ? 17.071  16.790  -27.101 1.00 68.00  ? 65  A   A P     1 
ATOM   1373 O  OP1   . A   A 1 65 ? 18.367  16.902  -26.392 1.00 70.22  ? 65  A   A OP1   1 
ATOM   1374 O  OP2   . A   A 1 65 ? 16.655  15.461  -27.614 1.00 68.41  ? 65  A   A OP2   1 
ATOM   1375 O  "O5'" . A   A 1 65 ? 15.990  17.385  -26.101 1.00 71.48  ? 65  A   A "O5'" 1 
ATOM   1376 C  "C5'" . A   A 1 65 ? 16.097  18.714  -25.617 1.00 64.60  ? 65  A   A "C5'" 1 
ATOM   1377 C  "C4'" . A   A 1 65 ? 14.742  19.266  -25.262 1.00 68.33  ? 65  A   A "C4'" 1 
ATOM   1378 O  "O4'" . A   A 1 65 ? 13.901  19.264  -26.440 1.00 68.37  ? 65  A   A "O4'" 1 
ATOM   1379 C  "C3'" . A   A 1 65 ? 13.955  18.478  -24.227 1.00 63.40  ? 65  A   A "C3'" 1 
ATOM   1380 O  "O3'" . A   A 1 65 ? 14.314  18.864  -22.915 1.00 64.17  ? 65  A   A "O3'" 1 
ATOM   1381 C  "C2'" . A   A 1 65 ? 12.508  18.807  -24.573 1.00 64.40  ? 65  A   A "C2'" 1 
ATOM   1382 O  "O2'" . A   A 1 65 ? 12.129  20.057  -24.020 1.00 67.34  ? 65  A   A "O2'" 1 
ATOM   1383 C  "C1'" . A   A 1 65 ? 12.578  18.967  -26.090 1.00 64.25  ? 65  A   A "C1'" 1 
ATOM   1384 N  N9    . A   A 1 65 ? 12.185  17.756  -26.822 1.00 66.93  ? 65  A   A N9    1 
ATOM   1385 C  C8    . A   A 1 65 ? 13.004  16.814  -27.382 1.00 62.74  ? 65  A   A C8    1 
ATOM   1386 N  N7    . A   A 1 65 ? 12.344  15.857  -27.990 1.00 65.02  ? 65  A   A N7    1 
ATOM   1387 C  C5    . A   A 1 65 ? 11.005  16.204  -27.825 1.00 66.93  ? 65  A   A C5    1 
ATOM   1388 C  C6    . A   A 1 65 ? 9.798   15.600  -28.235 1.00 64.92  ? 65  A   A C6    1 
ATOM   1389 N  N6    . A   A 1 65 ? 9.728   14.466  -28.941 1.00 63.75  ? 65  A   A N6    1 
ATOM   1390 N  N1    . A   A 1 65 ? 8.648   16.215  -27.885 1.00 60.79  ? 65  A   A N1    1 
ATOM   1391 C  C2    . A   A 1 65 ? 8.706   17.347  -27.175 1.00 62.87  ? 65  A   A C2    1 
ATOM   1392 N  N3    . A   A 1 65 ? 9.763   18.016  -26.737 1.00 63.74  ? 65  A   A N3    1 
ATOM   1393 C  C4    . A   A 1 65 ? 10.894  17.379  -27.102 1.00 68.12  ? 65  A   A C4    1 
ATOM   1394 P  P     . A   A 1 66 ? 14.160  17.865  -21.675 1.00 68.00  ? 66  A   A P     1 
ATOM   1395 O  OP1   . A   A 1 66 ? 14.542  18.623  -20.449 1.00 60.42  ? 66  A   A OP1   1 
ATOM   1396 O  OP2   . A   A 1 66 ? 14.872  16.596  -22.009 1.00 54.63  ? 66  A   A OP2   1 
ATOM   1397 O  "O5'" . A   A 1 66 ? 12.581  17.648  -21.573 1.00 69.82  ? 66  A   A "O5'" 1 
ATOM   1398 C  "C5'" . A   A 1 66 ? 11.759  18.543  -20.832 1.00 62.07  ? 66  A   A "C5'" 1 
ATOM   1399 C  "C4'" . A   A 1 66 ? 10.292  18.255  -21.034 1.00 58.12  ? 66  A   A "C4'" 1 
ATOM   1400 O  "O4'" . A   A 1 66 ? 10.008  18.194  -22.456 1.00 64.66  ? 66  A   A "O4'" 1 
ATOM   1401 C  "C3'" . A   A 1 66 ? 9.800   16.920  -20.501 1.00 59.52  ? 66  A   A "C3'" 1 
ATOM   1402 O  "O3'" . A   A 1 66 ? 9.505   16.949  -19.117 1.00 59.18  ? 66  A   A "O3'" 1 
ATOM   1403 C  "C2'" . A   A 1 66 ? 8.591   16.632  -21.386 1.00 59.69  ? 66  A   A "C2'" 1 
ATOM   1404 O  "O2'" . A   A 1 66 ? 7.466   17.396  -20.990 1.00 61.48  ? 66  A   A "O2'" 1 
ATOM   1405 C  "C1'" . A   A 1 66 ? 9.068   17.175  -22.723 1.00 60.49  ? 66  A   A "C1'" 1 
ATOM   1406 N  N9    . A   A 1 66 ? 9.734   16.130  -23.518 1.00 63.84  ? 66  A   A N9    1 
ATOM   1407 C  C8    . A   A 1 66 ? 11.062  15.798  -23.488 1.00 61.99  ? 66  A   A C8    1 
ATOM   1408 N  N7    . A   A 1 66 ? 11.377  14.823  -24.302 1.00 62.94  ? 66  A   A N7    1 
ATOM   1409 C  C5    . A   A 1 66 ? 10.179  14.488  -24.911 1.00 62.60  ? 66  A   A C5    1 
ATOM   1410 C  C6    . A   A 1 66 ? 9.853   13.522  -25.882 1.00 63.88  ? 66  A   A C6    1 
ATOM   1411 N  N6    . A   A 1 66 ? 10.742  12.689  -26.434 1.00 63.84  ? 66  A   A N6    1 
ATOM   1412 N  N1    . A   A 1 66 ? 8.568   13.444  -26.278 1.00 60.44  ? 66  A   A N1    1 
ATOM   1413 C  C2    . A   A 1 66 ? 7.688   14.285  -25.716 1.00 61.05  ? 66  A   A C2    1 
ATOM   1414 N  N3    . A   A 1 66 ? 7.868   15.235  -24.807 1.00 59.93  ? 66  A   A N3    1 
ATOM   1415 C  C4    . A   A 1 66 ? 9.154   15.283  -24.433 1.00 64.07  ? 66  A   A C4    1 
ATOM   1416 P  P     . G   A 1 67 ? 10.084  15.819  -18.129 1.00 62.21  ? 67  G   A P     1 
ATOM   1417 O  OP1   . G   A 1 67 ? 9.288   15.858  -16.881 1.00 60.20  ? 67  G   A OP1   1 
ATOM   1418 O  OP2   . G   A 1 67 ? 11.557  15.930  -18.040 1.00 68.30  ? 67  G   A OP2   1 
ATOM   1419 O  "O5'" . G   A 1 67 ? 9.864   14.450  -18.914 1.00 68.02  ? 67  G   A "O5'" 1 
ATOM   1420 C  "C5'" . G   A 1 67 ? 8.605   13.794  -18.972 1.00 59.25  ? 67  G   A "C5'" 1 
ATOM   1421 C  "C4'" . G   A 1 67 ? 8.476   12.993  -20.247 1.00 60.34  ? 67  G   A "C4'" 1 
ATOM   1422 O  "O4'" . G   A 1 67 ? 9.370   13.525  -21.259 1.00 63.00  ? 67  G   A "O4'" 1 
ATOM   1423 C  "C3'" . G   A 1 67 ? 8.846   11.522  -20.178 1.00 59.83  ? 67  G   A "C3'" 1 
ATOM   1424 O  "O3'" . G   A 1 67 ? 7.798   10.722  -19.673 1.00 63.46  ? 67  G   A "O3'" 1 
ATOM   1425 C  "C2'" . G   A 1 67 ? 9.156   11.201  -21.627 1.00 60.54  ? 67  G   A "C2'" 1 
ATOM   1426 O  "O2'" . G   A 1 67 ? 7.944   11.076  -22.357 1.00 60.93  ? 67  G   A "O2'" 1 
ATOM   1427 C  "C1'" . G   A 1 67 ? 9.850   12.482  -22.071 1.00 57.93  ? 67  G   A "C1'" 1 
ATOM   1428 N  N9    . G   A 1 67 ? 11.310  12.408  -21.906 1.00 60.29  ? 67  G   A N9    1 
ATOM   1429 C  C8    . G   A 1 67 ? 12.070  13.058  -20.968 1.00 61.68  ? 67  G   A C8    1 
ATOM   1430 N  N7    . G   A 1 67 ? 13.350  12.803  -21.082 1.00 62.92  ? 67  G   A N7    1 
ATOM   1431 C  C5    . G   A 1 67 ? 13.437  11.937  -22.155 1.00 57.45  ? 67  G   A C5    1 
ATOM   1432 C  C6    . G   A 1 67 ? 14.561  11.322  -22.747 1.00 60.31  ? 67  G   A C6    1 
ATOM   1433 O  O6    . G   A 1 67 ? 15.746  11.423  -22.430 1.00 62.87  ? 67  G   A O6    1 
ATOM   1434 N  N1    . G   A 1 67 ? 14.205  10.518  -23.822 1.00 61.76  ? 67  G   A N1    1 
ATOM   1435 C  C2    . G   A 1 67 ? 12.924  10.330  -24.272 1.00 60.75  ? 67  G   A C2    1 
ATOM   1436 N  N2    . G   A 1 67 ? 12.776  9.522   -25.328 1.00 60.18  ? 67  G   A N2    1 
ATOM   1437 N  N3    . G   A 1 67 ? 11.864  10.900  -23.727 1.00 61.69  ? 67  G   A N3    1 
ATOM   1438 C  C4    . G   A 1 67 ? 12.191  11.687  -22.680 1.00 61.94  ? 67  G   A C4    1 
ATOM   1439 P  P     . U   A 1 68 ? 8.115   9.388   -18.847 1.00 61.86  ? 68  U   A P     1 
ATOM   1440 O  OP1   . U   A 1 68 ? 6.795   8.985   -18.295 1.00 64.27  ? 68  U   A OP1   1 
ATOM   1441 O  OP2   . U   A 1 68 ? 9.271   9.669   -17.945 1.00 60.71  ? 68  U   A OP2   1 
ATOM   1442 O  "O5'" . U   A 1 68 ? 8.541   8.318   -19.947 1.00 53.64  ? 68  U   A "O5'" 1 
ATOM   1443 C  "C5'" . U   A 1 68 ? 7.623   7.893   -20.942 1.00 57.89  ? 68  U   A "C5'" 1 
ATOM   1444 C  "C4'" . U   A 1 68 ? 8.280   6.976   -21.939 1.00 56.77  ? 68  U   A "C4'" 1 
ATOM   1445 O  "O4'" . U   A 1 68 ? 9.281   7.712   -22.681 1.00 58.38  ? 68  U   A "O4'" 1 
ATOM   1446 C  "C3'" . U   A 1 68 ? 9.055   5.818   -21.346 1.00 60.37  ? 68  U   A "C3'" 1 
ATOM   1447 O  "O3'" . U   A 1 68 ? 8.244   4.731   -20.945 1.00 60.09  ? 68  U   A "O3'" 1 
ATOM   1448 C  "C2'" . U   A 1 68 ? 10.051  5.482   -22.446 1.00 59.27  ? 68  U   A "C2'" 1 
ATOM   1449 O  "O2'" . U   A 1 68 ? 9.432   4.731   -23.482 1.00 63.86  ? 68  U   A "O2'" 1 
ATOM   1450 C  "C1'" . U   A 1 68 ? 10.374  6.872   -22.984 1.00 56.83  ? 68  U   A "C1'" 1 
ATOM   1451 N  N1    . U   A 1 68 ? 11.597  7.430   -22.367 1.00 59.75  ? 68  U   A N1    1 
ATOM   1452 C  C2    . U   A 1 68 ? 12.804  6.977   -22.853 1.00 63.60  ? 68  U   A C2    1 
ATOM   1453 O  O2    . U   A 1 68 ? 12.897  6.152   -23.755 1.00 66.07  ? 68  U   A O2    1 
ATOM   1454 N  N3    . U   A 1 68 ? 13.900  7.528   -22.239 1.00 60.20  ? 68  U   A N3    1 
ATOM   1455 C  C4    . U   A 1 68 ? 13.921  8.456   -21.225 1.00 59.19  ? 68  U   A C4    1 
ATOM   1456 O  O4    . U   A 1 68 ? 15.009  8.850   -20.797 1.00 60.60  ? 68  U   A O4    1 
ATOM   1457 C  C5    . U   A 1 68 ? 12.633  8.877   -20.780 1.00 56.34  ? 68  U   A C5    1 
ATOM   1458 C  C6    . U   A 1 68 ? 11.546  8.359   -21.355 1.00 59.44  ? 68  U   A C6    1 
ATOM   1459 P  P     . G   A 1 69 ? 8.715   3.846   -19.697 1.00 60.82  ? 69  G   A P     1 
ATOM   1460 O  OP1   . G   A 1 69 ? 7.662   2.844   -19.421 1.00 66.02  ? 69  G   A OP1   1 
ATOM   1461 O  OP2   . G   A 1 69 ? 9.203   4.756   -18.629 1.00 61.18  ? 69  G   A OP2   1 
ATOM   1462 O  "O5'" . G   A 1 69 ? 9.988   3.067   -20.236 1.00 55.02  ? 69  G   A "O5'" 1 
ATOM   1463 C  "C5'" . G   A 1 69 ? 9.834   2.054   -21.213 1.00 59.84  ? 69  G   A "C5'" 1 
ATOM   1464 C  "C4'" . G   A 1 69 ? 11.163  1.570   -21.726 1.00 59.91  ? 69  G   A "C4'" 1 
ATOM   1465 O  "O4'" . G   A 1 69 ? 11.917  2.672   -22.299 1.00 61.64  ? 69  G   A "O4'" 1 
ATOM   1466 C  "C3'" . G   A 1 69 ? 12.106  1.005   -20.685 1.00 61.12  ? 69  G   A "C3'" 1 
ATOM   1467 O  "O3'" . G   A 1 69 ? 11.756  -0.296  -20.265 1.00 62.21  ? 69  G   A "O3'" 1 
ATOM   1468 C  "C2'" . G   A 1 69 ? 13.446  1.099   -21.394 1.00 63.08  ? 69  G   A "C2'" 1 
ATOM   1469 O  "O2'" . G   A 1 69 ? 13.553  0.085   -22.382 1.00 64.69  ? 69  G   A "O2'" 1 
ATOM   1470 C  "C1'" . G   A 1 69 ? 13.302  2.447   -22.104 1.00 64.99  ? 69  G   A "C1'" 1 
ATOM   1471 N  N9    . G   A 1 69 ? 13.887  3.550   -21.301 1.00 65.73  ? 69  G   A N9    1 
ATOM   1472 C  C8    . G   A 1 69 ? 13.259  4.500   -20.529 1.00 60.74  ? 69  G   A C8    1 
ATOM   1473 N  N7    . G   A 1 69 ? 14.095  5.322   -19.943 1.00 59.30  ? 69  G   A N7    1 
ATOM   1474 C  C5    . G   A 1 69 ? 15.356  4.888   -20.341 1.00 62.07  ? 69  G   A C5    1 
ATOM   1475 C  C6    . G   A 1 69 ? 16.669  5.362   -20.038 1.00 64.75  ? 69  G   A C6    1 
ATOM   1476 O  O6    . G   A 1 69 ? 17.063  6.297   -19.335 1.00 63.81  ? 69  G   A O6    1 
ATOM   1477 N  N1    . G   A 1 69 ? 17.641  4.618   -20.663 1.00 66.41  ? 69  G   A N1    1 
ATOM   1478 C  C2    . G   A 1 69 ? 17.416  3.557   -21.472 1.00 64.56  ? 69  G   A C2    1 
ATOM   1479 N  N2    . G   A 1 69 ? 18.520  2.993   -21.967 1.00 67.96  ? 69  G   A N2    1 
ATOM   1480 N  N3    . G   A 1 69 ? 16.218  3.098   -21.766 1.00 64.44  ? 69  G   A N3    1 
ATOM   1481 C  C4    . G   A 1 69 ? 15.237  3.801   -21.172 1.00 62.94  ? 69  G   A C4    1 
ATOM   1482 P  P     . G   A 1 70 ? 12.091  -0.786  -18.771 1.00 65.79  ? 70  G   A P     1 
ATOM   1483 O  OP1   . G   A 1 70 ? 11.591  -2.184  -18.673 1.00 68.00  ? 70  G   A OP1   1 
ATOM   1484 O  OP2   . G   A 1 70 ? 11.579  0.185   -17.770 1.00 54.36  ? 70  G   A OP2   1 
ATOM   1485 O  "O5'" . G   A 1 70 ? 13.680  -0.862  -18.771 1.00 59.28  ? 70  G   A "O5'" 1 
ATOM   1486 C  "C5'" . G   A 1 70 ? 14.321  -1.812  -19.599 1.00 60.70  ? 70  G   A "C5'" 1 
ATOM   1487 C  "C4'" . G   A 1 70 ? 15.813  -1.707  -19.520 1.00 61.68  ? 70  G   A "C4'" 1 
ATOM   1488 O  "O4'" . G   A 1 70 ? 16.230  -0.415  -20.013 1.00 65.92  ? 70  G   A "O4'" 1 
ATOM   1489 C  "C3'" . G   A 1 70 ? 16.409  -1.769  -18.129 1.00 73.85  ? 70  G   A "C3'" 1 
ATOM   1490 O  "O3'" . G   A 1 70 ? 16.485  -3.083  -17.606 1.00 80.47  ? 70  G   A "O3'" 1 
ATOM   1491 C  "C2'" . G   A 1 70 ? 17.759  -1.092  -18.328 1.00 73.63  ? 70  G   A "C2'" 1 
ATOM   1492 O  "O2'" . G   A 1 70 ? 18.688  -1.970  -18.951 1.00 71.63  ? 70  G   A "O2'" 1 
ATOM   1493 C  "C1'" . G   A 1 70 ? 17.383  0.011   -19.317 1.00 68.87  ? 70  G   A "C1'" 1 
ATOM   1494 N  N9    . G   A 1 70 ? 17.068  1.258   -18.605 1.00 66.34  ? 70  G   A N9    1 
ATOM   1495 C  C8    . G   A 1 70 ? 15.849  1.715   -18.170 1.00 65.72  ? 70  G   A C8    1 
ATOM   1496 N  N7    . G   A 1 70 ? 15.946  2.859   -17.537 1.00 69.09  ? 70  G   A N7    1 
ATOM   1497 C  C5    . G   A 1 70 ? 17.310  3.166   -17.555 1.00 70.96  ? 70  G   A C5    1 
ATOM   1498 C  C6    . G   A 1 70 ? 18.046  4.276   -17.035 1.00 70.27  ? 70  G   A C6    1 
ATOM   1499 O  O6    . G   A 1 70 ? 17.651  5.273   -16.419 1.00 70.85  ? 70  G   A O6    1 
ATOM   1500 N  N1    . G   A 1 70 ? 19.404  4.154   -17.292 1.00 72.19  ? 70  G   A N1    1 
ATOM   1501 C  C2    . G   A 1 70 ? 19.992  3.106   -17.957 1.00 71.50  ? 70  G   A C2    1 
ATOM   1502 N  N2    . G   A 1 70 ? 21.324  3.169   -18.100 1.00 69.05  ? 70  G   A N2    1 
ATOM   1503 N  N3    . G   A 1 70 ? 19.325  2.074   -18.446 1.00 69.15  ? 70  G   A N3    1 
ATOM   1504 C  C4    . G   A 1 70 ? 18.005  2.173   -18.209 1.00 68.09  ? 70  G   A C4    1 
ATOM   1505 P  P     . G   A 1 71 ? 16.458  -3.332  -16.017 1.00 85.23  ? 71  G   A P     1 
ATOM   1506 O  OP1   . G   A 1 71 ? 16.549  -4.807  -15.830 1.00 80.65  ? 71  G   A OP1   1 
ATOM   1507 O  OP2   . G   A 1 71 ? 15.292  -2.631  -15.404 1.00 77.58  ? 71  G   A OP2   1 
ATOM   1508 O  "O5'" . G   A 1 71 ? 17.849  -2.717  -15.539 1.00 67.63  ? 71  G   A "O5'" 1 
ATOM   1509 C  "C5'" . G   A 1 71 ? 19.040  -3.411  -15.868 1.00 77.17  ? 71  G   A "C5'" 1 
ATOM   1510 C  "C4'" . G   A 1 71 ? 20.289  -2.720  -15.379 1.00 81.22  ? 71  G   A "C4'" 1 
ATOM   1511 O  "O4'" . G   A 1 71 ? 20.355  -1.373  -15.926 1.00 74.70  ? 71  G   A "O4'" 1 
ATOM   1512 C  "C3'" . G   A 1 71 ? 20.433  -2.531  -13.870 1.00 78.65  ? 71  G   A "C3'" 1 
ATOM   1513 O  "O3'" . G   A 1 71 ? 20.854  -3.716  -13.168 1.00 53.72  ? 71  G   A "O3'" 1 
ATOM   1514 C  "C2'" . G   A 1 71 ? 21.400  -1.340  -13.785 1.00 79.03  ? 71  G   A "C2'" 1 
ATOM   1515 O  "O2'" . G   A 1 71 ? 22.749  -1.748  -13.993 1.00 73.95  ? 71  G   A "O2'" 1 
ATOM   1516 C  "C1'" . G   A 1 71 ? 20.966  -0.499  -14.999 1.00 72.35  ? 71  G   A "C1'" 1 
ATOM   1517 N  N9    . G   A 1 71 ? 20.002  0.585   -14.664 1.00 75.88  ? 71  G   A N9    1 
ATOM   1518 C  C8    . G   A 1 71 ? 18.624  0.537   -14.783 1.00 74.22  ? 71  G   A C8    1 
ATOM   1519 N  N7    . G   A 1 71 ? 18.011  1.640   -14.430 1.00 67.37  ? 71  G   A N7    1 
ATOM   1520 C  C5    . G   A 1 71 ? 19.040  2.487   -14.040 1.00 70.90  ? 71  G   A C5    1 
ATOM   1521 C  C6    . G   A 1 71 ? 18.994  3.827   -13.541 1.00 73.42  ? 71  G   A C6    1 
ATOM   1522 O  O6    . G   A 1 71 ? 18.004  4.553   -13.340 1.00 74.79  ? 71  G   A O6    1 
ATOM   1523 N  N1    . G   A 1 71 ? 20.266  4.321   -13.263 1.00 69.02  ? 71  G   A N1    1 
ATOM   1524 C  C2    . G   A 1 71 ? 21.427  3.615   -13.439 1.00 69.03  ? 71  G   A C2    1 
ATOM   1525 N  N2    . G   A 1 71 ? 22.553  4.260   -13.115 1.00 69.65  ? 71  G   A N2    1 
ATOM   1526 N  N3    . G   A 1 71 ? 21.491  2.374   -13.898 1.00 70.73  ? 71  G   A N3    1 
ATOM   1527 C  C4    . G   A 1 71 ? 20.271  1.861   -14.182 1.00 72.21  ? 71  G   A C4    1 
HETATM 1528 MG MG    . MG  B 2 .  ? -9.001  1.409   6.912   1.00 32.44  ? 101 MG  A MG    1 
HETATM 1529 O  O1    . HEZ C 3 .  ? 1.621   5.040   -4.314  1.00 66.05  ? 102 HEZ A O1    1 
HETATM 1530 C  C1    . HEZ C 3 .  ? 2.762   5.183   -3.504  1.00 62.82  ? 102 HEZ A C1    1 
HETATM 1531 C  C2    . HEZ C 3 .  ? 3.991   4.746   -4.315  1.00 60.68  ? 102 HEZ A C2    1 
HETATM 1532 C  C3    . HEZ C 3 .  ? 3.791   3.333   -4.868  1.00 54.53  ? 102 HEZ A C3    1 
HETATM 1533 C  C4    . HEZ C 3 .  ? 4.404   3.217   -6.261  1.00 54.44  ? 102 HEZ A C4    1 
HETATM 1534 C  C5    . HEZ C 3 .  ? 5.707   2.421   -6.181  1.00 61.16  ? 102 HEZ A C5    1 
HETATM 1535 C  C6    . HEZ C 3 .  ? 5.613   1.171   -7.064  1.00 68.16  ? 102 HEZ A C6    1 
HETATM 1536 O  O6    . HEZ C 3 .  ? 5.385   1.520   -8.406  1.00 70.36  ? 102 HEZ A O6    1 
HETATM 1537 O  O     . HOH D 4 .  ? 15.835  5.091   -14.574 1.00 55.34  ? 201 HOH A O     1 
HETATM 1538 O  O     . HOH D 4 .  ? -10.920 -4.442  -0.140  1.00 50.01  ? 202 HOH A O     1 
HETATM 1539 O  O     . HOH D 4 .  ? 9.420   0.809   6.868   1.00 46.81  ? 203 HOH A O     1 
HETATM 1540 O  O     . HOH D 4 .  ? -13.772 -0.440  6.754   1.00 43.13  ? 204 HOH A O     1 
HETATM 1541 O  O     . HOH D 4 .  ? -21.263 -1.334  16.122  1.00 68.61  ? 205 HOH A O     1 
HETATM 1542 O  O     . HOH D 4 .  ? 20.759  12.987  -27.728 1.00 58.44  ? 206 HOH A O     1 
HETATM 1543 O  O     . HOH D 4 .  ? -9.771  -3.413  -4.454  1.00 63.60  ? 207 HOH A O     1 
HETATM 1544 O  O     . HOH D 4 .  ? -8.419  -4.039  -2.102  1.00 54.30  ? 208 HOH A O     1 
HETATM 1545 O  O     . HOH D 4 .  ? -19.301 -11.065 5.778   1.00 47.73  ? 209 HOH A O     1 
HETATM 1546 O  O     . HOH D 4 .  ? -26.041 -4.046  22.660  1.00 75.03  ? 210 HOH A O     1 
# 
loop_
_pdbx_poly_seq_scheme.asym_id 
_pdbx_poly_seq_scheme.entity_id 
_pdbx_poly_seq_scheme.seq_id 
_pdbx_poly_seq_scheme.mon_id 
_pdbx_poly_seq_scheme.ndb_seq_num 
_pdbx_poly_seq_scheme.pdb_seq_num 
_pdbx_poly_seq_scheme.auth_seq_num 
_pdbx_poly_seq_scheme.pdb_mon_id 
_pdbx_poly_seq_scheme.auth_mon_id 
_pdbx_poly_seq_scheme.pdb_strand_id 
_pdbx_poly_seq_scheme.pdb_ins_code 
_pdbx_poly_seq_scheme.hetero 
A 1 1  G 1  1  1  G G A . n 
A 1 2  G 2  2  2  G G A . n 
A 1 3  G 3  3  3  G G A . n 
A 1 4  U 4  4  4  U U A . n 
A 1 5  C 5  5  5  C C A . n 
A 1 6  A 6  6  6  A A A . n 
A 1 7  G 7  7  7  G G A . n 
A 1 8  G 8  8  8  G G A . n 
A 1 9  C 9  9  9  C C A . n 
A 1 10 C 10 10 10 C C A . n 
A 1 11 G 11 11 11 G G A . n 
A 1 12 G 12 12 12 G G A . n 
A 1 13 C 13 13 13 C C A . n 
A 1 14 G 14 14 14 G G A . n 
A 1 15 A 15 15 15 A A A . n 
A 1 16 A 16 16 16 A A A . n 
A 1 17 A 17 17 17 A A A . n 
A 1 18 G 18 18 18 G G A . n 
A 1 19 U 19 19 19 U U A . n 
A 1 20 C 20 20 20 C C A . n 
A 1 21 G 21 21 21 G G A . n 
A 1 22 C 22 22 22 C C A . n 
A 1 23 C 23 23 23 C C A . n 
A 1 24 A 24 24 24 A A A . n 
A 1 25 C 25 25 25 C C A . n 
A 1 26 A 26 26 26 A A A . n 
A 1 27 G 27 27 27 G G A . n 
A 1 28 U 28 28 28 U U A . n 
A 1 29 U 29 29 29 U U A . n 
A 1 30 U 30 30 30 U U A . n 
A 1 31 G 31 31 31 G G A . n 
A 1 32 G 32 32 32 G G A . n 
A 1 33 G 33 33 33 G G A . n 
A 1 34 G 34 34 34 G G A . n 
A 1 35 A 35 35 35 A A A . n 
A 1 36 A 36 36 36 A A A . n 
A 1 37 A 37 37 37 A A A . n 
A 1 38 G 38 38 38 G G A . n 
A 1 39 C 39 39 39 C C A . n 
A 1 40 U 40 40 40 U U A . n 
A 1 41 G 41 41 41 G G A . n 
A 1 42 U 42 42 42 U U A . n 
A 1 43 G 43 43 43 G G A . n 
A 1 44 C 44 44 44 C C A . n 
A 1 45 A 45 45 45 A A A . n 
A 1 46 G 46 46 46 G G A . n 
A 1 47 C 47 47 47 C C A . n 
A 1 48 C 48 48 48 C C A . n 
A 1 49 U 49 49 49 U U A . n 
A 1 50 G 50 50 50 G G A . n 
A 1 51 U 51 51 51 U U A . n 
A 1 52 A 52 52 52 A A A . n 
A 1 53 A 53 53 53 A A A . n 
A 1 54 C 54 54 54 C C A . n 
A 1 55 C 55 55 55 C C A . n 
A 1 56 C 56 56 56 C C A . n 
A 1 57 C 57 57 57 C C A . n 
A 1 58 C 58 58 58 C C A . n 
A 1 59 C 59 59 59 C C A . n 
A 1 60 C 60 60 60 C C A . n 
A 1 61 A 61 61 61 A A A . n 
A 1 62 C 62 62 62 C C A . n 
A 1 63 G 63 63 63 G G A . n 
A 1 64 A 64 64 64 A A A . n 
A 1 65 A 65 65 65 A A A . n 
A 1 66 A 66 66 66 A A A . n 
A 1 67 G 67 67 67 G G A . n 
A 1 68 U 68 68 68 U U A . n 
A 1 69 G 69 69 69 G G A . n 
A 1 70 G 70 70 70 G G A . n 
A 1 71 G 71 71 71 G G A . n 
# 
loop_
_pdbx_nonpoly_scheme.asym_id 
_pdbx_nonpoly_scheme.entity_id 
_pdbx_nonpoly_scheme.mon_id 
_pdbx_nonpoly_scheme.ndb_seq_num 
_pdbx_nonpoly_scheme.pdb_seq_num 
_pdbx_nonpoly_scheme.auth_seq_num 
_pdbx_nonpoly_scheme.pdb_mon_id 
_pdbx_nonpoly_scheme.auth_mon_id 
_pdbx_nonpoly_scheme.pdb_strand_id 
_pdbx_nonpoly_scheme.pdb_ins_code 
B 2 MG  1  101 76  MG  MG  A . 
C 3 HEZ 1  102 100 HEZ HEZ A . 
D 4 HOH 1  201 99  HOH HOH A . 
D 4 HOH 2  202 88  HOH HOH A . 
D 4 HOH 3  203 86  HOH HOH A . 
D 4 HOH 4  204 90  HOH HOH A . 
D 4 HOH 5  205 91  HOH HOH A . 
D 4 HOH 6  206 97  HOH HOH A . 
D 4 HOH 7  207 94  HOH HOH A . 
D 4 HOH 8  208 85  HOH HOH A . 
D 4 HOH 9  209 87  HOH HOH A . 
D 4 HOH 10 210 89  HOH HOH A . 
# 
_pdbx_struct_assembly.id                   1 
_pdbx_struct_assembly.details              author_and_software_defined_assembly 
_pdbx_struct_assembly.method_details       PISA 
_pdbx_struct_assembly.oligomeric_details   tetrameric 
_pdbx_struct_assembly.oligomeric_count     4 
# 
_pdbx_struct_assembly_gen.assembly_id       1 
_pdbx_struct_assembly_gen.oper_expression   1,2,3,4 
_pdbx_struct_assembly_gen.asym_id_list      A,B,C,D 
# 
loop_
_pdbx_struct_assembly_prop.biol_id 
_pdbx_struct_assembly_prop.type 
_pdbx_struct_assembly_prop.value 
_pdbx_struct_assembly_prop.details 
1 'ABSA (A^2)' 6770  ? 
1 MORE         -71   ? 
1 'SSA (A^2)'  41680 ? 
# 
loop_
_pdbx_struct_oper_list.id 
_pdbx_struct_oper_list.type 
_pdbx_struct_oper_list.name 
_pdbx_struct_oper_list.symmetry_operation 
_pdbx_struct_oper_list.matrix[1][1] 
_pdbx_struct_oper_list.matrix[1][2] 
_pdbx_struct_oper_list.matrix[1][3] 
_pdbx_struct_oper_list.vector[1] 
_pdbx_struct_oper_list.matrix[2][1] 
_pdbx_struct_oper_list.matrix[2][2] 
_pdbx_struct_oper_list.matrix[2][3] 
_pdbx_struct_oper_list.vector[2] 
_pdbx_struct_oper_list.matrix[3][1] 
_pdbx_struct_oper_list.matrix[3][2] 
_pdbx_struct_oper_list.matrix[3][3] 
_pdbx_struct_oper_list.vector[3] 
1 'identity operation'         1_555  x,y,z       1.0000000000  0.0000000000  0.0000000000  0.0000000000   0.0000000000  1.0000000000  0.0000000000  0.0000000000  0.0000000000  0.0000000000  1.0000000000  0.0000000000   
2 'crystal symmetry operation' 4_655  -x+1,-y,z   -0.9134089289 -0.1552793011 0.3762611689  9.2099588456   -0.1552793011 -0.7215456392 -0.6747297453 16.9238240878 0.3762611689  -0.6747297453 0.6349545681  4.8647575842   
3 'crystal symmetry operation' 8_555  x-y,-y,-z   -0.2377378633 -0.8234136947 -0.5152383874 4.4491972699   -0.8234136947 -0.1105289376 0.5565727638  28.8199028608 -0.5152383874 0.5565727638  -0.6517331991 -39.4754128882 
4 'crystal symmetry operation' 11_655 -x+y+1,y,-z 0.1511467922  0.9786929958  0.1389772184  -14.1821770394 0.9786929958  -0.1679254232 0.1181569815  22.0733158970 0.1389772184  0.1181569815  -0.9832213690 -37.9719217081 
# 
loop_
_pdbx_struct_conn_angle.id 
_pdbx_struct_conn_angle.ptnr1_label_atom_id 
_pdbx_struct_conn_angle.ptnr1_label_alt_id 
_pdbx_struct_conn_angle.ptnr1_label_asym_id 
_pdbx_struct_conn_angle.ptnr1_label_comp_id 
_pdbx_struct_conn_angle.ptnr1_label_seq_id 
_pdbx_struct_conn_angle.ptnr1_auth_atom_id 
_pdbx_struct_conn_angle.ptnr1_auth_asym_id 
_pdbx_struct_conn_angle.ptnr1_auth_comp_id 
_pdbx_struct_conn_angle.ptnr1_auth_seq_id 
_pdbx_struct_conn_angle.ptnr1_PDB_ins_code 
_pdbx_struct_conn_angle.ptnr1_symmetry 
_pdbx_struct_conn_angle.ptnr2_label_atom_id 
_pdbx_struct_conn_angle.ptnr2_label_alt_id 
_pdbx_struct_conn_angle.ptnr2_label_asym_id 
_pdbx_struct_conn_angle.ptnr2_label_comp_id 
_pdbx_struct_conn_angle.ptnr2_label_seq_id 
_pdbx_struct_conn_angle.ptnr2_auth_atom_id 
_pdbx_struct_conn_angle.ptnr2_auth_asym_id 
_pdbx_struct_conn_angle.ptnr2_auth_comp_id 
_pdbx_struct_conn_angle.ptnr2_auth_seq_id 
_pdbx_struct_conn_angle.ptnr2_PDB_ins_code 
_pdbx_struct_conn_angle.ptnr2_symmetry 
_pdbx_struct_conn_angle.ptnr3_label_atom_id 
_pdbx_struct_conn_angle.ptnr3_label_alt_id 
_pdbx_struct_conn_angle.ptnr3_label_asym_id 
_pdbx_struct_conn_angle.ptnr3_label_comp_id 
_pdbx_struct_conn_angle.ptnr3_label_seq_id 
_pdbx_struct_conn_angle.ptnr3_auth_atom_id 
_pdbx_struct_conn_angle.ptnr3_auth_asym_id 
_pdbx_struct_conn_angle.ptnr3_auth_comp_id 
_pdbx_struct_conn_angle.ptnr3_auth_seq_id 
_pdbx_struct_conn_angle.ptnr3_PDB_ins_code 
_pdbx_struct_conn_angle.ptnr3_symmetry 
_pdbx_struct_conn_angle.value 
_pdbx_struct_conn_angle.value_esd 
1 OP2 ? A C 5 ? A C 5 ? 1_555 MG ? B MG . ? A MG 101 ? 1_555 OP2 ? A A 6  ? A A 6  ? 1_555 75.1  ? 
2 OP2 ? A C 5 ? A C 5 ? 1_555 MG ? B MG . ? A MG 101 ? 1_555 OP2 ? A C 23 ? A C 23 ? 1_555 81.1  ? 
3 OP2 ? A A 6 ? A A 6 ? 1_555 MG ? B MG . ? A MG 101 ? 1_555 OP2 ? A C 23 ? A C 23 ? 1_555 154.0 ? 
# 
loop_
_pdbx_audit_revision_history.ordinal 
_pdbx_audit_revision_history.data_content_type 
_pdbx_audit_revision_history.major_revision 
_pdbx_audit_revision_history.minor_revision 
_pdbx_audit_revision_history.revision_date 
1 'Structure model' 1 0 2016-12-14 
2 'Structure model' 1 1 2017-01-04 
3 'Structure model' 1 2 2023-10-04 
# 
_pdbx_audit_revision_details.ordinal             1 
_pdbx_audit_revision_details.revision_ordinal    1 
_pdbx_audit_revision_details.data_content_type   'Structure model' 
_pdbx_audit_revision_details.provider            repository 
_pdbx_audit_revision_details.type                'Initial release' 
_pdbx_audit_revision_details.description         ? 
_pdbx_audit_revision_details.details             ? 
# 
loop_
_pdbx_audit_revision_group.ordinal 
_pdbx_audit_revision_group.revision_ordinal 
_pdbx_audit_revision_group.data_content_type 
_pdbx_audit_revision_group.group 
1 2 'Structure model' 'Database references'    
2 3 'Structure model' 'Data collection'        
3 3 'Structure model' 'Database references'    
4 3 'Structure model' 'Refinement description' 
# 
loop_
_pdbx_audit_revision_category.ordinal 
_pdbx_audit_revision_category.revision_ordinal 
_pdbx_audit_revision_category.data_content_type 
_pdbx_audit_revision_category.category 
1 3 'Structure model' chem_comp_atom                
2 3 'Structure model' chem_comp_bond                
3 3 'Structure model' database_2                    
4 3 'Structure model' pdbx_initial_refinement_model 
# 
loop_
_pdbx_audit_revision_item.ordinal 
_pdbx_audit_revision_item.revision_ordinal 
_pdbx_audit_revision_item.data_content_type 
_pdbx_audit_revision_item.item 
1 3 'Structure model' '_database_2.pdbx_DOI'                
2 3 'Structure model' '_database_2.pdbx_database_accession' 
# 
loop_
_software.citation_id 
_software.classification 
_software.compiler_name 
_software.compiler_version 
_software.contact_author 
_software.contact_author_email 
_software.date 
_software.description 
_software.dependencies 
_software.hardware 
_software.language 
_software.location 
_software.mods 
_software.name 
_software.os 
_software.os_version 
_software.type 
_software.version 
_software.pdbx_ordinal 
? refinement       ? ? ? ? ? ? ? ? ? ? ? PHENIX ? ? ? '(dev_2499: ???)' 1 
? 'data reduction' ? ? ? ? ? ? ? ? ? ? ? XDS    ? ? ? .                 2 
? 'data scaling'   ? ? ? ? ? ? ? ? ? ? ? XDS    ? ? ? .                 3 
? phasing          ? ? ? ? ? ? ? ? ? ? ? PHENIX ? ? ? .                 4 
# 
_pdbx_validate_rmsd_angle.id                         1 
_pdbx_validate_rmsd_angle.PDB_model_num              1 
_pdbx_validate_rmsd_angle.auth_atom_id_1             "O5'" 
_pdbx_validate_rmsd_angle.auth_asym_id_1             A 
_pdbx_validate_rmsd_angle.auth_comp_id_1             G 
_pdbx_validate_rmsd_angle.auth_seq_id_1              8 
_pdbx_validate_rmsd_angle.PDB_ins_code_1             ? 
_pdbx_validate_rmsd_angle.label_alt_id_1             ? 
_pdbx_validate_rmsd_angle.auth_atom_id_2             P 
_pdbx_validate_rmsd_angle.auth_asym_id_2             A 
_pdbx_validate_rmsd_angle.auth_comp_id_2             G 
_pdbx_validate_rmsd_angle.auth_seq_id_2              8 
_pdbx_validate_rmsd_angle.PDB_ins_code_2             ? 
_pdbx_validate_rmsd_angle.label_alt_id_2             ? 
_pdbx_validate_rmsd_angle.auth_atom_id_3             OP2 
_pdbx_validate_rmsd_angle.auth_asym_id_3             A 
_pdbx_validate_rmsd_angle.auth_comp_id_3             G 
_pdbx_validate_rmsd_angle.auth_seq_id_3              8 
_pdbx_validate_rmsd_angle.PDB_ins_code_3             ? 
_pdbx_validate_rmsd_angle.label_alt_id_3             ? 
_pdbx_validate_rmsd_angle.angle_value                99.49 
_pdbx_validate_rmsd_angle.angle_target_value         105.70 
_pdbx_validate_rmsd_angle.angle_deviation            -6.21 
_pdbx_validate_rmsd_angle.angle_standard_deviation   0.90 
_pdbx_validate_rmsd_angle.linker_flag                N 
# 
loop_
_chem_comp_atom.comp_id 
_chem_comp_atom.atom_id 
_chem_comp_atom.type_symbol 
_chem_comp_atom.pdbx_aromatic_flag 
_chem_comp_atom.pdbx_stereo_config 
_chem_comp_atom.pdbx_ordinal 
A   OP3    O  N N 1   
A   P      P  N N 2   
A   OP1    O  N N 3   
A   OP2    O  N N 4   
A   "O5'"  O  N N 5   
A   "C5'"  C  N N 6   
A   "C4'"  C  N R 7   
A   "O4'"  O  N N 8   
A   "C3'"  C  N S 9   
A   "O3'"  O  N N 10  
A   "C2'"  C  N R 11  
A   "O2'"  O  N N 12  
A   "C1'"  C  N R 13  
A   N9     N  Y N 14  
A   C8     C  Y N 15  
A   N7     N  Y N 16  
A   C5     C  Y N 17  
A   C6     C  Y N 18  
A   N6     N  N N 19  
A   N1     N  Y N 20  
A   C2     C  Y N 21  
A   N3     N  Y N 22  
A   C4     C  Y N 23  
A   HOP3   H  N N 24  
A   HOP2   H  N N 25  
A   "H5'"  H  N N 26  
A   "H5''" H  N N 27  
A   "H4'"  H  N N 28  
A   "H3'"  H  N N 29  
A   "HO3'" H  N N 30  
A   "H2'"  H  N N 31  
A   "HO2'" H  N N 32  
A   "H1'"  H  N N 33  
A   H8     H  N N 34  
A   H61    H  N N 35  
A   H62    H  N N 36  
A   H2     H  N N 37  
C   OP3    O  N N 38  
C   P      P  N N 39  
C   OP1    O  N N 40  
C   OP2    O  N N 41  
C   "O5'"  O  N N 42  
C   "C5'"  C  N N 43  
C   "C4'"  C  N R 44  
C   "O4'"  O  N N 45  
C   "C3'"  C  N S 46  
C   "O3'"  O  N N 47  
C   "C2'"  C  N R 48  
C   "O2'"  O  N N 49  
C   "C1'"  C  N R 50  
C   N1     N  N N 51  
C   C2     C  N N 52  
C   O2     O  N N 53  
C   N3     N  N N 54  
C   C4     C  N N 55  
C   N4     N  N N 56  
C   C5     C  N N 57  
C   C6     C  N N 58  
C   HOP3   H  N N 59  
C   HOP2   H  N N 60  
C   "H5'"  H  N N 61  
C   "H5''" H  N N 62  
C   "H4'"  H  N N 63  
C   "H3'"  H  N N 64  
C   "HO3'" H  N N 65  
C   "H2'"  H  N N 66  
C   "HO2'" H  N N 67  
C   "H1'"  H  N N 68  
C   H41    H  N N 69  
C   H42    H  N N 70  
C   H5     H  N N 71  
C   H6     H  N N 72  
G   OP3    O  N N 73  
G   P      P  N N 74  
G   OP1    O  N N 75  
G   OP2    O  N N 76  
G   "O5'"  O  N N 77  
G   "C5'"  C  N N 78  
G   "C4'"  C  N R 79  
G   "O4'"  O  N N 80  
G   "C3'"  C  N S 81  
G   "O3'"  O  N N 82  
G   "C2'"  C  N R 83  
G   "O2'"  O  N N 84  
G   "C1'"  C  N R 85  
G   N9     N  Y N 86  
G   C8     C  Y N 87  
G   N7     N  Y N 88  
G   C5     C  Y N 89  
G   C6     C  N N 90  
G   O6     O  N N 91  
G   N1     N  N N 92  
G   C2     C  N N 93  
G   N2     N  N N 94  
G   N3     N  N N 95  
G   C4     C  Y N 96  
G   HOP3   H  N N 97  
G   HOP2   H  N N 98  
G   "H5'"  H  N N 99  
G   "H5''" H  N N 100 
G   "H4'"  H  N N 101 
G   "H3'"  H  N N 102 
G   "HO3'" H  N N 103 
G   "H2'"  H  N N 104 
G   "HO2'" H  N N 105 
G   "H1'"  H  N N 106 
G   H8     H  N N 107 
G   H1     H  N N 108 
G   H21    H  N N 109 
G   H22    H  N N 110 
HEZ O1     O  N N 111 
HEZ C1     C  N N 112 
HEZ C2     C  N N 113 
HEZ C3     C  N N 114 
HEZ C4     C  N N 115 
HEZ C5     C  N N 116 
HEZ C6     C  N N 117 
HEZ O6     O  N N 118 
HEZ HO1    H  N N 119 
HEZ H11    H  N N 120 
HEZ H12    H  N N 121 
HEZ H21    H  N N 122 
HEZ H22    H  N N 123 
HEZ H31    H  N N 124 
HEZ H32    H  N N 125 
HEZ H41    H  N N 126 
HEZ H42    H  N N 127 
HEZ H51    H  N N 128 
HEZ H52    H  N N 129 
HEZ H61    H  N N 130 
HEZ H62    H  N N 131 
HEZ HO6    H  N N 132 
HOH O      O  N N 133 
HOH H1     H  N N 134 
HOH H2     H  N N 135 
MG  MG     MG N N 136 
U   OP3    O  N N 137 
U   P      P  N N 138 
U   OP1    O  N N 139 
U   OP2    O  N N 140 
U   "O5'"  O  N N 141 
U   "C5'"  C  N N 142 
U   "C4'"  C  N R 143 
U   "O4'"  O  N N 144 
U   "C3'"  C  N S 145 
U   "O3'"  O  N N 146 
U   "C2'"  C  N R 147 
U   "O2'"  O  N N 148 
U   "C1'"  C  N R 149 
U   N1     N  N N 150 
U   C2     C  N N 151 
U   O2     O  N N 152 
U   N3     N  N N 153 
U   C4     C  N N 154 
U   O4     O  N N 155 
U   C5     C  N N 156 
U   C6     C  N N 157 
U   HOP3   H  N N 158 
U   HOP2   H  N N 159 
U   "H5'"  H  N N 160 
U   "H5''" H  N N 161 
U   "H4'"  H  N N 162 
U   "H3'"  H  N N 163 
U   "HO3'" H  N N 164 
U   "H2'"  H  N N 165 
U   "HO2'" H  N N 166 
U   "H1'"  H  N N 167 
U   H3     H  N N 168 
U   H5     H  N N 169 
U   H6     H  N N 170 
# 
loop_
_chem_comp_bond.comp_id 
_chem_comp_bond.atom_id_1 
_chem_comp_bond.atom_id_2 
_chem_comp_bond.value_order 
_chem_comp_bond.pdbx_aromatic_flag 
_chem_comp_bond.pdbx_stereo_config 
_chem_comp_bond.pdbx_ordinal 
A   OP3   P      sing N N 1   
A   OP3   HOP3   sing N N 2   
A   P     OP1    doub N N 3   
A   P     OP2    sing N N 4   
A   P     "O5'"  sing N N 5   
A   OP2   HOP2   sing N N 6   
A   "O5'" "C5'"  sing N N 7   
A   "C5'" "C4'"  sing N N 8   
A   "C5'" "H5'"  sing N N 9   
A   "C5'" "H5''" sing N N 10  
A   "C4'" "O4'"  sing N N 11  
A   "C4'" "C3'"  sing N N 12  
A   "C4'" "H4'"  sing N N 13  
A   "O4'" "C1'"  sing N N 14  
A   "C3'" "O3'"  sing N N 15  
A   "C3'" "C2'"  sing N N 16  
A   "C3'" "H3'"  sing N N 17  
A   "O3'" "HO3'" sing N N 18  
A   "C2'" "O2'"  sing N N 19  
A   "C2'" "C1'"  sing N N 20  
A   "C2'" "H2'"  sing N N 21  
A   "O2'" "HO2'" sing N N 22  
A   "C1'" N9     sing N N 23  
A   "C1'" "H1'"  sing N N 24  
A   N9    C8     sing Y N 25  
A   N9    C4     sing Y N 26  
A   C8    N7     doub Y N 27  
A   C8    H8     sing N N 28  
A   N7    C5     sing Y N 29  
A   C5    C6     sing Y N 30  
A   C5    C4     doub Y N 31  
A   C6    N6     sing N N 32  
A   C6    N1     doub Y N 33  
A   N6    H61    sing N N 34  
A   N6    H62    sing N N 35  
A   N1    C2     sing Y N 36  
A   C2    N3     doub Y N 37  
A   C2    H2     sing N N 38  
A   N3    C4     sing Y N 39  
C   OP3   P      sing N N 40  
C   OP3   HOP3   sing N N 41  
C   P     OP1    doub N N 42  
C   P     OP2    sing N N 43  
C   P     "O5'"  sing N N 44  
C   OP2   HOP2   sing N N 45  
C   "O5'" "C5'"  sing N N 46  
C   "C5'" "C4'"  sing N N 47  
C   "C5'" "H5'"  sing N N 48  
C   "C5'" "H5''" sing N N 49  
C   "C4'" "O4'"  sing N N 50  
C   "C4'" "C3'"  sing N N 51  
C   "C4'" "H4'"  sing N N 52  
C   "O4'" "C1'"  sing N N 53  
C   "C3'" "O3'"  sing N N 54  
C   "C3'" "C2'"  sing N N 55  
C   "C3'" "H3'"  sing N N 56  
C   "O3'" "HO3'" sing N N 57  
C   "C2'" "O2'"  sing N N 58  
C   "C2'" "C1'"  sing N N 59  
C   "C2'" "H2'"  sing N N 60  
C   "O2'" "HO2'" sing N N 61  
C   "C1'" N1     sing N N 62  
C   "C1'" "H1'"  sing N N 63  
C   N1    C2     sing N N 64  
C   N1    C6     sing N N 65  
C   C2    O2     doub N N 66  
C   C2    N3     sing N N 67  
C   N3    C4     doub N N 68  
C   C4    N4     sing N N 69  
C   C4    C5     sing N N 70  
C   N4    H41    sing N N 71  
C   N4    H42    sing N N 72  
C   C5    C6     doub N N 73  
C   C5    H5     sing N N 74  
C   C6    H6     sing N N 75  
G   OP3   P      sing N N 76  
G   OP3   HOP3   sing N N 77  
G   P     OP1    doub N N 78  
G   P     OP2    sing N N 79  
G   P     "O5'"  sing N N 80  
G   OP2   HOP2   sing N N 81  
G   "O5'" "C5'"  sing N N 82  
G   "C5'" "C4'"  sing N N 83  
G   "C5'" "H5'"  sing N N 84  
G   "C5'" "H5''" sing N N 85  
G   "C4'" "O4'"  sing N N 86  
G   "C4'" "C3'"  sing N N 87  
G   "C4'" "H4'"  sing N N 88  
G   "O4'" "C1'"  sing N N 89  
G   "C3'" "O3'"  sing N N 90  
G   "C3'" "C2'"  sing N N 91  
G   "C3'" "H3'"  sing N N 92  
G   "O3'" "HO3'" sing N N 93  
G   "C2'" "O2'"  sing N N 94  
G   "C2'" "C1'"  sing N N 95  
G   "C2'" "H2'"  sing N N 96  
G   "O2'" "HO2'" sing N N 97  
G   "C1'" N9     sing N N 98  
G   "C1'" "H1'"  sing N N 99  
G   N9    C8     sing Y N 100 
G   N9    C4     sing Y N 101 
G   C8    N7     doub Y N 102 
G   C8    H8     sing N N 103 
G   N7    C5     sing Y N 104 
G   C5    C6     sing N N 105 
G   C5    C4     doub Y N 106 
G   C6    O6     doub N N 107 
G   C6    N1     sing N N 108 
G   N1    C2     sing N N 109 
G   N1    H1     sing N N 110 
G   C2    N2     sing N N 111 
G   C2    N3     doub N N 112 
G   N2    H21    sing N N 113 
G   N2    H22    sing N N 114 
G   N3    C4     sing N N 115 
HEZ O1    C1     sing N N 116 
HEZ O1    HO1    sing N N 117 
HEZ C1    C2     sing N N 118 
HEZ C1    H11    sing N N 119 
HEZ C1    H12    sing N N 120 
HEZ C2    C3     sing N N 121 
HEZ C2    H21    sing N N 122 
HEZ C2    H22    sing N N 123 
HEZ C3    C4     sing N N 124 
HEZ C3    H31    sing N N 125 
HEZ C3    H32    sing N N 126 
HEZ C4    C5     sing N N 127 
HEZ C4    H41    sing N N 128 
HEZ C4    H42    sing N N 129 
HEZ C5    C6     sing N N 130 
HEZ C5    H51    sing N N 131 
HEZ C5    H52    sing N N 132 
HEZ C6    O6     sing N N 133 
HEZ C6    H61    sing N N 134 
HEZ C6    H62    sing N N 135 
HEZ O6    HO6    sing N N 136 
HOH O     H1     sing N N 137 
HOH O     H2     sing N N 138 
U   OP3   P      sing N N 139 
U   OP3   HOP3   sing N N 140 
U   P     OP1    doub N N 141 
U   P     OP2    sing N N 142 
U   P     "O5'"  sing N N 143 
U   OP2   HOP2   sing N N 144 
U   "O5'" "C5'"  sing N N 145 
U   "C5'" "C4'"  sing N N 146 
U   "C5'" "H5'"  sing N N 147 
U   "C5'" "H5''" sing N N 148 
U   "C4'" "O4'"  sing N N 149 
U   "C4'" "C3'"  sing N N 150 
U   "C4'" "H4'"  sing N N 151 
U   "O4'" "C1'"  sing N N 152 
U   "C3'" "O3'"  sing N N 153 
U   "C3'" "C2'"  sing N N 154 
U   "C3'" "H3'"  sing N N 155 
U   "O3'" "HO3'" sing N N 156 
U   "C2'" "O2'"  sing N N 157 
U   "C2'" "C1'"  sing N N 158 
U   "C2'" "H2'"  sing N N 159 
U   "O2'" "HO2'" sing N N 160 
U   "C1'" N1     sing N N 161 
U   "C1'" "H1'"  sing N N 162 
U   N1    C2     sing N N 163 
U   N1    C6     sing N N 164 
U   C2    O2     doub N N 165 
U   C2    N3     sing N N 166 
U   N3    C4     sing N N 167 
U   N3    H3     sing N N 168 
U   C4    O4     doub N N 169 
U   C4    C5     sing N N 170 
U   C5    C6     doub N N 171 
U   C5    H5     sing N N 172 
U   C6    H6     sing N N 173 
# 
loop_
_ndb_struct_conf_na.entry_id 
_ndb_struct_conf_na.feature 
5TPY 'double helix'         
5TPY 'a-form double helix'  
5TPY tetraloop              
5TPY 'bulge loop'           
5TPY 'mismatched base pair' 
5TPY 'three-way junction'   
# 
loop_
_ndb_struct_na_base_pair.model_number 
_ndb_struct_na_base_pair.i_label_asym_id 
_ndb_struct_na_base_pair.i_label_comp_id 
_ndb_struct_na_base_pair.i_label_seq_id 
_ndb_struct_na_base_pair.i_symmetry 
_ndb_struct_na_base_pair.j_label_asym_id 
_ndb_struct_na_base_pair.j_label_comp_id 
_ndb_struct_na_base_pair.j_label_seq_id 
_ndb_struct_na_base_pair.j_symmetry 
_ndb_struct_na_base_pair.shear 
_ndb_struct_na_base_pair.stretch 
_ndb_struct_na_base_pair.stagger 
_ndb_struct_na_base_pair.buckle 
_ndb_struct_na_base_pair.propeller 
_ndb_struct_na_base_pair.opening 
_ndb_struct_na_base_pair.pair_number 
_ndb_struct_na_base_pair.pair_name 
_ndb_struct_na_base_pair.i_auth_asym_id 
_ndb_struct_na_base_pair.i_auth_seq_id 
_ndb_struct_na_base_pair.i_PDB_ins_code 
_ndb_struct_na_base_pair.j_auth_asym_id 
_ndb_struct_na_base_pair.j_auth_seq_id 
_ndb_struct_na_base_pair.j_PDB_ins_code 
_ndb_struct_na_base_pair.hbond_type_28 
_ndb_struct_na_base_pair.hbond_type_12 
1 A G 3  1_555 A C 44 1_555 0.102  -0.051 -0.218 1.536   -2.123  -0.001   1  A_G3:C44_A  A 3  ? A 44 ? 19 1 
1 A C 23 1_555 A G 43 1_555 0.384  0.053  0.453  -8.965  -1.891  7.935    2  A_C23:G43_A A 23 ? A 43 ? 19 1 
1 A A 24 1_555 A U 42 1_555 0.095  -0.197 -0.008 3.542   -16.016 1.986    3  A_A24:U42_A A 24 ? A 42 ? 20 1 
1 A C 25 1_555 A G 41 1_555 -0.153 -0.018 0.063  8.465   -10.699 5.806    4  A_C25:G41_A A 25 ? A 41 ? 19 1 
1 A A 26 1_555 A U 40 1_555 0.215  -0.409 0.297  6.975   -11.492 -1.065   5  A_A26:U40_A A 26 ? A 40 ? 20 1 
1 A G 27 1_555 A C 39 1_555 -0.088 0.000  0.131  -3.192  -22.911 5.453    6  A_G27:C39_A A 27 ? A 39 ? 19 1 
1 A U 28 1_555 A G 38 1_555 2.513  -0.615 0.471  -10.424 -14.464 -3.576   7  A_U28:G38_A A 28 ? A 38 ? 28 1 
1 A U 29 1_555 A A 36 1_555 4.276  -2.316 -0.030 -4.151  1.219   -93.583  8  A_U29:A36_A A 29 ? A 36 ? 24 4 
1 A C 54 1_555 A G 34 1_555 0.022  -0.155 -0.577 15.794  -16.039 2.442    9  A_C54:G34_A A 54 ? A 34 ? 19 1 
1 A C 55 1_555 A G 33 1_555 0.039  -0.308 -0.567 7.899   -4.271  -7.066   10 A_C55:G33_A A 55 ? A 33 ? 19 1 
1 A C 56 1_555 A G 32 1_555 -0.055 -0.180 -0.250 6.823   -7.011  -1.934   11 A_C56:G32_A A 56 ? A 32 ? 19 1 
1 A C 57 1_555 A G 31 1_555 0.416  -0.223 -0.179 8.204   -10.536 -0.924   12 A_C57:G31_A A 57 ? A 31 ? 19 1 
1 A C 58 1_555 A G 71 1_555 0.068  0.142  -0.561 8.948   -9.110  6.367    13 A_C58:G71_A A 58 ? A 71 ? 19 1 
1 A C 59 1_555 A G 70 1_555 0.262  -0.123 -0.772 6.970   -20.089 7.508    14 A_C59:G70_A A 59 ? A 70 ? 19 1 
1 A C 60 1_555 A G 69 1_555 0.156  -0.213 0.064  -0.892  -8.141  -0.229   15 A_C60:G69_A A 60 ? A 69 ? 19 1 
1 A A 61 1_555 A U 68 1_555 0.097  -0.104 -0.085 0.259   -8.950  -3.113   16 A_A61:U68_A A 61 ? A 68 ? 20 1 
1 A C 62 1_555 A G 67 1_555 -0.104 -0.130 -0.297 7.188   -7.888  -1.570   17 A_C62:G67_A A 62 ? A 67 ? 19 1 
1 A G 63 1_555 A A 66 1_555 6.909  -5.119 0.931  15.726  2.130   -18.552  18 A_G63:A66_A A 63 ? A 66 ? ?  ? 
1 A A 17 1_555 A G 14 1_555 -6.992 -4.697 1.151  -17.141 -2.674  -21.007  19 A_A17:G14_A A 17 ? A 14 ? ?  ? 
1 A G 18 1_555 A C 13 1_555 0.609  0.239  0.000  0.269   -4.331  3.452    20 A_G18:C13_A A 18 ? A 13 ? 19 1 
1 A U 19 1_555 A G 12 1_555 2.554  -0.525 0.101  0.042   -13.781 5.558    21 A_U19:G12_A A 19 ? A 12 ? 28 1 
1 A C 20 1_555 A G 11 1_555 0.438  0.023  0.122  2.190   -15.661 5.649    22 A_C20:G11_A A 20 ? A 11 ? 19 1 
1 A G 21 1_555 A C 10 1_555 -0.065 0.040  0.055  24.182  4.613   1.942    23 A_G21:C10_A A 21 ? A 10 ? 19 1 
1 A G 46 1_555 A C 9  1_555 -0.223 -0.159 0.017  13.527  -10.062 2.598    24 A_G46:C9_A  A 46 ? A 9  ? 19 1 
1 A C 47 1_555 A G 8  1_555 0.007  0.013  0.300  6.434   -15.493 -2.037   25 A_C47:G8_A  A 47 ? A 8  ? 19 1 
1 A C 48 1_555 A G 7  1_555 0.580  -0.066 0.034  4.920   -16.349 1.102    26 A_C48:G7_A  A 48 ? A 7  ? 19 1 
1 A U 49 1_555 A A 6  1_555 0.112  -0.028 0.053  0.651   -17.372 2.996    27 A_U49:A6_A  A 49 ? A 6  ? 20 1 
1 A G 50 1_555 A C 5  1_555 -0.049 -0.006 0.552  2.184   -9.625  0.484    28 A_G50:C5_A  A 50 ? A 5  ? 19 1 
1 A U 51 1_555 A A 37 1_555 -0.105 -1.117 0.042  -4.033  -14.670 -166.440 29 A_U51:A37_A A 51 ? A 37 ? 21 2 
# 
loop_
_ndb_struct_na_base_pair_step.model_number 
_ndb_struct_na_base_pair_step.i_label_asym_id_1 
_ndb_struct_na_base_pair_step.i_label_comp_id_1 
_ndb_struct_na_base_pair_step.i_label_seq_id_1 
_ndb_struct_na_base_pair_step.i_symmetry_1 
_ndb_struct_na_base_pair_step.j_label_asym_id_1 
_ndb_struct_na_base_pair_step.j_label_comp_id_1 
_ndb_struct_na_base_pair_step.j_label_seq_id_1 
_ndb_struct_na_base_pair_step.j_symmetry_1 
_ndb_struct_na_base_pair_step.i_label_asym_id_2 
_ndb_struct_na_base_pair_step.i_label_comp_id_2 
_ndb_struct_na_base_pair_step.i_label_seq_id_2 
_ndb_struct_na_base_pair_step.i_symmetry_2 
_ndb_struct_na_base_pair_step.j_label_asym_id_2 
_ndb_struct_na_base_pair_step.j_label_comp_id_2 
_ndb_struct_na_base_pair_step.j_label_seq_id_2 
_ndb_struct_na_base_pair_step.j_symmetry_2 
_ndb_struct_na_base_pair_step.shift 
_ndb_struct_na_base_pair_step.slide 
_ndb_struct_na_base_pair_step.rise 
_ndb_struct_na_base_pair_step.tilt 
_ndb_struct_na_base_pair_step.roll 
_ndb_struct_na_base_pair_step.twist 
_ndb_struct_na_base_pair_step.x_displacement 
_ndb_struct_na_base_pair_step.y_displacement 
_ndb_struct_na_base_pair_step.helical_rise 
_ndb_struct_na_base_pair_step.inclination 
_ndb_struct_na_base_pair_step.tip 
_ndb_struct_na_base_pair_step.helical_twist 
_ndb_struct_na_base_pair_step.step_number 
_ndb_struct_na_base_pair_step.step_name 
_ndb_struct_na_base_pair_step.i_auth_asym_id_1 
_ndb_struct_na_base_pair_step.i_auth_seq_id_1 
_ndb_struct_na_base_pair_step.i_PDB_ins_code_1 
_ndb_struct_na_base_pair_step.j_auth_asym_id_1 
_ndb_struct_na_base_pair_step.j_auth_seq_id_1 
_ndb_struct_na_base_pair_step.j_PDB_ins_code_1 
_ndb_struct_na_base_pair_step.i_auth_asym_id_2 
_ndb_struct_na_base_pair_step.i_auth_seq_id_2 
_ndb_struct_na_base_pair_step.i_PDB_ins_code_2 
_ndb_struct_na_base_pair_step.j_auth_asym_id_2 
_ndb_struct_na_base_pair_step.j_auth_seq_id_2 
_ndb_struct_na_base_pair_step.j_PDB_ins_code_2 
1 A G 3  1_555 A C 44 1_555 A C 23 1_555 A G 43 1_555 -1.564 -1.006 3.329 -9.762  2.038  49.313  -1.340 1.101  3.517 2.415  11.563 
50.250  1  AA_G3C23:G43C44_AA  A 3  ? A 44 ? A 23 ? A 43 ? 
1 A C 23 1_555 A G 43 1_555 A A 24 1_555 A U 42 1_555 -1.149 -1.571 2.807 5.521   8.130  26.625  -4.626 3.308  1.977 16.938 
-11.503 28.350  2  AA_C23A24:U42G43_AA A 23 ? A 43 ? A 24 ? A 42 ? 
1 A A 24 1_555 A U 42 1_555 A C 25 1_555 A G 41 1_555 0.707  -1.064 3.182 -0.660  12.820 27.296  -4.413 -1.482 2.431 25.457 1.310 
30.112  3  AA_A24C25:G41U42_AA A 24 ? A 42 ? A 25 ? A 41 ? 
1 A C 25 1_555 A G 41 1_555 A A 26 1_555 A U 40 1_555 -0.237 -1.260 3.197 -0.823  10.714 34.472  -3.439 0.274  2.703 17.558 1.348 
36.059  4  AA_C25A26:U40G41_AA A 25 ? A 41 ? A 26 ? A 40 ? 
1 A A 26 1_555 A U 40 1_555 A G 27 1_555 A C 39 1_555 0.471  -1.514 3.443 3.554   8.116  30.507  -4.264 -0.206 2.986 15.031 -6.582 
31.738  5  AA_A26G27:C39U40_AA A 26 ? A 40 ? A 27 ? A 39 ? 
1 A G 27 1_555 A C 39 1_555 A U 28 1_555 A G 38 1_555 0.297  -1.304 3.377 -0.237  2.779  46.301  -1.896 -0.398 3.296 3.531  0.301 
46.381  6  AA_G27U28:G38C39_AA A 27 ? A 39 ? A 28 ? A 38 ? 
1 A U 28 1_555 A G 38 1_555 A U 29 1_555 A A 36 1_555 -3.621 -2.223 2.855 10.896  4.218  63.120  -2.234 3.773  2.134 3.994  
-10.316 64.082  7  AA_U28U29:A36G38_AA A 28 ? A 38 ? A 29 ? A 36 ? 
1 A U 29 1_555 A A 36 1_555 A C 54 1_555 A G 34 1_555 0.155  -1.935 6.527 -12.583 16.982 94.002  -1.887 -0.537 6.156 11.498 8.520 
95.801  8  AA_U29C54:G34A36_AA A 29 ? A 36 ? A 54 ? A 34 ? 
1 A C 54 1_555 A G 34 1_555 A C 55 1_555 A G 33 1_555 -0.857 -2.361 3.530 -3.581  14.738 31.199  -6.105 0.921  2.298 25.595 6.218 
34.608  9  AA_C54C55:G33G34_AA A 54 ? A 34 ? A 55 ? A 33 ? 
1 A C 55 1_555 A G 33 1_555 A C 56 1_555 A G 32 1_555 -0.486 -2.183 3.299 -1.909  14.838 26.715  -6.641 0.601  1.882 29.369 3.779 
30.552  10 AA_C55C56:G32G33_AA A 55 ? A 33 ? A 56 ? A 32 ? 
1 A C 56 1_555 A G 32 1_555 A C 57 1_555 A G 31 1_555 0.638  -1.510 3.200 1.999   6.957  35.342  -3.368 -0.765 2.891 11.312 -3.251 
36.053  11 AA_C56C57:G31G32_AA A 56 ? A 32 ? A 57 ? A 31 ? 
1 A C 57 1_555 A G 31 1_555 A C 58 1_555 A G 71 1_555 -1.130 -2.256 3.232 -0.111  9.336  19.949  -8.922 2.924  1.991 25.239 0.299 
22.006  12 AA_C57C58:G71G31_AA A 57 ? A 31 ? A 58 ? A 71 ? 
1 A C 58 1_555 A G 71 1_555 A C 59 1_555 A G 70 1_555 -0.176 -1.344 3.451 1.194   10.956 31.977  -4.070 0.495  2.842 19.188 -2.091 
33.776  13 AA_C58C59:G70G71_AA A 58 ? A 71 ? A 59 ? A 70 ? 
1 A C 59 1_555 A G 70 1_555 A C 60 1_555 A G 69 1_555 -0.689 -1.536 3.584 -7.688  12.067 31.616  -4.514 -0.075 2.909 20.863 13.292 
34.627  14 AA_C59C60:G69G70_AA A 59 ? A 70 ? A 60 ? A 69 ? 
1 A C 60 1_555 A G 69 1_555 A A 61 1_555 A U 68 1_555 -0.249 -1.737 3.045 0.917   9.542  29.358  -4.841 0.619  2.368 18.224 -1.751 
30.851  15 AA_C60A61:U68G69_AA A 60 ? A 69 ? A 61 ? A 68 ? 
1 A A 61 1_555 A U 68 1_555 A C 62 1_555 A G 67 1_555 0.421  -1.681 3.099 3.473   7.992  30.643  -4.366 -0.202 2.619 14.751 -6.410 
31.829  16 AA_A61C62:G67U68_AA A 61 ? A 68 ? A 62 ? A 67 ? 
1 A C 62 1_555 A G 67 1_555 A G 63 1_555 A A 66 1_555 -2.315 -1.327 3.128 -4.605  12.446 54.675  -2.079 2.212  2.956 13.332 4.932 
56.141  17 AA_C62G63:A66G67_AA A 62 ? A 67 ? A 63 ? A 66 ? 
1 A A 17 1_555 A G 14 1_555 A G 18 1_555 A C 13 1_555 2.667  -1.058 2.741 4.973   8.598  52.528  -1.639 -2.701 2.773 9.617  -5.562 
53.393  18 AA_A17G18:C13G14_AA A 17 ? A 14 ? A 18 ? A 13 ? 
1 A G 18 1_555 A C 13 1_555 A U 19 1_555 A G 12 1_555 -0.014 -1.443 3.270 1.261   8.374  37.685  -3.170 0.170  2.894 12.766 -1.922 
38.591  19 AA_G18U19:G12C13_AA A 18 ? A 13 ? A 19 ? A 12 ? 
1 A U 19 1_555 A G 12 1_555 A C 20 1_555 A G 11 1_555 0.327  -1.740 2.941 3.831   6.009  27.191  -4.786 0.092  2.527 12.510 -7.977 
28.092  20 AA_U19C20:G11G12_AA A 19 ? A 12 ? A 20 ? A 11 ? 
1 A C 20 1_555 A G 11 1_555 A G 21 1_555 A C 10 1_555 -0.666 -1.605 2.667 -2.178  15.035 15.633  -8.005 1.221  0.886 43.979 6.370 
21.766  21 AA_C20G21:C10G11_AA A 20 ? A 11 ? A 21 ? A 10 ? 
1 A G 21 1_555 A C 10 1_555 A G 46 1_555 A C 9  1_555 -2.065 -0.191 3.335 -8.614  4.606  42.756  -0.729 1.884  3.627 6.221  11.634 
43.807  22 AA_G21G46:C9C10_AA  A 21 ? A 10 ? A 46 ? A 9  ? 
1 A G 46 1_555 A C 9  1_555 A C 47 1_555 A G 8  1_555 0.215  -1.169 3.420 -6.468  0.505  33.891  -2.053 -1.404 3.306 0.856  10.970 
34.488  23 AA_G46C47:G8C9_AA   A 46 ? A 9  ? A 47 ? A 8  ? 
1 A C 47 1_555 A G 8  1_555 A C 48 1_555 A G 7  1_555 -0.475 -1.714 3.293 -1.305  3.098  33.288  -3.482 0.613  3.141 5.390  2.270 
33.452  24 AA_C47C48:G7G8_AA   A 47 ? A 8  ? A 48 ? A 7  ? 
1 A C 48 1_555 A G 7  1_555 A U 49 1_555 A A 6  1_555 0.138  -1.253 3.207 0.644   8.761  33.698  -3.345 -0.139 2.806 14.803 -1.088 
34.792  25 AA_C48U49:A6G7_AA   A 48 ? A 7  ? A 49 ? A 6  ? 
1 A U 49 1_555 A A 6  1_555 A G 50 1_555 A C 5  1_555 -0.082 -1.379 3.219 -3.544  3.240  31.368  -3.098 -0.478 3.055 5.949  6.507 
31.724  26 AA_U49G50:C5A6_AA   A 49 ? A 6  ? A 50 ? A 5  ? 
1 A G 50 1_555 A C 5  1_555 A U 51 1_555 A A 37 1_555 -1.354 0.501  3.040 5.508   -3.255 102.640 0.364  0.940  2.974 -2.083 -3.526 
102.783 27 AA_G50U51:A37C5_AA  A 50 ? A 5  ? A 51 ? A 37 ? 
# 
loop_
_pdbx_entity_nonpoly.entity_id 
_pdbx_entity_nonpoly.name 
_pdbx_entity_nonpoly.comp_id 
2 'MAGNESIUM ION' MG  
3 HEXANE-1,6-DIOL HEZ 
4 water           HOH 
# 
_pdbx_initial_refinement_model.id               1 
_pdbx_initial_refinement_model.entity_id_list   ? 
_pdbx_initial_refinement_model.type             'experimental model' 
_pdbx_initial_refinement_model.source_name      PDB 
_pdbx_initial_refinement_model.accession_code   4PQV 
_pdbx_initial_refinement_model.details          ? 
# 
